data_2CS3
#
_entry.id   2CS3
#
loop_
_entity.id
_entity.type
_entity.pdbx_description
1 polymer 'Protein C14orf4'
2 non-polymer 'ZINC ION'
#
_entity_poly.entity_id   1
_entity_poly.type   'polypeptide(L)'
_entity_poly.pdbx_seq_one_letter_code
;GSSGSSGSPMANSGPLCCTICHERLEDTHFVQCPSVPSHKFCFPCSRESIKAQGATGEVYCPSGEKCPLVGSNVPWAFMQ
GEIATILSGPSSG
;
_entity_poly.pdbx_strand_id   A
#
loop_
_chem_comp.id
_chem_comp.type
_chem_comp.name
_chem_comp.formula
ZN non-polymer 'ZINC ION' 'Zn 2'
#
# COMPACT_ATOMS: atom_id res chain seq x y z
N GLY A 1 -7.28 -12.05 -20.47
CA GLY A 1 -7.79 -12.59 -19.22
C GLY A 1 -8.98 -11.80 -18.69
N SER A 2 -8.81 -11.17 -17.53
CA SER A 2 -9.88 -10.40 -16.93
C SER A 2 -9.98 -9.01 -17.57
N SER A 3 -10.95 -8.85 -18.46
CA SER A 3 -11.15 -7.57 -19.14
C SER A 3 -12.61 -7.16 -19.10
N GLY A 4 -12.87 -5.95 -18.61
CA GLY A 4 -14.23 -5.46 -18.51
C GLY A 4 -14.47 -4.66 -17.26
N SER A 5 -15.58 -3.92 -17.23
CA SER A 5 -15.92 -3.09 -16.08
C SER A 5 -15.97 -3.93 -14.81
N SER A 6 -16.61 -5.09 -14.88
CA SER A 6 -16.72 -5.98 -13.73
C SER A 6 -15.40 -6.71 -13.48
N GLY A 7 -14.72 -6.35 -12.41
CA GLY A 7 -13.45 -6.97 -12.07
C GLY A 7 -12.26 -6.07 -12.33
N SER A 8 -11.07 -6.63 -12.28
CA SER A 8 -9.85 -5.87 -12.51
C SER A 8 -9.74 -5.44 -13.98
N PRO A 9 -9.49 -4.13 -14.19
CA PRO A 9 -9.35 -3.57 -15.53
C PRO A 9 -8.08 -4.02 -16.23
N MET A 10 -7.33 -4.89 -15.57
CA MET A 10 -6.08 -5.41 -16.12
C MET A 10 -5.99 -6.92 -15.95
N ALA A 11 -5.07 -7.54 -16.67
CA ALA A 11 -4.88 -8.98 -16.59
C ALA A 11 -3.72 -9.34 -15.66
N ASN A 12 -3.55 -10.63 -15.43
CA ASN A 12 -2.48 -11.11 -14.54
C ASN A 12 -1.11 -10.86 -15.17
N SER A 13 -0.57 -9.66 -14.93
CA SER A 13 0.73 -9.30 -15.48
C SER A 13 1.51 -8.45 -14.48
N GLY A 14 2.83 -8.65 -14.45
CA GLY A 14 3.67 -7.90 -13.54
C GLY A 14 4.37 -8.79 -12.53
N PRO A 15 5.65 -8.49 -12.25
CA PRO A 15 6.46 -9.25 -11.30
C PRO A 15 5.99 -9.05 -9.86
N LEU A 16 5.78 -7.80 -9.48
CA LEU A 16 5.35 -7.47 -8.12
C LEU A 16 3.83 -7.35 -8.06
N CYS A 17 3.26 -7.65 -6.90
CA CYS A 17 1.82 -7.58 -6.71
C CYS A 17 1.48 -7.13 -5.29
N CYS A 18 0.18 -6.93 -5.03
CA CYS A 18 -0.27 -6.50 -3.72
C CYS A 18 -0.28 -7.67 -2.73
N THR A 19 -0.21 -7.35 -1.44
CA THR A 19 -0.22 -8.36 -0.40
C THR A 19 -1.64 -8.73 0.01
N ILE A 20 -2.54 -7.76 -0.07
CA ILE A 20 -3.93 -7.98 0.30
C ILE A 20 -4.73 -8.50 -0.89
N CYS A 21 -4.52 -7.90 -2.05
CA CYS A 21 -5.22 -8.29 -3.27
C CYS A 21 -4.57 -9.51 -3.89
N HIS A 22 -3.24 -9.49 -3.98
CA HIS A 22 -2.48 -10.60 -4.56
C HIS A 22 -2.84 -10.78 -6.03
N GLU A 23 -3.02 -9.68 -6.74
CA GLU A 23 -3.37 -9.72 -8.16
C GLU A 23 -2.38 -8.90 -8.98
N ARG A 24 -2.36 -7.59 -8.75
CA ARG A 24 -1.46 -6.69 -9.47
C ARG A 24 -1.55 -5.28 -8.92
N LEU A 25 -0.55 -4.46 -9.24
CA LEU A 25 -0.52 -3.08 -8.78
C LEU A 25 -0.43 -2.12 -9.96
N GLU A 26 -1.41 -1.20 -10.04
CA GLU A 26 -1.44 -0.22 -11.12
C GLU A 26 -0.04 0.35 -11.38
N ASP A 27 0.64 0.73 -10.31
CA ASP A 27 1.98 1.29 -10.42
C ASP A 27 2.59 1.52 -9.03
N THR A 28 3.91 1.71 -8.99
CA THR A 28 4.61 1.93 -7.74
C THR A 28 3.76 2.74 -6.77
N HIS A 29 2.92 3.62 -7.31
CA HIS A 29 2.05 4.45 -6.50
C HIS A 29 1.60 3.71 -5.25
N PHE A 30 1.34 2.41 -5.40
CA PHE A 30 0.91 1.58 -4.28
C PHE A 30 1.74 1.87 -3.04
N VAL A 31 1.10 1.75 -1.87
CA VAL A 31 1.79 1.99 -0.61
C VAL A 31 2.66 0.80 -0.21
N GLN A 32 3.97 1.02 -0.19
CA GLN A 32 4.92 -0.03 0.16
C GLN A 32 5.55 0.25 1.51
N CYS A 33 5.56 -0.75 2.39
CA CYS A 33 6.13 -0.62 3.72
C CYS A 33 7.59 -0.16 3.63
N PRO A 34 7.91 0.94 4.33
CA PRO A 34 9.27 1.50 4.35
C PRO A 34 10.24 0.62 5.11
N SER A 35 9.74 -0.49 5.65
CA SER A 35 10.57 -1.42 6.41
C SER A 35 10.41 -2.84 5.89
N VAL A 36 9.19 -3.19 5.50
CA VAL A 36 8.91 -4.52 4.98
C VAL A 36 8.79 -4.50 3.46
N PRO A 37 9.69 -5.23 2.79
CA PRO A 37 9.72 -5.32 1.32
C PRO A 37 8.53 -6.10 0.77
N SER A 38 8.09 -7.11 1.53
CA SER A 38 6.97 -7.94 1.11
C SER A 38 5.66 -7.16 1.19
N HIS A 39 5.48 -6.43 2.28
CA HIS A 39 4.27 -5.64 2.47
C HIS A 39 4.02 -4.72 1.28
N LYS A 40 2.95 -4.99 0.54
CA LYS A 40 2.60 -4.19 -0.62
C LYS A 40 1.10 -3.87 -0.63
N PHE A 41 0.75 -2.70 -0.13
CA PHE A 41 -0.64 -2.26 -0.08
C PHE A 41 -0.88 -1.10 -1.03
N CYS A 42 -1.84 -1.26 -1.94
CA CYS A 42 -2.17 -0.24 -2.91
C CYS A 42 -3.08 0.82 -2.28
N PHE A 43 -3.55 1.76 -3.10
CA PHE A 43 -4.42 2.82 -2.63
C PHE A 43 -5.68 2.25 -1.98
N PRO A 44 -6.38 1.38 -2.71
CA PRO A 44 -7.61 0.74 -2.22
C PRO A 44 -7.33 -0.27 -1.12
N CYS A 45 -6.16 -0.15 -0.49
CA CYS A 45 -5.78 -1.06 0.59
C CYS A 45 -5.37 -0.28 1.83
N SER A 46 -4.64 0.81 1.63
CA SER A 46 -4.18 1.64 2.74
C SER A 46 -5.34 2.41 3.35
N ARG A 47 -6.16 3.00 2.50
CA ARG A 47 -7.31 3.77 2.95
C ARG A 47 -8.09 3.01 4.02
N GLU A 48 -8.64 1.86 3.64
CA GLU A 48 -9.41 1.03 4.56
C GLU A 48 -8.74 1.00 5.94
N SER A 49 -7.42 1.08 5.95
CA SER A 49 -6.66 1.05 7.20
C SER A 49 -6.61 2.43 7.84
N ILE A 50 -6.58 3.46 7.00
CA ILE A 50 -6.54 4.84 7.48
C ILE A 50 -7.78 5.19 8.27
N LYS A 51 -8.93 4.66 7.83
CA LYS A 51 -10.20 4.92 8.49
C LYS A 51 -10.37 4.00 9.70
N ALA A 52 -10.06 2.72 9.51
CA ALA A 52 -10.18 1.75 10.58
C ALA A 52 -9.32 2.14 11.78
N GLN A 53 -8.06 2.46 11.52
CA GLN A 53 -7.14 2.85 12.58
C GLN A 53 -7.46 4.24 13.10
N GLY A 54 -7.38 5.23 12.23
CA GLY A 54 -7.67 6.60 12.62
C GLY A 54 -7.59 7.58 11.46
N ALA A 55 -8.73 7.87 10.84
CA ALA A 55 -8.77 8.78 9.72
C ALA A 55 -8.12 10.11 10.06
N THR A 56 -8.43 10.63 11.25
CA THR A 56 -7.87 11.90 11.70
C THR A 56 -6.64 11.68 12.59
N GLY A 57 -6.60 10.52 13.24
CA GLY A 57 -5.48 10.20 14.11
C GLY A 57 -4.34 9.52 13.38
N GLU A 58 -3.57 8.71 14.08
CA GLU A 58 -2.45 8.00 13.48
C GLU A 58 -2.92 6.73 12.77
N VAL A 59 -2.15 6.30 11.79
CA VAL A 59 -2.48 5.10 11.02
C VAL A 59 -1.25 4.22 10.81
N TYR A 60 -1.19 3.11 11.53
CA TYR A 60 -0.07 2.19 11.43
C TYR A 60 -0.22 1.28 10.20
N CYS A 61 0.80 0.48 9.94
CA CYS A 61 0.78 -0.43 8.80
C CYS A 61 -0.62 -1.00 8.58
N PRO A 62 -1.06 -1.00 7.31
CA PRO A 62 -2.38 -1.50 6.93
C PRO A 62 -2.49 -3.02 7.07
N SER A 63 -1.42 -3.63 7.57
CA SER A 63 -1.39 -5.08 7.77
C SER A 63 -1.77 -5.45 9.19
N GLY A 64 -1.47 -4.55 10.13
CA GLY A 64 -1.78 -4.79 11.53
C GLY A 64 -0.59 -5.33 12.31
N GLU A 65 0.61 -4.96 11.87
CA GLU A 65 1.83 -5.40 12.53
C GLU A 65 2.56 -4.23 13.19
N LYS A 66 2.17 -3.02 12.80
CA LYS A 66 2.78 -1.82 13.35
C LYS A 66 4.28 -1.80 13.09
N CYS A 67 4.66 -2.07 11.84
CA CYS A 67 6.07 -2.08 11.46
C CYS A 67 6.71 -0.71 11.67
N PRO A 68 7.83 -0.69 12.40
CA PRO A 68 8.57 0.55 12.70
C PRO A 68 9.23 1.14 11.46
N LEU A 69 9.54 2.43 11.51
CA LEU A 69 10.18 3.11 10.41
C LEU A 69 11.61 2.60 10.19
N VAL A 70 12.00 2.43 8.94
CA VAL A 70 13.34 1.95 8.62
C VAL A 70 14.41 2.75 9.36
N GLY A 71 15.22 2.05 10.16
CA GLY A 71 16.27 2.71 10.91
C GLY A 71 15.75 3.40 12.15
N SER A 72 14.59 4.05 12.03
CA SER A 72 13.99 4.75 13.17
C SER A 72 13.19 3.78 14.04
N ASN A 73 13.09 4.10 15.32
CA ASN A 73 12.36 3.26 16.27
C ASN A 73 10.95 3.80 16.50
N VAL A 74 10.33 4.28 15.43
CA VAL A 74 8.98 4.82 15.52
C VAL A 74 8.12 4.38 14.33
N PRO A 75 6.87 4.02 14.61
CA PRO A 75 5.93 3.58 13.58
C PRO A 75 5.50 4.71 12.65
N TRP A 76 5.39 4.40 11.36
CA TRP A 76 4.99 5.40 10.37
C TRP A 76 3.48 5.56 10.34
N ALA A 77 3.03 6.81 10.45
CA ALA A 77 1.60 7.10 10.45
C ALA A 77 1.26 8.13 9.37
N PHE A 78 0.51 7.70 8.36
CA PHE A 78 0.12 8.58 7.27
C PHE A 78 -0.12 10.00 7.77
N MET A 79 0.31 10.98 6.99
CA MET A 79 0.14 12.38 7.35
C MET A 79 -1.05 13.00 6.62
N GLN A 80 -1.73 13.92 7.27
CA GLN A 80 -2.89 14.59 6.68
C GLN A 80 -2.73 14.71 5.17
N GLY A 81 -1.53 15.06 4.73
CA GLY A 81 -1.26 15.21 3.31
C GLY A 81 -1.65 13.98 2.52
N GLU A 82 -0.87 12.91 2.67
CA GLU A 82 -1.13 11.67 1.95
C GLU A 82 -2.52 11.14 2.30
N ILE A 83 -2.83 11.08 3.59
CA ILE A 83 -4.12 10.59 4.05
C ILE A 83 -5.23 10.95 3.05
N ALA A 84 -5.11 12.12 2.45
CA ALA A 84 -6.09 12.58 1.47
C ALA A 84 -5.71 12.15 0.06
N THR A 85 -4.41 12.20 -0.25
CA THR A 85 -3.92 11.82 -1.56
C THR A 85 -4.35 10.41 -1.93
N ILE A 86 -4.24 9.50 -0.97
CA ILE A 86 -4.61 8.11 -1.19
C ILE A 86 -6.13 7.94 -1.14
N LEU A 87 -6.76 8.60 -0.17
CA LEU A 87 -8.20 8.52 -0.01
C LEU A 87 -8.91 8.91 -1.30
N SER A 88 -8.61 10.10 -1.81
CA SER A 88 -9.22 10.59 -3.04
C SER A 88 -10.73 10.73 -2.87
N GLY A 89 -11.15 11.13 -1.69
CA GLY A 89 -12.57 11.30 -1.41
C GLY A 89 -12.92 11.05 0.03
N PRO A 90 -12.95 12.14 0.83
CA PRO A 90 -13.28 12.06 2.25
C PRO A 90 -14.73 11.72 2.51
N SER A 91 -15.61 12.20 1.63
CA SER A 91 -17.05 11.94 1.76
C SER A 91 -17.38 10.52 1.31
N SER A 92 -18.18 9.82 2.12
CA SER A 92 -18.57 8.46 1.82
C SER A 92 -19.97 8.43 1.20
N GLY A 93 -20.23 9.37 0.30
CA GLY A 93 -21.53 9.43 -0.35
C GLY A 93 -22.02 8.06 -0.78
ZN ZN B . -4.29 -4.05 -2.63
ZN ZN C . 4.44 -3.30 7.23
N GLY A 1 -19.48 7.74 -20.09
CA GLY A 1 -20.60 6.86 -19.81
C GLY A 1 -20.21 5.69 -18.91
N SER A 2 -19.55 4.70 -19.49
CA SER A 2 -19.11 3.53 -18.74
C SER A 2 -18.07 3.91 -17.70
N SER A 3 -17.98 3.09 -16.64
CA SER A 3 -17.02 3.34 -15.57
C SER A 3 -16.97 2.17 -14.60
N GLY A 4 -15.77 1.86 -14.10
CA GLY A 4 -15.60 0.76 -13.18
C GLY A 4 -14.27 0.07 -13.33
N SER A 5 -14.22 -1.22 -13.01
CA SER A 5 -12.99 -2.00 -13.11
C SER A 5 -12.87 -2.65 -14.49
N SER A 6 -11.64 -2.98 -14.87
CA SER A 6 -11.39 -3.60 -16.17
C SER A 6 -10.99 -5.07 -15.99
N GLY A 7 -10.08 -5.32 -15.05
CA GLY A 7 -9.64 -6.68 -14.81
C GLY A 7 -8.18 -6.87 -15.12
N SER A 8 -7.76 -8.12 -15.27
CA SER A 8 -6.37 -8.45 -15.57
C SER A 8 -6.27 -9.78 -16.31
N PRO A 9 -5.18 -9.95 -17.07
CA PRO A 9 -4.93 -11.17 -17.85
C PRO A 9 -4.62 -12.37 -16.94
N MET A 10 -4.80 -13.57 -17.48
CA MET A 10 -4.52 -14.79 -16.73
C MET A 10 -3.04 -15.14 -16.78
N ALA A 11 -2.27 -14.57 -15.86
CA ALA A 11 -0.84 -14.83 -15.81
C ALA A 11 -0.37 -15.02 -14.36
N ASN A 12 -0.08 -16.26 -14.00
CA ASN A 12 0.38 -16.57 -12.65
C ASN A 12 1.61 -15.75 -12.29
N SER A 13 2.60 -15.75 -13.18
CA SER A 13 3.83 -15.00 -12.95
C SER A 13 3.61 -13.51 -13.11
N GLY A 14 4.49 -12.72 -12.53
CA GLY A 14 4.37 -11.27 -12.62
C GLY A 14 5.51 -10.54 -11.93
N PRO A 15 5.71 -9.27 -12.28
CA PRO A 15 6.77 -8.44 -11.72
C PRO A 15 6.52 -8.09 -10.25
N LEU A 16 5.33 -7.61 -9.96
CA LEU A 16 4.96 -7.24 -8.59
C LEU A 16 3.47 -7.49 -8.34
N CYS A 17 3.08 -7.40 -7.08
CA CYS A 17 1.68 -7.62 -6.71
C CYS A 17 1.41 -7.10 -5.29
N CYS A 18 0.14 -6.95 -4.96
CA CYS A 18 -0.26 -6.46 -3.64
C CYS A 18 -0.21 -7.57 -2.61
N THR A 19 -0.18 -7.19 -1.33
CA THR A 19 -0.12 -8.16 -0.25
C THR A 19 -1.53 -8.59 0.17
N ILE A 20 -2.47 -7.66 0.09
CA ILE A 20 -3.86 -7.94 0.46
C ILE A 20 -4.65 -8.50 -0.71
N CYS A 21 -4.45 -7.90 -1.89
CA CYS A 21 -5.14 -8.33 -3.10
C CYS A 21 -4.46 -9.56 -3.70
N HIS A 22 -3.13 -9.49 -3.83
CA HIS A 22 -2.36 -10.59 -4.40
C HIS A 22 -2.75 -10.83 -5.85
N GLU A 23 -2.97 -9.75 -6.59
CA GLU A 23 -3.34 -9.84 -7.99
C GLU A 23 -2.39 -9.02 -8.86
N ARG A 24 -2.55 -7.70 -8.84
CA ARG A 24 -1.72 -6.80 -9.61
C ARG A 24 -1.58 -5.45 -8.93
N LEU A 25 -0.56 -4.69 -9.33
CA LEU A 25 -0.32 -3.37 -8.75
C LEU A 25 -0.14 -2.32 -9.84
N GLU A 26 -1.10 -1.40 -9.92
CA GLU A 26 -1.05 -0.34 -10.92
C GLU A 26 0.38 0.09 -11.18
N ASP A 27 1.06 0.55 -10.13
CA ASP A 27 2.45 1.00 -10.25
C ASP A 27 3.02 1.36 -8.88
N THR A 28 4.31 1.68 -8.85
CA THR A 28 4.97 2.05 -7.60
C THR A 28 4.05 2.86 -6.70
N HIS A 29 3.12 3.59 -7.31
CA HIS A 29 2.18 4.42 -6.57
C HIS A 29 1.71 3.69 -5.31
N PHE A 30 1.49 2.39 -5.42
CA PHE A 30 1.04 1.59 -4.29
C PHE A 30 1.89 1.85 -3.05
N VAL A 31 1.30 1.70 -1.88
CA VAL A 31 2.00 1.92 -0.62
C VAL A 31 2.89 0.75 -0.28
N GLN A 32 4.20 1.00 -0.23
CA GLN A 32 5.17 -0.04 0.09
C GLN A 32 5.83 0.22 1.44
N CYS A 33 5.74 -0.76 2.34
CA CYS A 33 6.32 -0.64 3.67
C CYS A 33 7.80 -0.26 3.59
N PRO A 34 8.17 0.84 4.26
CA PRO A 34 9.56 1.32 4.28
C PRO A 34 10.49 0.39 5.07
N SER A 35 9.91 -0.64 5.68
CA SER A 35 10.68 -1.59 6.46
C SER A 35 10.52 -3.00 5.91
N VAL A 36 9.31 -3.32 5.47
CA VAL A 36 9.01 -4.64 4.92
C VAL A 36 8.87 -4.58 3.40
N PRO A 37 9.72 -5.35 2.69
CA PRO A 37 9.70 -5.41 1.22
C PRO A 37 8.46 -6.11 0.69
N SER A 38 8.06 -7.19 1.35
CA SER A 38 6.89 -7.96 0.93
C SER A 38 5.63 -7.11 1.04
N HIS A 39 5.48 -6.40 2.15
CA HIS A 39 4.32 -5.55 2.37
C HIS A 39 4.10 -4.62 1.19
N LYS A 40 3.04 -4.87 0.43
CA LYS A 40 2.72 -4.05 -0.73
C LYS A 40 1.23 -3.73 -0.77
N PHE A 41 0.84 -2.66 -0.09
CA PHE A 41 -0.56 -2.25 -0.05
C PHE A 41 -0.80 -1.08 -1.01
N CYS A 42 -1.80 -1.24 -1.89
CA CYS A 42 -2.14 -0.22 -2.86
C CYS A 42 -3.05 0.84 -2.23
N PHE A 43 -3.52 1.76 -3.06
CA PHE A 43 -4.39 2.83 -2.59
C PHE A 43 -5.65 2.25 -1.94
N PRO A 44 -6.35 1.38 -2.67
CA PRO A 44 -7.58 0.74 -2.18
C PRO A 44 -7.31 -0.26 -1.07
N CYS A 45 -6.15 -0.13 -0.43
CA CYS A 45 -5.76 -1.03 0.65
C CYS A 45 -5.38 -0.25 1.90
N SER A 46 -4.87 0.97 1.70
CA SER A 46 -4.45 1.81 2.81
C SER A 46 -5.65 2.55 3.41
N ARG A 47 -6.48 3.13 2.55
CA ARG A 47 -7.66 3.86 2.98
C ARG A 47 -8.42 3.08 4.04
N GLU A 48 -8.93 1.90 3.66
CA GLU A 48 -9.68 1.06 4.58
C GLU A 48 -8.99 1.00 5.95
N SER A 49 -7.68 1.14 5.95
CA SER A 49 -6.90 1.09 7.18
C SER A 49 -6.84 2.48 7.83
N ILE A 50 -6.89 3.52 7.00
CA ILE A 50 -6.85 4.89 7.49
C ILE A 50 -8.14 5.26 8.20
N LYS A 51 -9.26 4.74 7.71
CA LYS A 51 -10.55 5.02 8.31
C LYS A 51 -10.81 4.12 9.51
N ALA A 52 -10.41 2.85 9.39
CA ALA A 52 -10.59 1.90 10.48
C ALA A 52 -9.74 2.27 11.69
N GLN A 53 -8.46 2.53 11.46
CA GLN A 53 -7.55 2.90 12.54
C GLN A 53 -7.84 4.31 13.03
N GLY A 54 -7.64 5.30 12.17
CA GLY A 54 -7.89 6.68 12.54
C GLY A 54 -7.43 7.65 11.48
N ALA A 55 -8.38 8.16 10.70
CA ALA A 55 -8.06 9.11 9.63
C ALA A 55 -7.41 10.37 10.20
N THR A 56 -7.99 10.90 11.27
CA THR A 56 -7.46 12.10 11.91
C THR A 56 -6.25 11.78 12.77
N GLY A 57 -6.33 10.66 13.51
CA GLY A 57 -5.24 10.27 14.36
C GLY A 57 -4.11 9.60 13.60
N GLU A 58 -3.43 8.66 14.25
CA GLU A 58 -2.32 7.96 13.62
C GLU A 58 -2.80 6.68 12.93
N VAL A 59 -2.07 6.26 11.91
CA VAL A 59 -2.42 5.05 11.17
C VAL A 59 -1.21 4.17 10.94
N TYR A 60 -1.15 3.05 11.67
CA TYR A 60 -0.03 2.12 11.55
C TYR A 60 -0.19 1.24 10.31
N CYS A 61 0.86 0.47 10.02
CA CYS A 61 0.84 -0.42 8.86
C CYS A 61 -0.56 -0.98 8.62
N PRO A 62 -0.99 -0.95 7.35
CA PRO A 62 -2.32 -1.45 6.95
C PRO A 62 -2.41 -2.97 7.06
N SER A 63 -1.36 -3.59 7.57
CA SER A 63 -1.32 -5.04 7.73
C SER A 63 -1.68 -5.45 9.15
N GLY A 64 -1.39 -4.56 10.10
CA GLY A 64 -1.68 -4.84 11.49
C GLY A 64 -0.49 -5.42 12.23
N GLU A 65 0.71 -5.02 11.81
CA GLU A 65 1.93 -5.51 12.44
C GLU A 65 2.68 -4.37 13.12
N LYS A 66 2.33 -3.14 12.77
CA LYS A 66 2.96 -1.96 13.35
C LYS A 66 4.46 -1.95 13.06
N CYS A 67 4.80 -2.16 11.79
CA CYS A 67 6.20 -2.17 11.36
C CYS A 67 6.85 -0.81 11.61
N PRO A 68 8.00 -0.83 12.31
CA PRO A 68 8.75 0.40 12.63
C PRO A 68 9.39 1.02 11.40
N LEU A 69 9.70 2.31 11.48
CA LEU A 69 10.32 3.02 10.37
C LEU A 69 11.76 2.57 10.17
N VAL A 70 12.16 2.42 8.91
CA VAL A 70 13.51 2.00 8.58
C VAL A 70 14.55 2.82 9.34
N GLY A 71 15.34 2.15 10.17
CA GLY A 71 16.36 2.84 10.94
C GLY A 71 15.80 3.45 12.21
N SER A 72 14.64 4.07 12.11
CA SER A 72 14.01 4.71 13.26
C SER A 72 13.26 3.68 14.10
N ASN A 73 13.25 3.89 15.41
CA ASN A 73 12.57 2.98 16.33
C ASN A 73 11.14 3.44 16.58
N VAL A 74 10.51 4.01 15.55
CA VAL A 74 9.14 4.49 15.65
C VAL A 74 8.33 4.09 14.43
N PRO A 75 7.10 3.62 14.66
CA PRO A 75 6.19 3.20 13.59
C PRO A 75 5.69 4.38 12.76
N TRP A 76 5.67 4.20 11.44
CA TRP A 76 5.21 5.24 10.53
C TRP A 76 3.69 5.39 10.59
N ALA A 77 3.22 6.62 10.49
CA ALA A 77 1.79 6.91 10.53
C ALA A 77 1.40 7.94 9.48
N PHE A 78 0.67 7.51 8.47
CA PHE A 78 0.24 8.40 7.40
C PHE A 78 -0.04 9.79 7.94
N MET A 79 0.40 10.82 7.20
CA MET A 79 0.20 12.20 7.60
C MET A 79 -0.89 12.86 6.75
N GLN A 80 -1.41 13.98 7.24
CA GLN A 80 -2.45 14.71 6.53
C GLN A 80 -2.25 14.60 5.02
N GLY A 81 -1.01 14.79 4.57
CA GLY A 81 -0.70 14.72 3.17
C GLY A 81 -1.15 13.41 2.54
N GLU A 82 -0.40 12.34 2.82
CA GLU A 82 -0.72 11.03 2.28
C GLU A 82 -2.15 10.63 2.63
N ILE A 83 -2.47 10.65 3.92
CA ILE A 83 -3.80 10.29 4.40
C ILE A 83 -4.87 10.75 3.40
N ALA A 84 -4.66 11.91 2.81
CA ALA A 84 -5.61 12.46 1.85
C ALA A 84 -5.26 12.01 0.44
N THR A 85 -3.97 12.02 0.11
CA THR A 85 -3.51 11.62 -1.21
C THR A 85 -4.07 10.26 -1.60
N ILE A 86 -4.08 9.32 -0.65
CA ILE A 86 -4.58 7.98 -0.89
C ILE A 86 -6.12 7.97 -0.88
N LEU A 87 -6.70 8.43 0.22
CA LEU A 87 -8.15 8.46 0.35
C LEU A 87 -8.81 8.92 -0.95
N SER A 88 -8.35 10.06 -1.46
CA SER A 88 -8.89 10.61 -2.70
C SER A 88 -8.17 10.02 -3.92
N GLY A 89 -6.89 10.35 -4.04
CA GLY A 89 -6.10 9.85 -5.16
C GLY A 89 -5.96 10.88 -6.25
N PRO A 90 -4.86 11.66 -6.20
CA PRO A 90 -4.58 12.69 -7.20
C PRO A 90 -4.22 12.11 -8.56
N SER A 91 -4.69 12.74 -9.63
CA SER A 91 -4.41 12.28 -10.98
C SER A 91 -3.32 13.14 -11.63
N SER A 92 -2.63 12.56 -12.61
CA SER A 92 -1.58 13.26 -13.31
C SER A 92 -2.06 14.61 -13.83
N GLY A 93 -1.16 15.59 -13.84
CA GLY A 93 -1.51 16.92 -14.32
C GLY A 93 -2.56 17.59 -13.44
ZN ZN B . -4.23 -4.07 -2.55
ZN ZN C . 4.46 -3.25 7.19
N GLY A 1 2.50 -11.49 -30.12
CA GLY A 1 1.66 -10.32 -29.93
C GLY A 1 2.02 -9.18 -30.86
N SER A 2 1.85 -9.40 -32.16
CA SER A 2 2.16 -8.39 -33.16
C SER A 2 1.08 -8.31 -34.23
N SER A 3 0.74 -7.10 -34.65
CA SER A 3 -0.27 -6.90 -35.67
C SER A 3 -1.52 -7.75 -35.37
N GLY A 4 -1.92 -7.77 -34.10
CA GLY A 4 -3.08 -8.54 -33.71
C GLY A 4 -3.43 -8.37 -32.24
N SER A 5 -3.00 -9.32 -31.42
CA SER A 5 -3.27 -9.27 -29.99
C SER A 5 -2.10 -9.85 -29.20
N SER A 6 -1.78 -9.20 -28.07
CA SER A 6 -0.69 -9.66 -27.23
C SER A 6 -1.21 -10.14 -25.88
N GLY A 7 -1.42 -11.45 -25.77
CA GLY A 7 -1.92 -12.02 -24.53
C GLY A 7 -0.84 -12.77 -23.77
N SER A 8 -0.13 -13.64 -24.46
CA SER A 8 0.93 -14.43 -23.83
C SER A 8 1.70 -13.59 -22.81
N PRO A 9 2.14 -14.25 -21.73
CA PRO A 9 2.89 -13.59 -20.66
C PRO A 9 4.29 -13.16 -21.10
N MET A 10 4.86 -12.20 -20.39
CA MET A 10 6.20 -11.71 -20.70
C MET A 10 7.27 -12.69 -20.25
N ALA A 11 7.11 -13.22 -19.03
CA ALA A 11 8.06 -14.17 -18.48
C ALA A 11 7.55 -14.77 -17.19
N ASN A 12 7.79 -16.07 -17.00
CA ASN A 12 7.35 -16.76 -15.79
C ASN A 12 8.00 -16.16 -14.56
N SER A 13 7.28 -15.25 -13.90
CA SER A 13 7.80 -14.60 -12.70
C SER A 13 6.67 -13.91 -11.93
N GLY A 14 6.99 -13.41 -10.73
CA GLY A 14 5.99 -12.74 -9.93
C GLY A 14 6.31 -11.28 -9.73
N PRO A 15 5.77 -10.42 -10.61
CA PRO A 15 5.98 -8.96 -10.53
C PRO A 15 5.29 -8.34 -9.33
N LEU A 16 5.48 -7.03 -9.17
CA LEU A 16 4.87 -6.31 -8.06
C LEU A 16 3.41 -6.69 -7.89
N CYS A 17 3.11 -7.43 -6.83
CA CYS A 17 1.75 -7.86 -6.55
C CYS A 17 1.35 -7.52 -5.13
N CYS A 18 0.22 -6.81 -4.99
CA CYS A 18 -0.28 -6.42 -3.68
C CYS A 18 -0.29 -7.60 -2.71
N THR A 19 -0.22 -7.31 -1.42
CA THR A 19 -0.22 -8.35 -0.40
C THR A 19 -1.65 -8.70 0.02
N ILE A 20 -2.55 -7.74 -0.08
CA ILE A 20 -3.94 -7.95 0.29
C ILE A 20 -4.75 -8.46 -0.90
N CYS A 21 -4.53 -7.85 -2.07
CA CYS A 21 -5.23 -8.24 -3.28
C CYS A 21 -4.57 -9.45 -3.93
N HIS A 22 -3.25 -9.38 -4.10
CA HIS A 22 -2.50 -10.47 -4.71
C HIS A 22 -2.89 -10.65 -6.17
N GLU A 23 -3.00 -9.53 -6.89
CA GLU A 23 -3.37 -9.56 -8.30
C GLU A 23 -2.37 -8.76 -9.13
N ARG A 24 -2.28 -7.47 -8.85
CA ARG A 24 -1.37 -6.59 -9.57
C ARG A 24 -1.36 -5.18 -8.96
N LEU A 25 -0.31 -4.43 -9.23
CA LEU A 25 -0.18 -3.08 -8.71
C LEU A 25 0.01 -2.07 -9.85
N GLU A 26 -0.96 -1.17 -10.00
CA GLU A 26 -0.90 -0.15 -11.04
C GLU A 26 0.54 0.32 -11.25
N ASP A 27 1.11 0.95 -10.23
CA ASP A 27 2.48 1.45 -10.30
C ASP A 27 2.97 1.89 -8.93
N THR A 28 4.25 2.26 -8.85
CA THR A 28 4.84 2.70 -7.60
C THR A 28 3.80 3.36 -6.70
N HIS A 29 2.90 4.14 -7.32
CA HIS A 29 1.86 4.83 -6.57
C HIS A 29 1.45 4.03 -5.33
N PHE A 30 1.27 2.72 -5.52
CA PHE A 30 0.87 1.84 -4.42
C PHE A 30 1.74 2.08 -3.19
N VAL A 31 1.18 1.82 -2.02
CA VAL A 31 1.91 2.02 -0.77
C VAL A 31 2.78 0.81 -0.45
N GLN A 32 4.00 1.06 -0.01
CA GLN A 32 4.94 0.00 0.32
C GLN A 32 5.58 0.24 1.69
N CYS A 33 5.71 -0.81 2.48
CA CYS A 33 6.31 -0.72 3.81
C CYS A 33 7.81 -0.46 3.70
N PRO A 34 8.29 0.57 4.41
CA PRO A 34 9.71 0.93 4.42
C PRO A 34 10.57 -0.09 5.15
N SER A 35 9.95 -0.84 6.06
CA SER A 35 10.66 -1.85 6.83
C SER A 35 10.47 -3.23 6.21
N VAL A 36 9.27 -3.49 5.71
CA VAL A 36 8.96 -4.77 5.08
C VAL A 36 8.85 -4.63 3.57
N PRO A 37 9.76 -5.30 2.84
CA PRO A 37 9.80 -5.26 1.38
C PRO A 37 8.62 -6.01 0.77
N SER A 38 8.15 -7.04 1.47
CA SER A 38 7.02 -7.84 0.99
C SER A 38 5.72 -7.07 1.07
N HIS A 39 5.51 -6.38 2.19
CA HIS A 39 4.30 -5.59 2.39
C HIS A 39 4.03 -4.69 1.19
N LYS A 40 2.94 -4.96 0.49
CA LYS A 40 2.57 -4.17 -0.68
C LYS A 40 1.08 -3.84 -0.66
N PHE A 41 0.76 -2.65 -0.16
CA PHE A 41 -0.63 -2.21 -0.08
C PHE A 41 -0.89 -1.07 -1.06
N CYS A 42 -1.90 -1.23 -1.90
CA CYS A 42 -2.25 -0.21 -2.88
C CYS A 42 -3.16 0.85 -2.26
N PHE A 43 -3.65 1.75 -3.10
CA PHE A 43 -4.54 2.82 -2.64
C PHE A 43 -5.79 2.24 -1.99
N PRO A 44 -6.49 1.37 -2.73
CA PRO A 44 -7.71 0.72 -2.25
C PRO A 44 -7.45 -0.28 -1.14
N CYS A 45 -6.29 -0.15 -0.50
CA CYS A 45 -5.91 -1.05 0.59
C CYS A 45 -5.49 -0.26 1.82
N SER A 46 -4.82 0.87 1.59
CA SER A 46 -4.35 1.71 2.69
C SER A 46 -5.52 2.45 3.34
N ARG A 47 -6.38 3.03 2.52
CA ARG A 47 -7.54 3.76 3.01
C ARG A 47 -8.29 2.95 4.08
N GLU A 48 -8.81 1.80 3.68
CA GLU A 48 -9.54 0.95 4.60
C GLU A 48 -8.85 0.90 5.96
N SER A 49 -7.53 1.02 5.96
CA SER A 49 -6.76 0.98 7.19
C SER A 49 -6.74 2.36 7.86
N ILE A 50 -6.75 3.41 7.05
CA ILE A 50 -6.74 4.77 7.56
C ILE A 50 -8.05 5.11 8.27
N LYS A 51 -9.15 4.61 7.73
CA LYS A 51 -10.46 4.84 8.31
C LYS A 51 -10.68 3.98 9.54
N ALA A 52 -10.27 2.72 9.46
CA ALA A 52 -10.41 1.78 10.57
C ALA A 52 -9.56 2.21 11.76
N GLN A 53 -8.31 2.54 11.50
CA GLN A 53 -7.38 2.96 12.55
C GLN A 53 -7.73 4.37 13.02
N GLY A 54 -7.58 5.35 12.14
CA GLY A 54 -7.88 6.73 12.49
C GLY A 54 -7.49 7.70 11.40
N ALA A 55 -8.47 8.19 10.66
CA ALA A 55 -8.22 9.13 9.58
C ALA A 55 -7.68 10.46 10.12
N THR A 56 -8.29 10.95 11.19
CA THR A 56 -7.85 12.20 11.80
C THR A 56 -6.55 12.02 12.58
N GLY A 57 -6.45 10.90 13.29
CA GLY A 57 -5.24 10.63 14.06
C GLY A 57 -4.16 9.97 13.22
N GLU A 58 -3.41 9.07 13.84
CA GLU A 58 -2.33 8.37 13.15
C GLU A 58 -2.82 7.07 12.54
N VAL A 59 -2.05 6.53 11.60
CA VAL A 59 -2.41 5.28 10.94
C VAL A 59 -1.20 4.37 10.79
N TYR A 60 -1.21 3.24 11.50
CA TYR A 60 -0.11 2.30 11.44
C TYR A 60 -0.24 1.39 10.22
N CYS A 61 0.82 0.62 9.95
CA CYS A 61 0.83 -0.29 8.81
C CYS A 61 -0.54 -0.90 8.59
N PRO A 62 -0.98 -0.93 7.32
CA PRO A 62 -2.29 -1.48 6.94
C PRO A 62 -2.33 -3.00 7.10
N SER A 63 -1.25 -3.58 7.62
CA SER A 63 -1.17 -5.01 7.82
C SER A 63 -1.49 -5.39 9.27
N GLY A 64 -1.20 -4.47 10.19
CA GLY A 64 -1.46 -4.72 11.59
C GLY A 64 -0.25 -5.26 12.32
N GLU A 65 0.93 -4.85 11.88
CA GLU A 65 2.17 -5.29 12.50
C GLU A 65 3.00 -4.12 13.00
N LYS A 66 2.35 -2.96 13.12
CA LYS A 66 3.01 -1.75 13.59
C LYS A 66 4.47 -1.72 13.12
N CYS A 67 4.67 -1.99 11.84
CA CYS A 67 6.01 -1.98 11.26
C CYS A 67 6.66 -0.61 11.40
N PRO A 68 7.75 -0.55 12.18
CA PRO A 68 8.49 0.69 12.41
C PRO A 68 9.23 1.18 11.17
N LEU A 69 9.60 2.45 11.16
CA LEU A 69 10.31 3.04 10.03
C LEU A 69 11.60 2.28 9.75
N VAL A 70 12.12 2.41 8.53
CA VAL A 70 13.34 1.74 8.14
C VAL A 70 14.55 2.39 8.80
N GLY A 71 14.46 3.69 9.07
CA GLY A 71 15.55 4.40 9.71
C GLY A 71 15.15 4.98 11.05
N SER A 72 13.88 4.84 11.41
CA SER A 72 13.38 5.36 12.68
C SER A 72 12.62 4.28 13.44
N ASN A 73 12.66 4.36 14.77
CA ASN A 73 11.98 3.39 15.62
C ASN A 73 10.52 3.77 15.80
N VAL A 74 9.93 4.37 14.77
CA VAL A 74 8.53 4.78 14.82
C VAL A 74 7.77 4.29 13.58
N PRO A 75 6.55 3.78 13.82
CA PRO A 75 5.70 3.26 12.74
C PRO A 75 5.17 4.37 11.84
N TRP A 76 5.68 4.42 10.61
CA TRP A 76 5.26 5.43 9.65
C TRP A 76 3.75 5.63 9.69
N ALA A 77 3.33 6.74 10.29
CA ALA A 77 1.91 7.05 10.40
C ALA A 77 1.48 8.06 9.32
N PHE A 78 0.63 7.62 8.41
CA PHE A 78 0.14 8.48 7.34
C PHE A 78 0.01 9.92 7.82
N MET A 79 0.17 10.86 6.89
CA MET A 79 0.07 12.28 7.22
C MET A 79 -1.16 12.90 6.57
N GLN A 80 -1.81 13.80 7.30
CA GLN A 80 -3.01 14.47 6.80
C GLN A 80 -2.93 14.67 5.29
N GLY A 81 -1.72 14.98 4.81
CA GLY A 81 -1.52 15.21 3.40
C GLY A 81 -1.83 13.99 2.56
N GLU A 82 -1.19 12.86 2.89
CA GLU A 82 -1.40 11.62 2.16
C GLU A 82 -2.75 11.00 2.52
N ILE A 83 -3.06 10.97 3.81
CA ILE A 83 -4.32 10.40 4.28
C ILE A 83 -5.46 10.76 3.33
N ALA A 84 -5.41 11.96 2.76
CA ALA A 84 -6.44 12.41 1.84
C ALA A 84 -6.09 12.05 0.41
N THR A 85 -4.81 12.21 0.05
CA THR A 85 -4.34 11.91 -1.29
C THR A 85 -4.80 10.51 -1.72
N ILE A 86 -4.67 9.55 -0.82
CA ILE A 86 -5.07 8.18 -1.11
C ILE A 86 -6.58 8.01 -1.03
N LEU A 87 -7.18 8.57 0.01
CA LEU A 87 -8.62 8.49 0.20
C LEU A 87 -9.37 8.91 -1.06
N SER A 88 -8.90 10.01 -1.67
CA SER A 88 -9.51 10.53 -2.90
C SER A 88 -9.25 9.59 -4.08
N GLY A 89 -7.99 9.18 -4.22
CA GLY A 89 -7.63 8.29 -5.32
C GLY A 89 -7.80 8.94 -6.67
N PRO A 90 -7.86 8.11 -7.72
CA PRO A 90 -8.01 8.59 -9.10
C PRO A 90 -9.40 9.18 -9.36
N SER A 91 -9.67 9.49 -10.62
CA SER A 91 -10.96 10.06 -11.00
C SER A 91 -12.08 9.04 -10.83
N SER A 92 -13.32 9.51 -10.90
CA SER A 92 -14.49 8.63 -10.75
C SER A 92 -15.15 8.38 -12.09
N GLY A 93 -15.00 7.16 -12.60
CA GLY A 93 -15.60 6.80 -13.88
C GLY A 93 -14.58 6.79 -15.01
ZN ZN B . -4.41 -4.13 -2.61
ZN ZN C . 4.44 -3.32 7.27
N GLY A 1 5.59 -44.20 -29.59
CA GLY A 1 4.47 -43.34 -29.25
C GLY A 1 4.85 -41.87 -29.23
N SER A 2 3.86 -41.00 -29.41
CA SER A 2 4.11 -39.56 -29.42
C SER A 2 4.89 -39.13 -28.19
N SER A 3 5.95 -38.36 -28.41
CA SER A 3 6.78 -37.89 -27.31
C SER A 3 7.27 -36.47 -27.57
N GLY A 4 7.16 -35.61 -26.57
CA GLY A 4 7.58 -34.23 -26.71
C GLY A 4 6.69 -33.27 -25.96
N SER A 5 7.11 -32.88 -24.76
CA SER A 5 6.33 -31.95 -23.94
C SER A 5 7.13 -30.70 -23.64
N SER A 6 6.55 -29.54 -23.94
CA SER A 6 7.20 -28.26 -23.70
C SER A 6 6.94 -27.77 -22.28
N GLY A 7 5.67 -27.60 -21.94
CA GLY A 7 5.31 -27.14 -20.62
C GLY A 7 5.48 -25.63 -20.45
N SER A 8 5.29 -25.15 -19.24
CA SER A 8 5.42 -23.72 -18.96
C SER A 8 6.28 -23.48 -17.72
N PRO A 9 7.60 -23.45 -17.93
CA PRO A 9 8.57 -23.24 -16.84
C PRO A 9 8.52 -21.81 -16.31
N MET A 10 7.65 -20.99 -16.89
CA MET A 10 7.51 -19.60 -16.47
C MET A 10 6.09 -19.30 -16.04
N ALA A 11 5.45 -20.29 -15.40
CA ALA A 11 4.08 -20.13 -14.92
C ALA A 11 4.04 -19.38 -13.60
N ASN A 12 4.01 -18.06 -13.68
CA ASN A 12 3.98 -17.23 -12.48
C ASN A 12 3.02 -16.05 -12.66
N SER A 13 2.41 -15.61 -11.56
CA SER A 13 1.48 -14.49 -11.61
C SER A 13 2.14 -13.25 -12.18
N GLY A 14 3.30 -12.89 -11.62
CA GLY A 14 4.02 -11.71 -12.08
C GLY A 14 5.21 -11.39 -11.21
N PRO A 15 5.90 -10.29 -11.54
CA PRO A 15 7.09 -9.84 -10.80
C PRO A 15 6.74 -9.33 -9.41
N LEU A 16 5.51 -8.83 -9.25
CA LEU A 16 5.05 -8.32 -7.96
C LEU A 16 3.53 -8.30 -7.90
N CYS A 17 3.00 -8.07 -6.71
CA CYS A 17 1.55 -8.03 -6.51
C CYS A 17 1.21 -7.64 -5.07
N CYS A 18 0.13 -6.88 -4.91
CA CYS A 18 -0.31 -6.45 -3.59
C CYS A 18 -0.38 -7.62 -2.62
N THR A 19 -0.09 -7.35 -1.35
CA THR A 19 -0.13 -8.37 -0.32
C THR A 19 -1.56 -8.71 0.08
N ILE A 20 -2.43 -7.71 0.05
CA ILE A 20 -3.83 -7.90 0.41
C ILE A 20 -4.62 -8.46 -0.76
N CYS A 21 -4.39 -7.90 -1.95
CA CYS A 21 -5.09 -8.35 -3.15
C CYS A 21 -4.42 -9.59 -3.73
N HIS A 22 -3.09 -9.56 -3.82
CA HIS A 22 -2.34 -10.68 -4.35
C HIS A 22 -2.68 -10.92 -5.82
N GLU A 23 -2.82 -9.83 -6.57
CA GLU A 23 -3.16 -9.93 -7.99
C GLU A 23 -2.21 -9.08 -8.83
N ARG A 24 -2.40 -7.76 -8.79
CA ARG A 24 -1.56 -6.84 -9.53
C ARG A 24 -1.44 -5.50 -8.82
N LEU A 25 -0.71 -4.57 -9.42
CA LEU A 25 -0.51 -3.25 -8.84
C LEU A 25 -0.41 -2.18 -9.92
N GLU A 26 -1.41 -1.30 -9.98
CA GLU A 26 -1.43 -0.24 -10.97
C GLU A 26 -0.02 0.27 -11.26
N ASP A 27 0.71 0.60 -10.20
CA ASP A 27 2.07 1.11 -10.33
C ASP A 27 2.71 1.31 -8.97
N THR A 28 4.05 1.35 -8.95
CA THR A 28 4.79 1.54 -7.71
C THR A 28 4.03 2.45 -6.75
N HIS A 29 3.25 3.37 -7.30
CA HIS A 29 2.48 4.30 -6.49
C HIS A 29 1.93 3.61 -5.25
N PHE A 30 1.49 2.37 -5.41
CA PHE A 30 0.95 1.60 -4.30
C PHE A 30 1.75 1.83 -3.02
N VAL A 31 1.06 1.89 -1.89
CA VAL A 31 1.71 2.10 -0.60
C VAL A 31 2.55 0.89 -0.22
N GLN A 32 3.88 1.06 -0.26
CA GLN A 32 4.79 -0.02 0.08
C GLN A 32 5.47 0.26 1.43
N CYS A 33 5.53 -0.76 2.28
CA CYS A 33 6.15 -0.63 3.59
C CYS A 33 7.62 -0.25 3.45
N PRO A 34 8.01 0.86 4.13
CA PRO A 34 9.38 1.36 4.10
C PRO A 34 10.34 0.44 4.87
N SER A 35 9.79 -0.39 5.74
CA SER A 35 10.60 -1.32 6.53
C SER A 35 10.49 -2.74 5.98
N VAL A 36 9.32 -3.08 5.46
CA VAL A 36 9.09 -4.40 4.89
C VAL A 36 8.99 -4.35 3.37
N PRO A 37 9.92 -5.03 2.69
CA PRO A 37 9.95 -5.08 1.23
C PRO A 37 8.79 -5.87 0.65
N SER A 38 8.47 -7.00 1.28
CA SER A 38 7.39 -7.86 0.82
C SER A 38 6.05 -7.13 0.91
N HIS A 39 5.82 -6.45 2.03
CA HIS A 39 4.58 -5.72 2.24
C HIS A 39 4.27 -4.82 1.04
N LYS A 40 3.04 -4.88 0.56
CA LYS A 40 2.62 -4.08 -0.58
C LYS A 40 1.12 -3.80 -0.53
N PHE A 41 0.77 -2.56 -0.23
CA PHE A 41 -0.64 -2.15 -0.14
C PHE A 41 -0.92 -0.98 -1.08
N CYS A 42 -1.88 -1.18 -1.98
CA CYS A 42 -2.26 -0.14 -2.94
C CYS A 42 -3.15 0.90 -2.29
N PHE A 43 -3.66 1.82 -3.10
CA PHE A 43 -4.53 2.87 -2.60
C PHE A 43 -5.77 2.29 -1.93
N PRO A 44 -6.49 1.43 -2.66
CA PRO A 44 -7.70 0.77 -2.17
C PRO A 44 -7.40 -0.25 -1.07
N CYS A 45 -6.23 -0.12 -0.45
CA CYS A 45 -5.82 -1.02 0.61
C CYS A 45 -5.38 -0.25 1.85
N SER A 46 -4.79 0.93 1.63
CA SER A 46 -4.33 1.76 2.72
C SER A 46 -5.48 2.52 3.37
N ARG A 47 -6.35 3.09 2.54
CA ARG A 47 -7.49 3.85 3.01
C ARG A 47 -8.25 3.07 4.09
N GLU A 48 -8.76 1.89 3.72
CA GLU A 48 -9.50 1.06 4.64
C GLU A 48 -8.83 1.02 6.01
N SER A 49 -7.50 1.14 6.01
CA SER A 49 -6.73 1.12 7.25
C SER A 49 -6.69 2.50 7.89
N ILE A 50 -6.74 3.54 7.05
CA ILE A 50 -6.71 4.92 7.53
C ILE A 50 -7.99 5.25 8.28
N LYS A 51 -9.11 4.73 7.79
CA LYS A 51 -10.41 4.99 8.42
C LYS A 51 -10.59 4.12 9.66
N ALA A 52 -10.21 2.84 9.55
CA ALA A 52 -10.33 1.92 10.66
C ALA A 52 -9.46 2.35 11.83
N GLN A 53 -8.21 2.68 11.54
CA GLN A 53 -7.28 3.11 12.58
C GLN A 53 -7.58 4.54 13.03
N GLY A 54 -7.43 5.49 12.12
CA GLY A 54 -7.69 6.88 12.44
C GLY A 54 -7.06 7.84 11.45
N ALA A 55 -7.87 8.39 10.56
CA ALA A 55 -7.38 9.33 9.55
C ALA A 55 -6.85 10.59 10.20
N THR A 56 -7.59 11.13 11.16
CA THR A 56 -7.20 12.34 11.86
C THR A 56 -5.94 12.11 12.70
N GLY A 57 -5.86 10.95 13.34
CA GLY A 57 -4.71 10.62 14.16
C GLY A 57 -3.62 9.90 13.38
N GLU A 58 -3.00 8.91 14.01
CA GLU A 58 -1.93 8.15 13.36
C GLU A 58 -2.49 6.90 12.69
N VAL A 59 -1.75 6.38 11.72
CA VAL A 59 -2.16 5.18 10.99
C VAL A 59 -1.00 4.22 10.79
N TYR A 60 -0.99 3.15 11.57
CA TYR A 60 0.07 2.15 11.48
C TYR A 60 -0.08 1.29 10.24
N CYS A 61 0.96 0.53 9.91
CA CYS A 61 0.93 -0.34 8.74
C CYS A 61 -0.47 -0.89 8.49
N PRO A 62 -0.91 -0.86 7.23
CA PRO A 62 -2.23 -1.36 6.84
C PRO A 62 -2.33 -2.88 6.94
N SER A 63 -1.27 -3.50 7.45
CA SER A 63 -1.24 -4.95 7.59
C SER A 63 -1.74 -5.37 8.98
N GLY A 64 -1.51 -4.51 9.96
CA GLY A 64 -1.93 -4.80 11.31
C GLY A 64 -0.83 -5.42 12.15
N GLU A 65 0.42 -5.09 11.82
CA GLU A 65 1.57 -5.62 12.54
C GLU A 65 2.36 -4.49 13.19
N LYS A 66 2.03 -3.25 12.82
CA LYS A 66 2.72 -2.09 13.37
C LYS A 66 4.21 -2.13 13.05
N CYS A 67 4.52 -2.29 11.77
CA CYS A 67 5.91 -2.34 11.32
C CYS A 67 6.65 -1.07 11.72
N PRO A 68 7.69 -1.21 12.56
CA PRO A 68 8.51 -0.09 13.03
C PRO A 68 9.36 0.51 11.92
N LEU A 69 9.53 1.82 11.96
CA LEU A 69 10.33 2.51 10.95
C LEU A 69 11.53 1.68 10.53
N VAL A 70 12.02 1.90 9.31
CA VAL A 70 13.16 1.17 8.79
C VAL A 70 14.12 0.80 9.91
N GLY A 71 14.75 1.80 10.50
CA GLY A 71 15.70 1.56 11.58
C GLY A 71 15.39 2.40 12.81
N SER A 72 14.12 2.41 13.22
CA SER A 72 13.70 3.18 14.39
C SER A 72 12.65 2.40 15.18
N ASN A 73 12.53 2.75 16.47
CA ASN A 73 11.57 2.09 17.34
C ASN A 73 10.19 2.71 17.18
N VAL A 74 10.00 3.47 16.10
CA VAL A 74 8.72 4.11 15.82
C VAL A 74 8.24 3.78 14.42
N PRO A 75 7.00 3.26 14.33
CA PRO A 75 6.39 2.89 13.05
C PRO A 75 6.04 4.10 12.20
N TRP A 76 5.72 3.86 10.94
CA TRP A 76 5.36 4.94 10.02
C TRP A 76 3.86 5.20 10.04
N ALA A 77 3.48 6.43 10.34
CA ALA A 77 2.07 6.81 10.38
C ALA A 77 1.74 7.83 9.30
N PHE A 78 0.89 7.42 8.36
CA PHE A 78 0.49 8.30 7.27
C PHE A 78 0.40 9.75 7.73
N MET A 79 0.81 10.67 6.86
CA MET A 79 0.78 12.09 7.18
C MET A 79 -0.36 12.79 6.45
N GLN A 80 -0.87 13.87 7.04
CA GLN A 80 -1.96 14.63 6.44
C GLN A 80 -1.86 14.61 4.92
N GLY A 81 -0.66 14.79 4.40
CA GLY A 81 -0.46 14.79 2.96
C GLY A 81 -0.95 13.51 2.31
N GLU A 82 -0.25 12.41 2.58
CA GLU A 82 -0.62 11.12 2.00
C GLU A 82 -2.05 10.73 2.40
N ILE A 83 -2.32 10.77 3.70
CA ILE A 83 -3.64 10.43 4.21
C ILE A 83 -4.74 10.93 3.26
N ALA A 84 -4.50 12.08 2.67
CA ALA A 84 -5.47 12.66 1.73
C ALA A 84 -5.19 12.23 0.30
N THR A 85 -3.91 12.18 -0.06
CA THR A 85 -3.51 11.78 -1.40
C THR A 85 -4.11 10.42 -1.77
N ILE A 86 -4.03 9.47 -0.85
CA ILE A 86 -4.56 8.14 -1.08
C ILE A 86 -6.09 8.15 -1.03
N LEU A 87 -6.64 8.58 0.09
CA LEU A 87 -8.09 8.64 0.26
C LEU A 87 -8.76 9.22 -0.98
N SER A 88 -8.25 10.36 -1.43
CA SER A 88 -8.81 11.02 -2.61
C SER A 88 -8.54 10.20 -3.88
N GLY A 89 -7.26 9.90 -4.11
CA GLY A 89 -6.89 9.11 -5.27
C GLY A 89 -7.05 9.90 -6.56
N PRO A 90 -7.21 9.18 -7.69
CA PRO A 90 -7.37 9.80 -9.01
C PRO A 90 -8.72 10.51 -9.15
N SER A 91 -8.91 11.18 -10.28
CA SER A 91 -10.14 11.91 -10.54
C SER A 91 -11.26 10.94 -10.91
N SER A 92 -12.49 11.30 -10.54
CA SER A 92 -13.65 10.47 -10.85
C SER A 92 -14.70 11.25 -11.62
N GLY A 93 -15.44 10.55 -12.47
CA GLY A 93 -16.46 11.21 -13.27
C GLY A 93 -17.06 10.28 -14.32
ZN ZN B . -4.24 -4.02 -2.60
ZN ZN C . 4.39 -3.28 7.06
N GLY A 1 -23.96 16.14 -23.31
CA GLY A 1 -23.16 16.16 -24.52
C GLY A 1 -21.67 16.06 -24.23
N SER A 2 -21.24 14.92 -23.70
CA SER A 2 -19.83 14.72 -23.37
C SER A 2 -19.46 13.24 -23.49
N SER A 3 -18.28 12.98 -24.04
CA SER A 3 -17.81 11.62 -24.21
C SER A 3 -16.36 11.49 -23.75
N GLY A 4 -16.18 10.90 -22.56
CA GLY A 4 -14.85 10.71 -22.01
C GLY A 4 -14.02 9.73 -22.83
N SER A 5 -13.07 9.08 -22.15
CA SER A 5 -12.20 8.11 -22.83
C SER A 5 -12.69 6.69 -22.58
N SER A 6 -13.67 6.27 -23.36
CA SER A 6 -14.23 4.92 -23.23
C SER A 6 -13.36 3.89 -23.93
N GLY A 7 -12.76 3.01 -23.15
CA GLY A 7 -11.90 1.98 -23.70
C GLY A 7 -11.16 1.20 -22.64
N SER A 8 -11.47 -0.08 -22.51
CA SER A 8 -10.82 -0.94 -21.53
C SER A 8 -9.31 -0.80 -21.59
N PRO A 9 -8.66 -0.82 -20.42
CA PRO A 9 -7.20 -0.70 -20.31
C PRO A 9 -6.48 -1.94 -20.85
N MET A 10 -5.15 -1.85 -20.93
CA MET A 10 -4.34 -2.94 -21.42
C MET A 10 -3.07 -3.10 -20.60
N ALA A 11 -3.00 -4.15 -19.80
CA ALA A 11 -1.84 -4.41 -18.96
C ALA A 11 -0.79 -5.23 -19.71
N ASN A 12 0.47 -4.96 -19.43
CA ASN A 12 1.57 -5.67 -20.10
C ASN A 12 2.08 -6.80 -19.20
N SER A 13 2.55 -6.44 -18.01
CA SER A 13 3.08 -7.41 -17.07
C SER A 13 3.22 -6.81 -15.67
N GLY A 14 3.30 -7.68 -14.67
CA GLY A 14 3.44 -7.20 -13.30
C GLY A 14 4.28 -8.12 -12.44
N PRO A 15 5.55 -7.74 -12.23
CA PRO A 15 6.49 -8.53 -11.43
C PRO A 15 6.13 -8.53 -9.95
N LEU A 16 5.41 -7.50 -9.52
CA LEU A 16 5.00 -7.38 -8.12
C LEU A 16 3.47 -7.43 -7.99
N CYS A 17 3.00 -7.85 -6.83
CA CYS A 17 1.56 -7.94 -6.58
C CYS A 17 1.23 -7.54 -5.14
N CYS A 18 0.10 -6.87 -4.96
CA CYS A 18 -0.33 -6.43 -3.64
C CYS A 18 -0.33 -7.61 -2.66
N THR A 19 -0.31 -7.28 -1.37
CA THR A 19 -0.32 -8.31 -0.33
C THR A 19 -1.74 -8.68 0.07
N ILE A 20 -2.66 -7.73 -0.09
CA ILE A 20 -4.06 -7.96 0.25
C ILE A 20 -4.85 -8.45 -0.96
N CYS A 21 -4.57 -7.86 -2.11
CA CYS A 21 -5.25 -8.24 -3.35
C CYS A 21 -4.57 -9.42 -4.01
N HIS A 22 -3.23 -9.48 -3.89
CA HIS A 22 -2.46 -10.56 -4.48
C HIS A 22 -2.60 -10.57 -6.00
N GLU A 23 -2.56 -9.38 -6.60
CA GLU A 23 -2.68 -9.25 -8.04
C GLU A 23 -1.75 -8.16 -8.57
N ARG A 24 -1.76 -7.97 -9.88
CA ARG A 24 -0.92 -6.96 -10.51
C ARG A 24 -1.17 -5.59 -9.89
N LEU A 25 -0.09 -4.83 -9.70
CA LEU A 25 -0.20 -3.49 -9.11
C LEU A 25 -0.04 -2.42 -10.19
N GLU A 26 -0.88 -1.40 -10.13
CA GLU A 26 -0.83 -0.30 -11.09
C GLU A 26 0.60 0.17 -11.31
N ASP A 27 1.23 0.64 -10.24
CA ASP A 27 2.61 1.12 -10.31
C ASP A 27 3.14 1.46 -8.92
N THR A 28 4.44 1.69 -8.83
CA THR A 28 5.07 2.03 -7.56
C THR A 28 4.13 2.82 -6.67
N HIS A 29 3.30 3.66 -7.29
CA HIS A 29 2.35 4.49 -6.55
C HIS A 29 1.86 3.75 -5.30
N PHE A 30 1.50 2.49 -5.46
CA PHE A 30 1.02 1.68 -4.35
C PHE A 30 1.84 1.93 -3.09
N VAL A 31 1.19 1.83 -1.93
CA VAL A 31 1.87 2.04 -0.66
C VAL A 31 2.69 0.82 -0.26
N GLN A 32 4.01 0.99 -0.20
CA GLN A 32 4.90 -0.11 0.17
C GLN A 32 5.57 0.18 1.51
N CYS A 33 5.72 -0.86 2.32
CA CYS A 33 6.34 -0.73 3.64
C CYS A 33 7.82 -0.40 3.50
N PRO A 34 8.24 0.73 4.10
CA PRO A 34 9.63 1.18 4.07
C PRO A 34 10.55 0.28 4.89
N SER A 35 9.96 -0.63 5.64
CA SER A 35 10.73 -1.55 6.47
C SER A 35 10.60 -2.98 5.97
N VAL A 36 9.41 -3.32 5.49
CA VAL A 36 9.15 -4.66 4.98
C VAL A 36 9.00 -4.64 3.46
N PRO A 37 9.86 -5.40 2.76
CA PRO A 37 9.85 -5.50 1.31
C PRO A 37 8.63 -6.25 0.79
N SER A 38 8.25 -7.31 1.50
CA SER A 38 7.10 -8.13 1.11
C SER A 38 5.82 -7.31 1.18
N HIS A 39 5.65 -6.58 2.28
CA HIS A 39 4.46 -5.75 2.46
C HIS A 39 4.20 -4.88 1.24
N LYS A 40 2.97 -4.94 0.73
CA LYS A 40 2.60 -4.16 -0.45
C LYS A 40 1.11 -3.84 -0.43
N PHE A 41 0.78 -2.59 -0.11
CA PHE A 41 -0.61 -2.15 -0.05
C PHE A 41 -0.85 -0.99 -1.01
N CYS A 42 -1.83 -1.17 -1.90
CA CYS A 42 -2.16 -0.13 -2.88
C CYS A 42 -3.08 0.91 -2.27
N PHE A 43 -3.56 1.83 -3.10
CA PHE A 43 -4.45 2.89 -2.64
C PHE A 43 -5.70 2.30 -2.00
N PRO A 44 -6.40 1.43 -2.74
CA PRO A 44 -7.62 0.79 -2.25
C PRO A 44 -7.34 -0.22 -1.14
N CYS A 45 -6.19 -0.09 -0.50
CA CYS A 45 -5.80 -0.98 0.58
C CYS A 45 -5.42 -0.20 1.83
N SER A 46 -4.85 0.99 1.62
CA SER A 46 -4.43 1.84 2.73
C SER A 46 -5.63 2.52 3.37
N ARG A 47 -6.49 3.11 2.54
CA ARG A 47 -7.67 3.80 3.03
C ARG A 47 -8.37 2.99 4.11
N GLU A 48 -8.90 1.83 3.72
CA GLU A 48 -9.59 0.95 4.66
C GLU A 48 -8.91 0.95 6.02
N SER A 49 -7.58 1.07 6.00
CA SER A 49 -6.80 1.08 7.24
C SER A 49 -6.82 2.46 7.88
N ILE A 50 -6.78 3.50 7.06
CA ILE A 50 -6.79 4.88 7.54
C ILE A 50 -8.10 5.18 8.27
N LYS A 51 -9.19 4.61 7.78
CA LYS A 51 -10.50 4.81 8.39
C LYS A 51 -10.68 3.92 9.60
N ALA A 52 -10.32 2.65 9.46
CA ALA A 52 -10.45 1.70 10.55
C ALA A 52 -9.61 2.12 11.75
N GLN A 53 -8.37 2.53 11.49
CA GLN A 53 -7.47 2.97 12.55
C GLN A 53 -7.83 4.37 13.04
N GLY A 54 -7.73 5.34 12.12
CA GLY A 54 -8.04 6.72 12.48
C GLY A 54 -7.68 7.69 11.37
N ALA A 55 -8.68 8.11 10.61
CA ALA A 55 -8.47 9.04 9.51
C ALA A 55 -7.78 10.31 10.00
N THR A 56 -8.32 10.89 11.07
CA THR A 56 -7.76 12.11 11.64
C THR A 56 -6.59 11.80 12.58
N GLY A 57 -6.65 10.63 13.21
CA GLY A 57 -5.59 10.24 14.13
C GLY A 57 -4.44 9.56 13.41
N GLU A 58 -3.71 8.71 14.13
CA GLU A 58 -2.58 8.00 13.56
C GLU A 58 -3.03 6.71 12.87
N VAL A 59 -2.32 6.32 11.82
CA VAL A 59 -2.64 5.11 11.08
C VAL A 59 -1.40 4.25 10.87
N TYR A 60 -1.33 3.13 11.59
CA TYR A 60 -0.20 2.22 11.48
C TYR A 60 -0.34 1.31 10.26
N CYS A 61 0.72 0.58 9.94
CA CYS A 61 0.72 -0.32 8.80
C CYS A 61 -0.66 -0.95 8.61
N PRO A 62 -1.13 -0.99 7.35
CA PRO A 62 -2.43 -1.55 7.00
C PRO A 62 -2.47 -3.07 7.17
N SER A 63 -1.36 -3.64 7.63
CA SER A 63 -1.26 -5.08 7.84
C SER A 63 -1.65 -5.45 9.27
N GLY A 64 -1.40 -4.53 10.19
CA GLY A 64 -1.72 -4.79 11.59
C GLY A 64 -0.52 -5.31 12.37
N GLU A 65 0.67 -4.92 11.95
CA GLU A 65 1.89 -5.35 12.62
C GLU A 65 2.64 -4.17 13.23
N LYS A 66 2.33 -2.98 12.74
CA LYS A 66 2.96 -1.76 13.24
C LYS A 66 4.46 -1.77 12.95
N CYS A 67 4.81 -2.06 11.70
CA CYS A 67 6.21 -2.11 11.29
C CYS A 67 6.86 -0.73 11.42
N PRO A 68 8.00 -0.69 12.14
CA PRO A 68 8.75 0.56 12.35
C PRO A 68 9.40 1.07 11.08
N LEU A 69 9.51 2.39 10.97
CA LEU A 69 10.12 3.02 9.80
C LEU A 69 11.30 2.21 9.30
N VAL A 70 11.65 2.38 8.03
CA VAL A 70 12.77 1.66 7.44
C VAL A 70 13.92 1.55 8.41
N GLY A 71 14.06 2.53 9.29
CA GLY A 71 15.13 2.52 10.26
C GLY A 71 14.78 3.30 11.53
N SER A 72 13.96 4.33 11.37
CA SER A 72 13.55 5.16 12.50
C SER A 72 12.72 4.36 13.48
N ASN A 73 12.97 4.57 14.77
CA ASN A 73 12.23 3.86 15.82
C ASN A 73 10.83 4.44 16.00
N VAL A 74 10.14 4.64 14.88
CA VAL A 74 8.78 5.18 14.91
C VAL A 74 7.95 4.64 13.76
N PRO A 75 6.79 4.06 14.08
CA PRO A 75 5.88 3.50 13.08
C PRO A 75 5.20 4.58 12.23
N TRP A 76 5.60 4.66 10.96
CA TRP A 76 5.04 5.66 10.06
C TRP A 76 3.52 5.70 10.18
N ALA A 77 2.97 6.88 10.47
CA ALA A 77 1.54 7.05 10.60
C ALA A 77 1.00 8.06 9.58
N PHE A 78 0.22 7.57 8.63
CA PHE A 78 -0.34 8.42 7.59
C PHE A 78 -0.67 9.80 8.15
N MET A 79 -0.34 10.83 7.37
CA MET A 79 -0.60 12.21 7.78
C MET A 79 -1.55 12.90 6.81
N GLN A 80 -2.14 14.01 7.25
CA GLN A 80 -3.06 14.76 6.40
C GLN A 80 -2.65 14.68 4.95
N GLY A 81 -1.36 14.86 4.68
CA GLY A 81 -0.86 14.81 3.33
C GLY A 81 -1.34 13.58 2.57
N GLU A 82 -0.75 12.43 2.89
CA GLU A 82 -1.13 11.18 2.23
C GLU A 82 -2.57 10.80 2.57
N ILE A 83 -2.89 10.81 3.86
CA ILE A 83 -4.23 10.47 4.31
C ILE A 83 -5.29 10.92 3.31
N ALA A 84 -5.05 12.08 2.71
CA ALA A 84 -5.98 12.62 1.72
C ALA A 84 -5.61 12.18 0.31
N THR A 85 -4.31 12.15 0.03
CA THR A 85 -3.82 11.75 -1.29
C THR A 85 -4.40 10.39 -1.69
N ILE A 86 -4.43 9.46 -0.75
CA ILE A 86 -4.96 8.13 -1.01
C ILE A 86 -6.48 8.11 -0.95
N LEU A 87 -7.03 8.51 0.19
CA LEU A 87 -8.47 8.55 0.38
C LEU A 87 -9.17 9.10 -0.86
N SER A 88 -8.71 10.25 -1.34
CA SER A 88 -9.28 10.88 -2.52
C SER A 88 -8.35 10.77 -3.71
N GLY A 89 -7.68 9.61 -3.83
CA GLY A 89 -6.76 9.40 -4.93
C GLY A 89 -7.37 9.75 -6.27
N PRO A 90 -6.58 9.61 -7.34
CA PRO A 90 -7.02 9.92 -8.70
C PRO A 90 -8.06 8.93 -9.22
N SER A 91 -7.74 7.64 -9.10
CA SER A 91 -8.64 6.59 -9.55
C SER A 91 -9.41 7.03 -10.80
N SER A 92 -8.70 7.67 -11.72
CA SER A 92 -9.32 8.15 -12.95
C SER A 92 -8.66 7.50 -14.17
N GLY A 93 -8.40 6.21 -14.07
CA GLY A 93 -7.79 5.48 -15.17
C GLY A 93 -7.26 4.13 -14.75
ZN ZN B . -4.28 -4.02 -2.66
ZN ZN C . 4.46 -3.20 7.17
N GLY A 1 -1.92 -13.03 -30.14
CA GLY A 1 -2.11 -13.50 -31.51
C GLY A 1 -3.35 -12.93 -32.14
N SER A 2 -4.52 -13.29 -31.61
CA SER A 2 -5.79 -12.81 -32.15
C SER A 2 -6.28 -11.59 -31.37
N SER A 3 -6.28 -11.71 -30.04
CA SER A 3 -6.73 -10.62 -29.18
C SER A 3 -5.56 -9.73 -28.77
N GLY A 4 -5.47 -8.56 -29.40
CA GLY A 4 -4.39 -7.64 -29.09
C GLY A 4 -3.23 -7.76 -30.05
N SER A 5 -2.43 -6.71 -30.15
CA SER A 5 -1.28 -6.70 -31.04
C SER A 5 -0.06 -7.33 -30.37
N SER A 6 0.37 -6.73 -29.27
CA SER A 6 1.52 -7.22 -28.53
C SER A 6 1.11 -8.33 -27.56
N GLY A 7 1.75 -9.50 -27.71
CA GLY A 7 1.43 -10.62 -26.84
C GLY A 7 1.48 -10.25 -25.37
N SER A 8 2.59 -10.60 -24.71
CA SER A 8 2.76 -10.29 -23.29
C SER A 8 4.07 -9.56 -23.05
N PRO A 9 4.10 -8.26 -23.36
CA PRO A 9 5.29 -7.42 -23.17
C PRO A 9 5.60 -7.18 -21.70
N MET A 10 6.89 -7.01 -21.39
CA MET A 10 7.32 -6.77 -20.02
C MET A 10 6.97 -5.35 -19.58
N ALA A 11 6.33 -5.24 -18.42
CA ALA A 11 5.95 -3.94 -17.89
C ALA A 11 5.56 -4.05 -16.41
N ASN A 12 5.56 -2.91 -15.73
CA ASN A 12 5.21 -2.88 -14.30
C ASN A 12 3.99 -3.74 -14.03
N SER A 13 3.74 -4.00 -12.75
CA SER A 13 2.59 -4.82 -12.35
C SER A 13 2.74 -6.24 -12.86
N GLY A 14 3.94 -6.81 -12.70
CA GLY A 14 4.18 -8.17 -13.15
C GLY A 14 4.78 -9.04 -12.07
N PRO A 15 6.08 -8.83 -11.77
CA PRO A 15 6.78 -9.59 -10.75
C PRO A 15 6.31 -9.26 -9.35
N LEU A 16 5.92 -8.01 -9.13
CA LEU A 16 5.43 -7.56 -7.83
C LEU A 16 3.92 -7.45 -7.82
N CYS A 17 3.31 -7.88 -6.72
CA CYS A 17 1.85 -7.83 -6.58
C CYS A 17 1.45 -7.43 -5.17
N CYS A 18 0.24 -6.92 -5.02
CA CYS A 18 -0.27 -6.50 -3.72
C CYS A 18 -0.30 -7.67 -2.74
N THR A 19 -0.21 -7.36 -1.45
CA THR A 19 -0.23 -8.39 -0.41
C THR A 19 -1.65 -8.72 0.01
N ILE A 20 -2.51 -7.71 0.02
CA ILE A 20 -3.92 -7.90 0.40
C ILE A 20 -4.74 -8.42 -0.78
N CYS A 21 -4.56 -7.78 -1.94
CA CYS A 21 -5.29 -8.17 -3.13
C CYS A 21 -4.66 -9.39 -3.77
N HIS A 22 -3.34 -9.37 -3.92
CA HIS A 22 -2.60 -10.48 -4.52
C HIS A 22 -3.05 -10.71 -5.96
N GLU A 23 -3.23 -9.62 -6.70
CA GLU A 23 -3.65 -9.70 -8.09
C GLU A 23 -2.72 -8.91 -9.00
N ARG A 24 -2.58 -7.62 -8.71
CA ARG A 24 -1.72 -6.75 -9.49
C ARG A 24 -1.64 -5.36 -8.87
N LEU A 25 -0.70 -4.55 -9.36
CA LEU A 25 -0.51 -3.20 -8.85
C LEU A 25 -0.41 -2.19 -10.00
N GLU A 26 -1.36 -1.26 -10.04
CA GLU A 26 -1.38 -0.25 -11.09
C GLU A 26 0.03 0.26 -11.37
N ASP A 27 0.67 0.84 -10.37
CA ASP A 27 2.02 1.36 -10.50
C ASP A 27 2.60 1.75 -9.15
N THR A 28 3.90 2.04 -9.13
CA THR A 28 4.57 2.41 -7.89
C THR A 28 3.63 3.12 -6.93
N HIS A 29 2.75 3.96 -7.49
CA HIS A 29 1.78 4.70 -6.68
C HIS A 29 1.41 3.90 -5.43
N PHE A 30 1.24 2.60 -5.60
CA PHE A 30 0.87 1.73 -4.49
C PHE A 30 1.76 1.99 -3.27
N VAL A 31 1.20 1.79 -2.08
CA VAL A 31 1.94 2.00 -0.84
C VAL A 31 2.82 0.81 -0.52
N GLN A 32 4.02 1.09 -0.02
CA GLN A 32 4.97 0.04 0.33
C GLN A 32 5.59 0.29 1.70
N CYS A 33 5.66 -0.76 2.52
CA CYS A 33 6.24 -0.64 3.85
C CYS A 33 7.73 -0.30 3.79
N PRO A 34 8.11 0.77 4.50
CA PRO A 34 9.51 1.22 4.54
C PRO A 34 10.42 0.26 5.29
N SER A 35 9.81 -0.69 5.99
CA SER A 35 10.57 -1.68 6.76
C SER A 35 10.41 -3.07 6.14
N VAL A 36 9.22 -3.38 5.67
CA VAL A 36 8.94 -4.67 5.05
C VAL A 36 8.83 -4.55 3.55
N PRO A 37 9.73 -5.24 2.82
CA PRO A 37 9.74 -5.22 1.35
C PRO A 37 8.55 -5.96 0.76
N SER A 38 8.16 -7.06 1.39
CA SER A 38 7.03 -7.86 0.93
C SER A 38 5.73 -7.07 1.00
N HIS A 39 5.51 -6.41 2.15
CA HIS A 39 4.31 -5.62 2.35
C HIS A 39 4.04 -4.72 1.15
N LYS A 40 2.94 -4.98 0.45
CA LYS A 40 2.57 -4.20 -0.72
C LYS A 40 1.08 -3.86 -0.69
N PHE A 41 0.76 -2.65 -0.22
CA PHE A 41 -0.62 -2.20 -0.15
C PHE A 41 -0.88 -1.05 -1.12
N CYS A 42 -1.84 -1.23 -2.01
CA CYS A 42 -2.18 -0.21 -2.99
C CYS A 42 -3.09 0.85 -2.38
N PHE A 43 -3.57 1.76 -3.21
CA PHE A 43 -4.44 2.84 -2.76
C PHE A 43 -5.69 2.27 -2.08
N PRO A 44 -6.40 1.38 -2.80
CA PRO A 44 -7.61 0.74 -2.29
C PRO A 44 -7.33 -0.25 -1.16
N CYS A 45 -6.17 -0.09 -0.53
CA CYS A 45 -5.78 -0.97 0.56
C CYS A 45 -5.42 -0.16 1.81
N SER A 46 -4.76 0.97 1.60
CA SER A 46 -4.34 1.82 2.71
C SER A 46 -5.56 2.50 3.34
N ARG A 47 -6.41 3.08 2.50
CA ARG A 47 -7.61 3.78 2.97
C ARG A 47 -8.31 2.95 4.03
N GLU A 48 -8.78 1.77 3.66
CA GLU A 48 -9.48 0.89 4.59
C GLU A 48 -8.79 0.88 5.94
N SER A 49 -7.47 1.02 5.93
CA SER A 49 -6.69 1.02 7.16
C SER A 49 -6.67 2.40 7.79
N ILE A 50 -6.76 3.42 6.96
CA ILE A 50 -6.74 4.80 7.43
C ILE A 50 -8.03 5.13 8.19
N LYS A 51 -9.13 4.52 7.79
CA LYS A 51 -10.41 4.73 8.43
C LYS A 51 -10.57 3.84 9.66
N ALA A 52 -10.15 2.59 9.53
CA ALA A 52 -10.24 1.64 10.64
C ALA A 52 -9.37 2.07 11.80
N GLN A 53 -8.11 2.39 11.52
CA GLN A 53 -7.18 2.82 12.55
C GLN A 53 -7.49 4.23 13.02
N GLY A 54 -7.35 5.19 12.10
CA GLY A 54 -7.62 6.58 12.44
C GLY A 54 -7.48 7.50 11.24
N ALA A 55 -8.61 7.83 10.62
CA ALA A 55 -8.60 8.72 9.46
C ALA A 55 -7.94 10.05 9.79
N THR A 56 -8.26 10.60 10.95
CA THR A 56 -7.70 11.88 11.37
C THR A 56 -6.46 11.67 12.23
N GLY A 57 -6.51 10.69 13.12
CA GLY A 57 -5.38 10.39 13.98
C GLY A 57 -4.26 9.68 13.25
N GLU A 58 -3.49 8.88 13.99
CA GLU A 58 -2.38 8.14 13.40
C GLU A 58 -2.88 6.90 12.68
N VAL A 59 -2.04 6.36 11.79
CA VAL A 59 -2.39 5.16 11.04
C VAL A 59 -1.18 4.27 10.83
N TYR A 60 -1.13 3.17 11.57
CA TYR A 60 -0.02 2.23 11.47
C TYR A 60 -0.16 1.35 10.23
N CYS A 61 0.90 0.62 9.90
CA CYS A 61 0.90 -0.27 8.74
C CYS A 61 -0.49 -0.84 8.51
N PRO A 62 -0.93 -0.84 7.24
CA PRO A 62 -2.25 -1.36 6.85
C PRO A 62 -2.32 -2.88 6.97
N SER A 63 -1.25 -3.48 7.48
CA SER A 63 -1.19 -4.93 7.65
C SER A 63 -1.55 -5.34 9.07
N GLY A 64 -1.21 -4.48 10.03
CA GLY A 64 -1.51 -4.76 11.42
C GLY A 64 -0.32 -5.33 12.17
N GLU A 65 0.88 -4.92 11.76
CA GLU A 65 2.10 -5.39 12.39
C GLU A 65 2.91 -4.23 12.96
N LYS A 66 2.24 -3.10 13.16
CA LYS A 66 2.90 -1.91 13.70
C LYS A 66 4.35 -1.84 13.25
N CYS A 67 4.58 -2.07 11.96
CA CYS A 67 5.92 -2.03 11.40
C CYS A 67 6.56 -0.65 11.62
N PRO A 68 7.67 -0.63 12.36
CA PRO A 68 8.40 0.61 12.66
C PRO A 68 9.10 1.18 11.43
N LEU A 69 9.45 2.46 11.48
CA LEU A 69 10.12 3.12 10.38
C LEU A 69 11.55 2.59 10.20
N VAL A 70 11.95 2.42 8.95
CA VAL A 70 13.30 1.92 8.64
C VAL A 70 14.35 2.63 9.47
N GLY A 71 15.06 1.88 10.31
CA GLY A 71 16.09 2.46 11.14
C GLY A 71 15.53 3.17 12.36
N SER A 72 14.47 3.95 12.14
CA SER A 72 13.84 4.68 13.23
C SER A 72 12.95 3.78 14.06
N ASN A 73 12.96 3.99 15.37
CA ASN A 73 12.16 3.17 16.28
C ASN A 73 10.77 3.77 16.45
N VAL A 74 10.22 4.29 15.36
CA VAL A 74 8.89 4.89 15.37
C VAL A 74 8.07 4.44 14.17
N PRO A 75 6.83 4.00 14.42
CA PRO A 75 5.92 3.54 13.36
C PRO A 75 5.44 4.68 12.48
N TRP A 76 5.52 4.49 11.17
CA TRP A 76 5.09 5.50 10.22
C TRP A 76 3.56 5.64 10.21
N ALA A 77 3.09 6.85 10.45
CA ALA A 77 1.65 7.12 10.48
C ALA A 77 1.26 8.11 9.40
N PHE A 78 0.44 7.64 8.45
CA PHE A 78 -0.01 8.49 7.35
C PHE A 78 -0.24 9.92 7.82
N MET A 79 0.21 10.88 7.02
CA MET A 79 0.04 12.29 7.36
C MET A 79 -1.04 12.94 6.50
N GLN A 80 -1.61 14.04 7.00
CA GLN A 80 -2.65 14.75 6.27
C GLN A 80 -2.42 14.67 4.76
N GLY A 81 -1.15 14.77 4.36
CA GLY A 81 -0.83 14.71 2.95
C GLY A 81 -1.27 13.40 2.31
N GLU A 82 -0.60 12.32 2.66
CA GLU A 82 -0.93 11.00 2.12
C GLU A 82 -2.36 10.61 2.47
N ILE A 83 -2.72 10.78 3.74
CA ILE A 83 -4.05 10.43 4.21
C ILE A 83 -5.12 10.91 3.23
N ALA A 84 -4.87 12.05 2.60
CA ALA A 84 -5.81 12.60 1.64
C ALA A 84 -5.46 12.16 0.22
N THR A 85 -4.17 12.14 -0.10
CA THR A 85 -3.71 11.73 -1.42
C THR A 85 -4.27 10.37 -1.80
N ILE A 86 -4.25 9.44 -0.85
CA ILE A 86 -4.76 8.09 -1.08
C ILE A 86 -6.28 8.05 -0.98
N LEU A 87 -6.80 8.44 0.17
CA LEU A 87 -8.25 8.45 0.39
C LEU A 87 -8.99 8.97 -0.84
N SER A 88 -8.65 10.19 -1.25
CA SER A 88 -9.29 10.80 -2.42
C SER A 88 -8.65 10.28 -3.71
N GLY A 89 -8.40 8.98 -3.77
CA GLY A 89 -7.80 8.39 -4.94
C GLY A 89 -8.82 8.10 -6.04
N PRO A 90 -8.42 7.29 -7.02
CA PRO A 90 -9.29 6.93 -8.15
C PRO A 90 -10.44 6.02 -7.72
N SER A 91 -11.45 5.90 -8.58
CA SER A 91 -12.61 5.07 -8.30
C SER A 91 -12.31 3.60 -8.57
N SER A 92 -11.77 2.92 -7.56
CA SER A 92 -11.43 1.51 -7.70
C SER A 92 -11.29 0.85 -6.33
N GLY A 93 -11.80 -0.37 -6.21
CA GLY A 93 -11.71 -1.09 -4.95
C GLY A 93 -13.08 -1.53 -4.45
ZN ZN B . -4.38 -4.08 -2.64
ZN ZN C . 4.42 -3.34 7.24
N GLY A 1 26.80 -6.58 -21.88
CA GLY A 1 26.12 -5.68 -22.78
C GLY A 1 24.61 -5.83 -22.73
N SER A 2 23.90 -5.11 -23.59
CA SER A 2 22.45 -5.17 -23.63
C SER A 2 21.98 -6.21 -24.65
N SER A 3 22.64 -7.35 -24.66
CA SER A 3 22.30 -8.43 -25.58
C SER A 3 21.95 -9.71 -24.82
N GLY A 4 20.73 -10.19 -25.03
CA GLY A 4 20.28 -11.41 -24.36
C GLY A 4 19.54 -11.11 -23.08
N SER A 5 18.45 -10.37 -23.18
CA SER A 5 17.64 -10.01 -22.02
C SER A 5 16.22 -10.56 -22.14
N SER A 6 16.05 -11.83 -21.79
CA SER A 6 14.75 -12.48 -21.87
C SER A 6 13.96 -12.25 -20.58
N GLY A 7 14.50 -12.73 -19.46
CA GLY A 7 13.84 -12.57 -18.18
C GLY A 7 14.54 -13.33 -17.07
N SER A 8 13.76 -14.08 -16.30
CA SER A 8 14.32 -14.85 -15.19
C SER A 8 13.95 -16.33 -15.32
N PRO A 9 14.71 -17.06 -16.15
CA PRO A 9 14.49 -18.48 -16.38
C PRO A 9 14.84 -19.33 -15.17
N MET A 10 13.91 -19.43 -14.23
CA MET A 10 14.12 -20.21 -13.01
C MET A 10 12.80 -20.73 -12.47
N ALA A 11 12.88 -21.71 -11.56
CA ALA A 11 11.69 -22.30 -10.96
C ALA A 11 11.16 -21.44 -9.82
N ASN A 12 10.46 -20.36 -10.17
CA ASN A 12 9.91 -19.46 -9.18
C ASN A 12 8.81 -18.58 -9.79
N SER A 13 7.61 -18.68 -9.23
CA SER A 13 6.47 -17.91 -9.72
C SER A 13 5.87 -17.06 -8.61
N GLY A 14 6.14 -15.75 -8.65
CA GLY A 14 5.62 -14.85 -7.64
C GLY A 14 6.11 -13.43 -7.83
N PRO A 15 5.70 -12.80 -8.93
CA PRO A 15 6.09 -11.42 -9.26
C PRO A 15 5.44 -10.41 -8.32
N LEU A 16 5.68 -9.13 -8.58
CA LEU A 16 5.13 -8.06 -7.76
C LEU A 16 3.60 -8.15 -7.72
N CYS A 17 3.05 -8.18 -6.52
CA CYS A 17 1.60 -8.27 -6.34
C CYS A 17 1.19 -7.85 -4.94
N CYS A 18 0.20 -6.98 -4.84
CA CYS A 18 -0.28 -6.50 -3.56
C CYS A 18 -0.28 -7.62 -2.52
N THR A 19 -0.23 -7.24 -1.25
CA THR A 19 -0.21 -8.21 -0.16
C THR A 19 -1.63 -8.62 0.23
N ILE A 20 -2.58 -7.71 0.04
CA ILE A 20 -3.97 -7.99 0.37
C ILE A 20 -4.74 -8.49 -0.85
N CYS A 21 -4.55 -7.82 -1.98
CA CYS A 21 -5.21 -8.20 -3.22
C CYS A 21 -4.51 -9.38 -3.88
N HIS A 22 -3.17 -9.38 -3.81
CA HIS A 22 -2.37 -10.44 -4.40
C HIS A 22 -2.54 -10.46 -5.92
N GLU A 23 -2.57 -9.28 -6.52
CA GLU A 23 -2.72 -9.18 -7.96
C GLU A 23 -1.76 -8.15 -8.54
N ARG A 24 -1.87 -7.90 -9.84
CA ARG A 24 -1.00 -6.93 -10.51
C ARG A 24 -1.26 -5.52 -10.00
N LEU A 25 -0.28 -4.98 -9.27
CA LEU A 25 -0.39 -3.63 -8.72
C LEU A 25 -0.27 -2.58 -9.81
N GLU A 26 -1.13 -1.57 -9.75
CA GLU A 26 -1.11 -0.49 -10.74
C GLU A 26 0.32 -0.07 -11.07
N ASP A 27 1.04 0.38 -10.04
CA ASP A 27 2.42 0.83 -10.21
C ASP A 27 3.04 1.18 -8.86
N THR A 28 4.35 1.41 -8.87
CA THR A 28 5.06 1.76 -7.64
C THR A 28 4.19 2.61 -6.72
N HIS A 29 3.40 3.49 -7.31
CA HIS A 29 2.51 4.35 -6.54
C HIS A 29 2.00 3.65 -5.29
N PHE A 30 1.55 2.41 -5.46
CA PHE A 30 1.04 1.62 -4.35
C PHE A 30 1.86 1.87 -3.09
N VAL A 31 1.20 1.75 -1.93
CA VAL A 31 1.86 1.96 -0.65
C VAL A 31 2.77 0.79 -0.30
N GLN A 32 4.07 1.04 -0.26
CA GLN A 32 5.03 0.00 0.07
C GLN A 32 5.68 0.25 1.43
N CYS A 33 5.70 -0.78 2.27
CA CYS A 33 6.28 -0.67 3.60
C CYS A 33 7.74 -0.24 3.52
N PRO A 34 8.07 0.86 4.22
CA PRO A 34 9.44 1.39 4.24
C PRO A 34 10.40 0.50 5.02
N SER A 35 9.86 -0.57 5.59
CA SER A 35 10.67 -1.50 6.36
C SER A 35 10.56 -2.91 5.79
N VAL A 36 9.36 -3.30 5.41
CA VAL A 36 9.11 -4.62 4.86
C VAL A 36 8.93 -4.56 3.35
N PRO A 37 9.78 -5.29 2.62
CA PRO A 37 9.74 -5.33 1.15
C PRO A 37 8.51 -6.07 0.62
N SER A 38 8.14 -7.16 1.31
CA SER A 38 6.99 -7.95 0.91
C SER A 38 5.70 -7.14 1.04
N HIS A 39 5.56 -6.45 2.16
CA HIS A 39 4.38 -5.63 2.40
C HIS A 39 4.13 -4.66 1.26
N LYS A 40 3.09 -4.92 0.48
CA LYS A 40 2.75 -4.08 -0.66
C LYS A 40 1.25 -3.80 -0.70
N PHE A 41 0.85 -2.65 -0.16
CA PHE A 41 -0.56 -2.27 -0.14
C PHE A 41 -0.82 -1.11 -1.08
N CYS A 42 -1.84 -1.26 -1.93
CA CYS A 42 -2.20 -0.23 -2.89
C CYS A 42 -3.11 0.82 -2.25
N PHE A 43 -3.59 1.76 -3.06
CA PHE A 43 -4.47 2.82 -2.57
C PHE A 43 -5.71 2.23 -1.91
N PRO A 44 -6.41 1.36 -2.64
CA PRO A 44 -7.63 0.72 -2.14
C PRO A 44 -7.35 -0.30 -1.04
N CYS A 45 -6.19 -0.15 -0.40
CA CYS A 45 -5.80 -1.06 0.68
C CYS A 45 -5.41 -0.27 1.92
N SER A 46 -4.76 0.87 1.72
CA SER A 46 -4.33 1.72 2.83
C SER A 46 -5.51 2.46 3.44
N ARG A 47 -6.36 3.02 2.58
CA ARG A 47 -7.52 3.76 3.03
C ARG A 47 -8.29 2.98 4.11
N GLU A 48 -8.81 1.82 3.72
CA GLU A 48 -9.57 0.99 4.65
C GLU A 48 -8.91 0.96 6.03
N SER A 49 -7.59 1.13 6.04
CA SER A 49 -6.83 1.13 7.29
C SER A 49 -6.79 2.52 7.89
N ILE A 50 -6.73 3.54 7.04
CA ILE A 50 -6.68 4.92 7.49
C ILE A 50 -7.97 5.31 8.21
N LYS A 51 -9.08 4.75 7.75
CA LYS A 51 -10.38 5.04 8.35
C LYS A 51 -10.63 4.16 9.58
N ALA A 52 -10.28 2.88 9.46
CA ALA A 52 -10.45 1.94 10.56
C ALA A 52 -9.61 2.34 11.77
N GLN A 53 -8.32 2.59 11.53
CA GLN A 53 -7.41 2.98 12.59
C GLN A 53 -7.70 4.40 13.06
N GLY A 54 -7.57 5.36 12.16
CA GLY A 54 -7.83 6.75 12.50
C GLY A 54 -7.59 7.69 11.33
N ALA A 55 -8.67 8.06 10.65
CA ALA A 55 -8.58 8.96 9.50
C ALA A 55 -7.83 10.23 9.87
N THR A 56 -8.17 10.81 11.02
CA THR A 56 -7.53 12.03 11.47
C THR A 56 -6.35 11.72 12.39
N GLY A 57 -6.47 10.65 13.16
CA GLY A 57 -5.40 10.27 14.07
C GLY A 57 -4.26 9.57 13.36
N GLU A 58 -3.58 8.67 14.06
CA GLU A 58 -2.46 7.94 13.50
C GLU A 58 -2.93 6.65 12.84
N VAL A 59 -2.21 6.20 11.82
CA VAL A 59 -2.55 4.97 11.11
C VAL A 59 -1.33 4.11 10.89
N TYR A 60 -1.27 2.97 11.57
CA TYR A 60 -0.15 2.06 11.45
C TYR A 60 -0.29 1.17 10.21
N CYS A 61 0.75 0.40 9.92
CA CYS A 61 0.74 -0.49 8.76
C CYS A 61 -0.66 -1.05 8.53
N PRO A 62 -1.10 -1.05 7.26
CA PRO A 62 -2.42 -1.56 6.88
C PRO A 62 -2.52 -3.07 7.00
N SER A 63 -1.45 -3.68 7.51
CA SER A 63 -1.42 -5.13 7.68
C SER A 63 -1.77 -5.52 9.11
N GLY A 64 -1.45 -4.64 10.05
CA GLY A 64 -1.75 -4.91 11.44
C GLY A 64 -0.54 -5.46 12.19
N GLU A 65 0.65 -5.05 11.78
CA GLU A 65 1.88 -5.51 12.41
C GLU A 65 2.60 -4.34 13.10
N LYS A 66 2.23 -3.12 12.72
CA LYS A 66 2.84 -1.93 13.30
C LYS A 66 4.34 -1.89 12.99
N CYS A 67 4.70 -2.14 11.74
CA CYS A 67 6.09 -2.13 11.32
C CYS A 67 6.71 -0.76 11.55
N PRO A 68 7.85 -0.74 12.26
CA PRO A 68 8.57 0.50 12.57
C PRO A 68 9.22 1.12 11.33
N LEU A 69 9.59 2.39 11.44
CA LEU A 69 10.22 3.09 10.33
C LEU A 69 11.66 2.62 10.13
N VAL A 70 12.07 2.49 8.87
CA VAL A 70 13.41 2.05 8.55
C VAL A 70 14.45 2.81 9.37
N GLY A 71 15.22 2.07 10.16
CA GLY A 71 16.25 2.68 10.99
C GLY A 71 15.67 3.33 12.23
N SER A 72 14.56 4.04 12.07
CA SER A 72 13.92 4.71 13.20
C SER A 72 13.14 3.71 14.05
N ASN A 73 13.01 4.03 15.33
CA ASN A 73 12.30 3.16 16.26
C ASN A 73 10.88 3.68 16.51
N VAL A 74 10.24 4.18 15.45
CA VAL A 74 8.89 4.70 15.54
C VAL A 74 8.04 4.25 14.35
N PRO A 75 6.79 3.85 14.63
CA PRO A 75 5.86 3.39 13.61
C PRO A 75 5.39 4.52 12.71
N TRP A 76 5.43 4.30 11.40
CA TRP A 76 5.02 5.31 10.43
C TRP A 76 3.50 5.45 10.42
N ALA A 77 3.02 6.68 10.60
CA ALA A 77 1.59 6.95 10.60
C ALA A 77 1.21 7.94 9.51
N PHE A 78 0.38 7.49 8.58
CA PHE A 78 -0.06 8.33 7.47
C PHE A 78 -0.33 9.76 7.95
N MET A 79 0.13 10.73 7.18
CA MET A 79 -0.06 12.14 7.52
C MET A 79 -1.22 12.74 6.74
N GLN A 80 -1.94 13.67 7.37
CA GLN A 80 -3.08 14.32 6.72
C GLN A 80 -2.87 14.42 5.22
N GLY A 81 -1.65 14.75 4.81
CA GLY A 81 -1.34 14.87 3.40
C GLY A 81 -1.79 13.67 2.60
N GLU A 82 -1.09 12.56 2.76
CA GLU A 82 -1.42 11.34 2.04
C GLU A 82 -2.81 10.84 2.43
N ILE A 83 -3.10 10.84 3.72
CA ILE A 83 -4.39 10.40 4.22
C ILE A 83 -5.51 10.82 3.28
N ALA A 84 -5.38 12.00 2.69
CA ALA A 84 -6.38 12.51 1.76
C ALA A 84 -6.04 12.12 0.32
N THR A 85 -4.76 12.21 -0.03
CA THR A 85 -4.31 11.87 -1.37
C THR A 85 -4.79 10.48 -1.78
N ILE A 86 -4.67 9.52 -0.87
CA ILE A 86 -5.10 8.15 -1.14
C ILE A 86 -6.61 8.01 -0.98
N LEU A 87 -7.12 8.42 0.16
CA LEU A 87 -8.55 8.35 0.45
C LEU A 87 -9.36 8.69 -0.79
N SER A 88 -9.12 9.88 -1.35
CA SER A 88 -9.83 10.32 -2.53
C SER A 88 -9.10 9.89 -3.80
N GLY A 89 -7.89 10.39 -3.99
CA GLY A 89 -7.11 10.05 -5.16
C GLY A 89 -7.47 10.88 -6.37
N PRO A 90 -7.22 12.19 -6.29
CA PRO A 90 -7.51 13.13 -7.37
C PRO A 90 -6.59 12.93 -8.58
N SER A 91 -5.73 11.92 -8.50
CA SER A 91 -4.80 11.63 -9.58
C SER A 91 -5.50 10.90 -10.71
N SER A 92 -5.88 11.65 -11.74
CA SER A 92 -6.56 11.07 -12.89
C SER A 92 -5.58 10.47 -13.88
N GLY A 93 -5.75 9.19 -14.16
CA GLY A 93 -4.85 8.50 -15.09
C GLY A 93 -5.41 7.16 -15.55
ZN ZN B . -4.39 -4.12 -2.54
ZN ZN C . 4.42 -3.32 7.15
N GLY A 1 -20.19 4.70 6.22
CA GLY A 1 -19.95 3.36 5.69
C GLY A 1 -18.66 2.76 6.18
N SER A 2 -18.69 2.23 7.41
CA SER A 2 -17.51 1.62 8.00
C SER A 2 -17.04 0.42 7.19
N SER A 3 -18.00 -0.41 6.79
CA SER A 3 -17.68 -1.60 6.00
C SER A 3 -17.22 -1.23 4.60
N GLY A 4 -17.96 -0.32 3.95
CA GLY A 4 -17.61 0.11 2.61
C GLY A 4 -17.68 -1.02 1.61
N SER A 5 -18.11 -0.70 0.39
CA SER A 5 -18.23 -1.70 -0.67
C SER A 5 -16.85 -2.12 -1.17
N SER A 6 -16.58 -3.42 -1.09
CA SER A 6 -15.29 -3.96 -1.53
C SER A 6 -15.45 -4.76 -2.82
N GLY A 7 -14.49 -4.62 -3.73
CA GLY A 7 -14.55 -5.34 -4.98
C GLY A 7 -13.18 -5.79 -5.45
N SER A 8 -13.15 -6.80 -6.33
CA SER A 8 -11.90 -7.31 -6.86
C SER A 8 -12.08 -7.82 -8.27
N PRO A 9 -11.17 -7.41 -9.17
CA PRO A 9 -11.20 -7.82 -10.59
C PRO A 9 -10.87 -9.29 -10.77
N MET A 10 -10.80 -9.72 -12.03
CA MET A 10 -10.49 -11.12 -12.34
C MET A 10 -9.13 -11.50 -11.78
N ALA A 11 -9.01 -12.75 -11.34
CA ALA A 11 -7.76 -13.24 -10.78
C ALA A 11 -6.59 -13.01 -11.72
N ASN A 12 -5.40 -12.84 -11.17
CA ASN A 12 -4.20 -12.61 -11.96
C ASN A 12 -2.94 -12.71 -11.11
N SER A 13 -1.79 -12.82 -11.77
CA SER A 13 -0.52 -12.93 -11.07
C SER A 13 0.56 -12.11 -11.78
N GLY A 14 1.63 -11.80 -11.04
CA GLY A 14 2.72 -11.02 -11.61
C GLY A 14 3.60 -10.41 -10.56
N PRO A 15 4.69 -9.76 -11.01
CA PRO A 15 5.65 -9.10 -10.10
C PRO A 15 5.06 -7.87 -9.43
N LEU A 16 5.54 -7.57 -8.23
CA LEU A 16 5.07 -6.41 -7.47
C LEU A 16 3.58 -6.51 -7.22
N CYS A 17 3.11 -7.71 -6.85
CA CYS A 17 1.71 -7.93 -6.57
C CYS A 17 1.35 -7.50 -5.15
N CYS A 18 0.14 -7.01 -4.97
CA CYS A 18 -0.33 -6.56 -3.66
C CYS A 18 -0.37 -7.73 -2.68
N THR A 19 -0.27 -7.41 -1.38
CA THR A 19 -0.31 -8.43 -0.34
C THR A 19 -1.75 -8.77 0.04
N ILE A 20 -2.60 -7.75 0.08
CA ILE A 20 -4.00 -7.96 0.44
C ILE A 20 -4.80 -8.49 -0.74
N CYS A 21 -4.57 -7.91 -1.92
CA CYS A 21 -5.27 -8.33 -3.13
C CYS A 21 -4.61 -9.56 -3.73
N HIS A 22 -3.30 -9.49 -3.95
CA HIS A 22 -2.55 -10.60 -4.51
C HIS A 22 -2.89 -10.78 -5.99
N GLU A 23 -3.03 -9.67 -6.70
CA GLU A 23 -3.36 -9.71 -8.12
C GLU A 23 -2.33 -8.93 -8.94
N ARG A 24 -2.28 -7.62 -8.72
CA ARG A 24 -1.35 -6.77 -9.44
C ARG A 24 -1.41 -5.33 -8.92
N LEU A 25 -0.26 -4.66 -8.91
CA LEU A 25 -0.19 -3.28 -8.44
C LEU A 25 -0.13 -2.30 -9.61
N GLU A 26 -1.15 -1.47 -9.74
CA GLU A 26 -1.21 -0.48 -10.81
C GLU A 26 0.18 0.05 -11.12
N ASP A 27 0.85 0.58 -10.11
CA ASP A 27 2.19 1.13 -10.27
C ASP A 27 2.79 1.53 -8.93
N THR A 28 4.08 1.85 -8.93
CA THR A 28 4.77 2.25 -7.71
C THR A 28 3.83 3.00 -6.77
N HIS A 29 2.92 3.77 -7.35
CA HIS A 29 1.95 4.54 -6.56
C HIS A 29 1.56 3.78 -5.29
N PHE A 30 1.35 2.48 -5.43
CA PHE A 30 0.97 1.64 -4.29
C PHE A 30 1.83 1.96 -3.07
N VAL A 31 1.27 1.74 -1.88
CA VAL A 31 1.99 2.00 -0.64
C VAL A 31 2.91 0.83 -0.29
N GLN A 32 4.21 1.09 -0.32
CA GLN A 32 5.21 0.07 -0.01
C GLN A 32 5.82 0.32 1.36
N CYS A 33 5.69 -0.66 2.25
CA CYS A 33 6.23 -0.55 3.60
C CYS A 33 7.73 -0.26 3.56
N PRO A 34 8.14 0.85 4.19
CA PRO A 34 9.54 1.25 4.25
C PRO A 34 10.39 0.33 5.12
N SER A 35 9.72 -0.58 5.83
CA SER A 35 10.41 -1.51 6.70
C SER A 35 10.32 -2.94 6.15
N VAL A 36 9.19 -3.25 5.53
CA VAL A 36 8.97 -4.57 4.95
C VAL A 36 8.85 -4.50 3.44
N PRO A 37 9.74 -5.21 2.74
CA PRO A 37 9.76 -5.25 1.27
C PRO A 37 8.57 -6.00 0.70
N SER A 38 8.12 -7.02 1.42
CA SER A 38 6.98 -7.83 0.98
C SER A 38 5.68 -7.02 1.04
N HIS A 39 5.50 -6.30 2.13
CA HIS A 39 4.30 -5.48 2.33
C HIS A 39 4.09 -4.57 1.13
N LYS A 40 3.02 -4.82 0.38
CA LYS A 40 2.69 -4.02 -0.79
C LYS A 40 1.20 -3.68 -0.83
N PHE A 41 0.82 -2.66 -0.08
CA PHE A 41 -0.57 -2.22 -0.02
C PHE A 41 -0.82 -1.07 -0.99
N CYS A 42 -1.77 -1.26 -1.88
CA CYS A 42 -2.12 -0.23 -2.87
C CYS A 42 -3.02 0.83 -2.26
N PHE A 43 -3.48 1.76 -3.08
CA PHE A 43 -4.35 2.84 -2.62
C PHE A 43 -5.61 2.27 -1.96
N PRO A 44 -6.32 1.41 -2.70
CA PRO A 44 -7.56 0.78 -2.20
C PRO A 44 -7.28 -0.24 -1.10
N CYS A 45 -6.13 -0.11 -0.45
CA CYS A 45 -5.76 -1.01 0.63
C CYS A 45 -5.34 -0.22 1.87
N SER A 46 -4.79 0.97 1.65
CA SER A 46 -4.34 1.82 2.75
C SER A 46 -5.50 2.59 3.36
N ARG A 47 -6.38 3.11 2.49
CA ARG A 47 -7.53 3.87 2.94
C ARG A 47 -8.32 3.09 3.99
N GLU A 48 -8.83 1.93 3.61
CA GLU A 48 -9.61 1.09 4.51
C GLU A 48 -8.92 0.99 5.87
N SER A 49 -7.61 1.21 5.89
CA SER A 49 -6.83 1.14 7.12
C SER A 49 -6.79 2.50 7.82
N ILE A 50 -6.74 3.56 7.02
CA ILE A 50 -6.70 4.91 7.55
C ILE A 50 -7.99 5.26 8.27
N LYS A 51 -9.10 4.71 7.79
CA LYS A 51 -10.41 4.96 8.39
C LYS A 51 -10.64 4.04 9.59
N ALA A 52 -10.32 2.77 9.43
CA ALA A 52 -10.49 1.79 10.49
C ALA A 52 -9.65 2.16 11.71
N GLN A 53 -8.36 2.41 11.48
CA GLN A 53 -7.44 2.78 12.56
C GLN A 53 -7.74 4.19 13.07
N GLY A 54 -7.68 5.16 12.16
CA GLY A 54 -7.93 6.54 12.53
C GLY A 54 -7.77 7.49 11.37
N ALA A 55 -8.87 7.79 10.68
CA ALA A 55 -8.85 8.70 9.54
C ALA A 55 -8.22 10.03 9.93
N THR A 56 -8.58 10.53 11.10
CA THR A 56 -8.06 11.81 11.59
C THR A 56 -6.80 11.61 12.43
N GLY A 57 -6.79 10.55 13.22
CA GLY A 57 -5.64 10.27 14.07
C GLY A 57 -4.51 9.61 13.30
N GLU A 58 -3.74 8.77 13.99
CA GLU A 58 -2.62 8.08 13.36
C GLU A 58 -3.09 6.83 12.64
N VAL A 59 -2.18 6.22 11.88
CA VAL A 59 -2.51 5.00 11.13
C VAL A 59 -1.28 4.13 10.94
N TYR A 60 -1.23 3.02 11.65
CA TYR A 60 -0.10 2.09 11.57
C TYR A 60 -0.22 1.22 10.33
N CYS A 61 0.82 0.43 10.06
CA CYS A 61 0.84 -0.45 8.90
C CYS A 61 -0.55 -1.04 8.65
N PRO A 62 -0.97 -1.03 7.38
CA PRO A 62 -2.28 -1.56 6.98
C PRO A 62 -2.35 -3.08 7.09
N SER A 63 -1.28 -3.68 7.59
CA SER A 63 -1.22 -5.13 7.75
C SER A 63 -1.58 -5.54 9.17
N GLY A 64 -1.32 -4.64 10.13
CA GLY A 64 -1.62 -4.93 11.52
C GLY A 64 -0.41 -5.43 12.28
N GLU A 65 0.77 -5.06 11.82
CA GLU A 65 2.01 -5.48 12.46
C GLU A 65 2.71 -4.30 13.15
N LYS A 66 2.36 -3.10 12.72
CA LYS A 66 2.94 -1.88 13.29
C LYS A 66 4.44 -1.80 12.98
N CYS A 67 4.79 -2.11 11.74
CA CYS A 67 6.19 -2.06 11.32
C CYS A 67 6.80 -0.70 11.60
N PRO A 68 7.83 -0.70 12.47
CA PRO A 68 8.53 0.53 12.85
C PRO A 68 9.36 1.11 11.70
N LEU A 69 9.39 2.43 11.61
CA LEU A 69 10.14 3.11 10.57
C LEU A 69 11.54 2.50 10.41
N VAL A 70 11.92 2.22 9.18
CA VAL A 70 13.24 1.63 8.90
C VAL A 70 14.34 2.44 9.57
N GLY A 71 15.12 1.77 10.41
CA GLY A 71 16.20 2.45 11.10
C GLY A 71 15.75 3.17 12.34
N SER A 72 14.59 3.81 12.26
CA SER A 72 14.03 4.55 13.39
C SER A 72 13.22 3.64 14.29
N ASN A 73 12.75 4.17 15.41
CA ASN A 73 11.96 3.40 16.36
C ASN A 73 10.55 3.98 16.49
N VAL A 74 10.00 4.43 15.36
CA VAL A 74 8.67 5.00 15.35
C VAL A 74 7.87 4.50 14.15
N PRO A 75 6.64 4.03 14.42
CA PRO A 75 5.75 3.50 13.37
C PRO A 75 5.24 4.60 12.44
N TRP A 76 5.50 4.45 11.15
CA TRP A 76 5.07 5.43 10.16
C TRP A 76 3.55 5.56 10.16
N ALA A 77 3.07 6.73 10.58
CA ALA A 77 1.63 6.98 10.63
C ALA A 77 1.23 8.01 9.57
N PHE A 78 0.31 7.62 8.69
CA PHE A 78 -0.15 8.51 7.64
C PHE A 78 -0.47 9.90 8.19
N MET A 79 -0.01 10.92 7.48
CA MET A 79 -0.24 12.30 7.90
C MET A 79 -1.21 13.01 6.96
N GLN A 80 -1.74 14.14 7.40
CA GLN A 80 -2.69 14.90 6.60
C GLN A 80 -2.35 14.80 5.11
N GLY A 81 -1.07 14.93 4.80
CA GLY A 81 -0.63 14.86 3.42
C GLY A 81 -1.07 13.58 2.74
N GLU A 82 -0.38 12.48 3.02
CA GLU A 82 -0.70 11.19 2.43
C GLU A 82 -2.17 10.83 2.69
N ILE A 83 -2.56 10.88 3.95
CA ILE A 83 -3.93 10.56 4.34
C ILE A 83 -4.92 11.06 3.28
N ALA A 84 -4.63 12.22 2.70
CA ALA A 84 -5.49 12.80 1.68
C ALA A 84 -5.11 12.30 0.29
N THR A 85 -3.81 12.26 0.02
CA THR A 85 -3.31 11.81 -1.27
C THR A 85 -3.88 10.44 -1.63
N ILE A 86 -3.86 9.52 -0.67
CA ILE A 86 -4.37 8.17 -0.90
C ILE A 86 -5.89 8.17 -0.95
N LEU A 87 -6.52 8.62 0.13
CA LEU A 87 -7.98 8.67 0.21
C LEU A 87 -8.57 9.22 -1.08
N SER A 88 -8.02 10.32 -1.58
CA SER A 88 -8.49 10.93 -2.81
C SER A 88 -8.62 9.90 -3.92
N GLY A 89 -7.52 9.21 -4.19
CA GLY A 89 -7.52 8.19 -5.24
C GLY A 89 -7.69 8.79 -6.62
N PRO A 90 -8.41 8.07 -7.49
CA PRO A 90 -8.66 8.50 -8.87
C PRO A 90 -9.60 9.69 -8.94
N SER A 91 -9.21 10.73 -9.68
CA SER A 91 -10.02 11.93 -9.81
C SER A 91 -11.13 11.71 -10.84
N SER A 92 -11.82 10.59 -10.73
CA SER A 92 -12.90 10.26 -11.65
C SER A 92 -12.52 10.60 -13.08
N GLY A 93 -11.29 10.28 -13.46
CA GLY A 93 -10.83 10.56 -14.80
C GLY A 93 -10.06 9.40 -15.41
ZN ZN B . -4.27 -4.09 -2.58
ZN ZN C . 4.49 -3.21 7.18
N GLY A 1 40.41 -20.78 2.18
CA GLY A 1 39.93 -20.13 0.98
C GLY A 1 38.88 -19.07 1.26
N SER A 2 38.15 -18.67 0.23
CA SER A 2 37.12 -17.65 0.37
C SER A 2 35.79 -18.29 0.79
N SER A 3 35.38 -19.32 0.07
CA SER A 3 34.13 -20.01 0.36
C SER A 3 32.95 -19.06 0.25
N GLY A 4 32.95 -18.23 -0.79
CA GLY A 4 31.87 -17.29 -0.99
C GLY A 4 30.63 -17.93 -1.59
N SER A 5 30.00 -18.82 -0.83
CA SER A 5 28.80 -19.50 -1.29
C SER A 5 27.58 -19.09 -0.47
N SER A 6 26.68 -18.33 -1.09
CA SER A 6 25.47 -17.86 -0.41
C SER A 6 24.27 -17.95 -1.34
N GLY A 7 23.16 -18.47 -0.82
CA GLY A 7 21.96 -18.59 -1.62
C GLY A 7 20.75 -18.98 -0.78
N SER A 8 19.61 -18.36 -1.07
CA SER A 8 18.38 -18.65 -0.34
C SER A 8 17.16 -18.46 -1.24
N PRO A 9 16.11 -19.27 -0.98
CA PRO A 9 14.87 -19.22 -1.75
C PRO A 9 14.08 -17.94 -1.50
N MET A 10 13.72 -17.25 -2.58
CA MET A 10 12.96 -16.01 -2.47
C MET A 10 11.57 -16.28 -1.89
N ALA A 11 11.18 -15.44 -0.93
CA ALA A 11 9.88 -15.58 -0.29
C ALA A 11 8.76 -15.64 -1.32
N ASN A 12 8.80 -14.74 -2.29
CA ASN A 12 7.80 -14.69 -3.34
C ASN A 12 8.43 -14.85 -4.72
N SER A 13 7.89 -15.75 -5.52
CA SER A 13 8.40 -16.01 -6.86
C SER A 13 7.75 -15.07 -7.87
N GLY A 14 6.48 -14.77 -7.65
CA GLY A 14 5.76 -13.88 -8.55
C GLY A 14 6.24 -12.45 -8.48
N PRO A 15 5.96 -11.67 -9.54
CA PRO A 15 6.37 -10.25 -9.60
C PRO A 15 5.60 -9.38 -8.61
N LEU A 16 5.99 -8.12 -8.51
CA LEU A 16 5.34 -7.18 -7.62
C LEU A 16 3.83 -7.39 -7.61
N CYS A 17 3.29 -7.79 -6.46
CA CYS A 17 1.86 -8.02 -6.33
C CYS A 17 1.38 -7.66 -4.92
N CYS A 18 0.36 -6.82 -4.85
CA CYS A 18 -0.19 -6.39 -3.57
C CYS A 18 -0.22 -7.54 -2.58
N THR A 19 -0.25 -7.20 -1.29
CA THR A 19 -0.27 -8.21 -0.24
C THR A 19 -1.70 -8.62 0.09
N ILE A 20 -2.62 -7.66 0.06
CA ILE A 20 -4.02 -7.92 0.35
C ILE A 20 -4.75 -8.44 -0.88
N CYS A 21 -4.54 -7.78 -2.01
CA CYS A 21 -5.17 -8.17 -3.26
C CYS A 21 -4.45 -9.36 -3.89
N HIS A 22 -3.13 -9.28 -3.95
CA HIS A 22 -2.33 -10.35 -4.53
C HIS A 22 -2.45 -10.36 -6.05
N GLU A 23 -2.52 -9.17 -6.64
CA GLU A 23 -2.63 -9.04 -8.08
C GLU A 23 -1.55 -8.12 -8.64
N ARG A 24 -1.53 -7.94 -9.95
CA ARG A 24 -0.56 -7.08 -10.61
C ARG A 24 -0.86 -5.61 -10.32
N LEU A 25 -0.23 -5.07 -9.29
CA LEU A 25 -0.42 -3.67 -8.92
C LEU A 25 -0.46 -2.78 -10.16
N GLU A 26 -1.21 -1.69 -10.06
CA GLU A 26 -1.34 -0.75 -11.18
C GLU A 26 -0.02 -0.03 -11.42
N ASP A 27 0.66 0.34 -10.35
CA ASP A 27 1.93 1.05 -10.45
C ASP A 27 2.53 1.30 -9.07
N THR A 28 3.85 1.45 -9.02
CA THR A 28 4.54 1.69 -7.76
C THR A 28 3.69 2.55 -6.82
N HIS A 29 2.89 3.44 -7.40
CA HIS A 29 2.02 4.31 -6.62
C HIS A 29 1.57 3.61 -5.33
N PHE A 30 1.33 2.32 -5.42
CA PHE A 30 0.89 1.54 -4.27
C PHE A 30 1.76 1.82 -3.05
N VAL A 31 1.17 1.69 -1.86
CA VAL A 31 1.89 1.94 -0.62
C VAL A 31 2.78 0.76 -0.26
N GLN A 32 4.09 0.97 -0.31
CA GLN A 32 5.06 -0.07 0.02
C GLN A 32 5.72 0.19 1.36
N CYS A 33 5.66 -0.79 2.25
CA CYS A 33 6.27 -0.65 3.57
C CYS A 33 7.76 -0.37 3.47
N PRO A 34 8.20 0.71 4.13
CA PRO A 34 9.61 1.12 4.12
C PRO A 34 10.49 0.16 4.91
N SER A 35 9.87 -0.74 5.67
CA SER A 35 10.59 -1.71 6.46
C SER A 35 10.37 -3.13 5.94
N VAL A 36 9.14 -3.40 5.51
CA VAL A 36 8.80 -4.72 4.97
C VAL A 36 8.70 -4.69 3.46
N PRO A 37 9.54 -5.49 2.78
CA PRO A 37 9.56 -5.57 1.32
C PRO A 37 8.31 -6.25 0.76
N SER A 38 7.88 -7.32 1.42
CA SER A 38 6.71 -8.07 0.99
C SER A 38 5.46 -7.20 1.07
N HIS A 39 5.31 -6.49 2.19
CA HIS A 39 4.16 -5.62 2.40
C HIS A 39 3.94 -4.72 1.19
N LYS A 40 2.85 -4.97 0.46
CA LYS A 40 2.51 -4.19 -0.71
C LYS A 40 1.03 -3.82 -0.72
N PHE A 41 0.70 -2.69 -0.09
CA PHE A 41 -0.68 -2.23 -0.02
C PHE A 41 -0.91 -1.07 -0.97
N CYS A 42 -1.87 -1.23 -1.87
CA CYS A 42 -2.19 -0.19 -2.85
C CYS A 42 -3.14 0.85 -2.25
N PHE A 43 -3.50 1.85 -3.05
CA PHE A 43 -4.41 2.89 -2.60
C PHE A 43 -5.67 2.30 -1.98
N PRO A 44 -6.35 1.44 -2.76
CA PRO A 44 -7.58 0.78 -2.31
C PRO A 44 -7.33 -0.25 -1.21
N CYS A 45 -6.20 -0.10 -0.52
CA CYS A 45 -5.84 -1.01 0.56
C CYS A 45 -5.49 -0.24 1.83
N SER A 46 -4.79 0.87 1.67
CA SER A 46 -4.38 1.70 2.80
C SER A 46 -5.59 2.42 3.39
N ARG A 47 -6.44 2.96 2.53
CA ARG A 47 -7.63 3.68 2.98
C ARG A 47 -8.36 2.89 4.06
N GLU A 48 -8.87 1.71 3.69
CA GLU A 48 -9.59 0.86 4.62
C GLU A 48 -8.91 0.86 5.99
N SER A 49 -7.59 1.03 5.99
CA SER A 49 -6.82 1.05 7.24
C SER A 49 -6.80 2.44 7.85
N ILE A 50 -6.86 3.46 6.99
CA ILE A 50 -6.84 4.84 7.45
C ILE A 50 -8.15 5.19 8.16
N LYS A 51 -9.23 4.57 7.73
CA LYS A 51 -10.55 4.81 8.32
C LYS A 51 -10.76 3.93 9.55
N ALA A 52 -10.31 2.68 9.46
CA ALA A 52 -10.45 1.74 10.57
C ALA A 52 -9.61 2.16 11.76
N GLN A 53 -8.33 2.44 11.50
CA GLN A 53 -7.41 2.85 12.56
C GLN A 53 -7.75 4.25 13.06
N GLY A 54 -7.65 5.24 12.17
CA GLY A 54 -7.95 6.60 12.55
C GLY A 54 -7.56 7.60 11.47
N ALA A 55 -8.54 8.03 10.68
CA ALA A 55 -8.30 8.99 9.61
C ALA A 55 -7.75 10.30 10.16
N THR A 56 -8.25 10.70 11.33
CA THR A 56 -7.81 11.94 11.96
C THR A 56 -6.53 11.73 12.75
N GLY A 57 -6.50 10.65 13.52
CA GLY A 57 -5.32 10.36 14.33
C GLY A 57 -4.22 9.70 13.52
N GLU A 58 -3.41 8.87 14.19
CA GLU A 58 -2.32 8.18 13.51
C GLU A 58 -2.79 6.86 12.90
N VAL A 59 -2.02 6.36 11.94
CA VAL A 59 -2.37 5.10 11.28
C VAL A 59 -1.12 4.27 10.99
N TYR A 60 -1.03 3.10 11.61
CA TYR A 60 0.12 2.22 11.43
C TYR A 60 -0.10 1.30 10.23
N CYS A 61 0.93 0.53 9.90
CA CYS A 61 0.85 -0.40 8.78
C CYS A 61 -0.56 -0.96 8.61
N PRO A 62 -1.05 -0.98 7.37
CA PRO A 62 -2.39 -1.49 7.05
C PRO A 62 -2.49 -2.99 7.23
N SER A 63 -1.40 -3.61 7.69
CA SER A 63 -1.37 -5.06 7.90
C SER A 63 -1.71 -5.41 9.34
N GLY A 64 -1.36 -4.51 10.26
CA GLY A 64 -1.62 -4.73 11.66
C GLY A 64 -0.41 -5.27 12.40
N GLU A 65 0.77 -4.90 11.94
CA GLU A 65 2.01 -5.35 12.56
C GLU A 65 2.76 -4.19 13.20
N LYS A 66 2.41 -2.97 12.78
CA LYS A 66 3.05 -1.77 13.32
C LYS A 66 4.54 -1.75 12.98
N CYS A 67 4.86 -1.99 11.70
CA CYS A 67 6.24 -2.01 11.25
C CYS A 67 6.88 -0.63 11.42
N PRO A 68 8.01 -0.57 12.13
CA PRO A 68 8.74 0.66 12.38
C PRO A 68 9.40 1.21 11.12
N LEU A 69 9.61 2.53 11.09
CA LEU A 69 10.23 3.17 9.94
C LEU A 69 11.65 2.65 9.72
N VAL A 70 12.03 2.47 8.46
CA VAL A 70 13.36 1.98 8.11
C VAL A 70 14.43 2.73 8.90
N GLY A 71 15.18 1.99 9.72
CA GLY A 71 16.23 2.60 10.50
C GLY A 71 15.70 3.33 11.72
N SER A 72 14.62 4.09 11.52
CA SER A 72 14.02 4.85 12.61
C SER A 72 13.20 3.94 13.53
N ASN A 73 13.20 4.27 14.82
CA ASN A 73 12.47 3.47 15.79
C ASN A 73 11.07 4.04 16.01
N VAL A 74 10.47 4.54 14.93
CA VAL A 74 9.13 5.11 15.01
C VAL A 74 8.28 4.65 13.83
N PRO A 75 7.00 4.34 14.11
CA PRO A 75 6.05 3.88 13.09
C PRO A 75 5.66 4.99 12.12
N TRP A 76 5.48 4.62 10.86
CA TRP A 76 5.10 5.58 9.83
C TRP A 76 3.59 5.79 9.81
N ALA A 77 3.15 6.95 10.31
CA ALA A 77 1.73 7.27 10.35
C ALA A 77 1.34 8.18 9.18
N PHE A 78 0.55 7.64 8.26
CA PHE A 78 0.11 8.40 7.09
C PHE A 78 -0.07 9.87 7.44
N MET A 79 0.76 10.72 6.84
CA MET A 79 0.69 12.15 7.08
C MET A 79 -0.66 12.72 6.65
N GLN A 80 -1.27 13.53 7.52
CA GLN A 80 -2.57 14.13 7.22
C GLN A 80 -2.70 14.42 5.72
N GLY A 81 -1.62 14.91 5.12
CA GLY A 81 -1.63 15.23 3.71
C GLY A 81 -2.04 14.04 2.85
N GLU A 82 -1.25 12.98 2.91
CA GLU A 82 -1.53 11.78 2.13
C GLU A 82 -2.86 11.16 2.55
N ILE A 83 -3.05 11.03 3.86
CA ILE A 83 -4.29 10.45 4.39
C ILE A 83 -5.49 10.85 3.55
N ALA A 84 -5.47 12.08 3.03
CA ALA A 84 -6.56 12.58 2.22
C ALA A 84 -6.32 12.27 0.74
N THR A 85 -5.08 12.46 0.30
CA THR A 85 -4.71 12.20 -1.09
C THR A 85 -5.12 10.80 -1.52
N ILE A 86 -4.86 9.83 -0.66
CA ILE A 86 -5.20 8.44 -0.95
C ILE A 86 -6.71 8.21 -0.87
N LEU A 87 -7.29 8.52 0.29
CA LEU A 87 -8.73 8.36 0.48
C LEU A 87 -9.50 8.81 -0.74
N SER A 88 -9.09 9.95 -1.31
CA SER A 88 -9.75 10.48 -2.49
C SER A 88 -9.18 9.86 -3.77
N GLY A 89 -7.87 9.92 -3.93
CA GLY A 89 -7.23 9.36 -5.10
C GLY A 89 -6.47 10.40 -5.91
N PRO A 90 -5.93 9.98 -7.05
CA PRO A 90 -5.16 10.86 -7.94
C PRO A 90 -6.05 11.90 -8.62
N SER A 91 -7.34 11.63 -8.66
CA SER A 91 -8.29 12.54 -9.29
C SER A 91 -9.08 13.31 -8.25
N SER A 92 -9.08 14.63 -8.38
CA SER A 92 -9.80 15.49 -7.43
C SER A 92 -10.87 16.31 -8.15
N GLY A 93 -12.08 15.74 -8.22
CA GLY A 93 -13.17 16.42 -8.87
C GLY A 93 -14.33 16.69 -7.94
ZN ZN B . -4.32 -4.10 -2.69
ZN ZN C . 4.48 -3.22 7.15
N GLY A 1 31.93 -24.79 -6.39
CA GLY A 1 32.26 -24.25 -7.69
C GLY A 1 32.31 -22.73 -7.71
N SER A 2 32.29 -22.15 -8.89
CA SER A 2 32.33 -20.70 -9.04
C SER A 2 30.99 -20.08 -8.64
N SER A 3 31.04 -18.86 -8.09
CA SER A 3 29.84 -18.17 -7.66
C SER A 3 29.89 -16.70 -8.08
N GLY A 4 28.77 -16.20 -8.59
CA GLY A 4 28.71 -14.81 -9.01
C GLY A 4 28.14 -13.90 -7.94
N SER A 5 28.58 -12.65 -7.94
CA SER A 5 28.13 -11.68 -6.95
C SER A 5 26.61 -11.54 -7.00
N SER A 6 26.05 -10.83 -6.02
CA SER A 6 24.61 -10.63 -5.94
C SER A 6 24.03 -10.35 -7.32
N GLY A 7 22.80 -10.79 -7.53
CA GLY A 7 22.14 -10.57 -8.81
C GLY A 7 20.68 -10.98 -8.79
N SER A 8 19.84 -10.15 -8.17
CA SER A 8 18.42 -10.42 -8.08
C SER A 8 17.91 -11.10 -9.34
N PRO A 9 16.97 -12.04 -9.17
CA PRO A 9 16.37 -12.78 -10.29
C PRO A 9 15.49 -11.89 -11.17
N MET A 10 15.49 -12.18 -12.47
CA MET A 10 14.68 -11.41 -13.41
C MET A 10 13.31 -11.08 -12.82
N ALA A 11 12.91 -9.82 -12.96
CA ALA A 11 11.62 -9.37 -12.43
C ALA A 11 10.82 -8.62 -13.50
N ASN A 12 9.93 -9.34 -14.18
CA ASN A 12 9.11 -8.74 -15.22
C ASN A 12 7.71 -9.33 -15.21
N SER A 13 6.83 -8.79 -16.04
CA SER A 13 5.45 -9.26 -16.13
C SER A 13 4.77 -9.18 -14.76
N GLY A 14 5.01 -8.08 -14.04
CA GLY A 14 4.41 -7.90 -12.74
C GLY A 14 5.05 -8.78 -11.68
N PRO A 15 6.34 -8.52 -11.39
CA PRO A 15 7.10 -9.28 -10.39
C PRO A 15 6.62 -9.02 -8.97
N LEU A 16 6.15 -7.80 -8.72
CA LEU A 16 5.65 -7.43 -7.41
C LEU A 16 4.15 -7.16 -7.44
N CYS A 17 3.42 -7.83 -6.55
CA CYS A 17 1.98 -7.66 -6.48
C CYS A 17 1.54 -7.30 -5.06
N CYS A 18 0.33 -6.74 -4.95
CA CYS A 18 -0.20 -6.35 -3.66
C CYS A 18 -0.24 -7.53 -2.69
N THR A 19 -0.20 -7.23 -1.39
CA THR A 19 -0.23 -8.28 -0.37
C THR A 19 -1.67 -8.65 -0.01
N ILE A 20 -2.54 -7.65 0.04
CA ILE A 20 -3.94 -7.88 0.37
C ILE A 20 -4.71 -8.43 -0.83
N CYS A 21 -4.51 -7.79 -1.98
CA CYS A 21 -5.19 -8.22 -3.20
C CYS A 21 -4.51 -9.44 -3.80
N HIS A 22 -3.17 -9.43 -3.82
CA HIS A 22 -2.41 -10.54 -4.37
C HIS A 22 -2.70 -10.73 -5.86
N GLU A 23 -2.77 -9.62 -6.59
CA GLU A 23 -3.04 -9.66 -8.01
C GLU A 23 -1.95 -8.93 -8.80
N ARG A 24 -1.85 -7.63 -8.59
CA ARG A 24 -0.85 -6.82 -9.28
C ARG A 24 -0.84 -5.39 -8.74
N LEU A 25 0.14 -4.61 -9.17
CA LEU A 25 0.26 -3.22 -8.73
C LEU A 25 0.62 -2.32 -9.90
N GLU A 26 -0.24 -1.32 -10.16
CA GLU A 26 -0.02 -0.38 -11.25
C GLU A 26 1.44 0.05 -11.30
N ASP A 27 1.95 0.56 -10.18
CA ASP A 27 3.33 1.01 -10.10
C ASP A 27 3.68 1.44 -8.67
N THR A 28 4.95 1.75 -8.46
CA THR A 28 5.41 2.17 -7.14
C THR A 28 4.35 2.96 -6.40
N HIS A 29 3.55 3.71 -7.16
CA HIS A 29 2.48 4.52 -6.58
C HIS A 29 1.90 3.84 -5.34
N PHE A 30 1.69 2.53 -5.42
CA PHE A 30 1.14 1.77 -4.31
C PHE A 30 1.91 2.06 -3.02
N VAL A 31 1.27 1.79 -1.89
CA VAL A 31 1.89 2.02 -0.59
C VAL A 31 2.79 0.85 -0.19
N GLN A 32 4.09 1.04 -0.34
CA GLN A 32 5.06 0.00 0.00
C GLN A 32 5.68 0.26 1.36
N CYS A 33 5.70 -0.77 2.21
CA CYS A 33 6.26 -0.65 3.55
C CYS A 33 7.76 -0.40 3.49
N PRO A 34 8.21 0.70 4.10
CA PRO A 34 9.63 1.08 4.13
C PRO A 34 10.46 0.14 5.01
N SER A 35 9.77 -0.73 5.74
CA SER A 35 10.45 -1.67 6.62
C SER A 35 10.36 -3.09 6.07
N VAL A 36 9.19 -3.44 5.52
CA VAL A 36 8.98 -4.75 4.96
C VAL A 36 8.83 -4.69 3.44
N PRO A 37 9.70 -5.40 2.72
CA PRO A 37 9.67 -5.45 1.25
C PRO A 37 8.47 -6.20 0.72
N SER A 38 8.00 -7.19 1.47
CA SER A 38 6.86 -7.99 1.07
C SER A 38 5.57 -7.17 1.15
N HIS A 39 5.44 -6.36 2.20
CA HIS A 39 4.27 -5.53 2.39
C HIS A 39 4.04 -4.62 1.18
N LYS A 40 2.96 -4.88 0.44
CA LYS A 40 2.65 -4.09 -0.74
C LYS A 40 1.15 -3.76 -0.76
N PHE A 41 0.79 -2.65 -0.12
CA PHE A 41 -0.59 -2.21 -0.07
C PHE A 41 -0.84 -1.07 -1.05
N CYS A 42 -1.86 -1.21 -1.88
CA CYS A 42 -2.20 -0.20 -2.86
C CYS A 42 -3.11 0.88 -2.25
N PHE A 43 -3.60 1.78 -3.09
CA PHE A 43 -4.47 2.85 -2.63
C PHE A 43 -5.75 2.28 -2.02
N PRO A 44 -6.44 1.42 -2.77
CA PRO A 44 -7.68 0.79 -2.31
C PRO A 44 -7.45 -0.23 -1.20
N CYS A 45 -6.31 -0.10 -0.52
CA CYS A 45 -5.96 -1.00 0.57
C CYS A 45 -5.55 -0.23 1.81
N SER A 46 -5.01 0.97 1.61
CA SER A 46 -4.57 1.81 2.72
C SER A 46 -5.76 2.53 3.35
N ARG A 47 -6.57 3.17 2.51
CA ARG A 47 -7.74 3.90 2.98
C ARG A 47 -8.49 3.10 4.05
N GLU A 48 -9.02 1.96 3.66
CA GLU A 48 -9.76 1.10 4.58
C GLU A 48 -9.05 1.02 5.93
N SER A 49 -7.73 1.08 5.90
CA SER A 49 -6.93 1.02 7.12
C SER A 49 -6.85 2.39 7.79
N ILE A 50 -6.85 3.43 6.98
CA ILE A 50 -6.78 4.80 7.49
C ILE A 50 -8.05 5.17 8.24
N LYS A 51 -9.18 4.65 7.78
CA LYS A 51 -10.46 4.93 8.42
C LYS A 51 -10.66 4.04 9.65
N ALA A 52 -10.34 2.77 9.50
CA ALA A 52 -10.49 1.81 10.60
C ALA A 52 -9.59 2.20 11.77
N GLN A 53 -8.31 2.43 11.49
CA GLN A 53 -7.36 2.80 12.53
C GLN A 53 -7.62 4.21 13.03
N GLY A 54 -7.51 5.19 12.14
CA GLY A 54 -7.75 6.57 12.52
C GLY A 54 -7.48 7.53 11.37
N ALA A 55 -8.53 7.90 10.65
CA ALA A 55 -8.40 8.83 9.53
C ALA A 55 -7.68 10.10 9.95
N THR A 56 -8.08 10.65 11.10
CA THR A 56 -7.48 11.87 11.61
C THR A 56 -6.29 11.57 12.51
N GLY A 57 -6.45 10.56 13.36
CA GLY A 57 -5.38 10.18 14.27
C GLY A 57 -4.22 9.52 13.56
N GLU A 58 -3.53 8.62 14.25
CA GLU A 58 -2.39 7.91 13.67
C GLU A 58 -2.85 6.66 12.93
N VAL A 59 -2.10 6.30 11.90
CA VAL A 59 -2.43 5.12 11.10
C VAL A 59 -1.20 4.25 10.87
N TYR A 60 -1.13 3.14 11.60
CA TYR A 60 0.01 2.23 11.48
C TYR A 60 -0.13 1.35 10.23
N CYS A 61 0.86 0.50 10.01
CA CYS A 61 0.86 -0.40 8.86
C CYS A 61 -0.52 -0.97 8.62
N PRO A 62 -0.97 -0.95 7.35
CA PRO A 62 -2.28 -1.48 6.97
C PRO A 62 -2.36 -3.00 7.08
N SER A 63 -1.29 -3.61 7.58
CA SER A 63 -1.25 -5.05 7.75
C SER A 63 -1.57 -5.45 9.18
N GLY A 64 -1.29 -4.56 10.12
CA GLY A 64 -1.56 -4.84 11.52
C GLY A 64 -0.35 -5.37 12.26
N GLU A 65 0.84 -4.96 11.81
CA GLU A 65 2.08 -5.40 12.44
C GLU A 65 2.80 -4.24 13.11
N LYS A 66 2.42 -3.02 12.74
CA LYS A 66 3.02 -1.82 13.31
C LYS A 66 4.52 -1.77 13.01
N CYS A 67 4.88 -2.12 11.78
CA CYS A 67 6.28 -2.11 11.37
C CYS A 67 6.92 -0.76 11.65
N PRO A 68 7.98 -0.77 12.47
CA PRO A 68 8.71 0.45 12.83
C PRO A 68 9.49 1.03 11.67
N LEU A 69 9.54 2.36 11.59
CA LEU A 69 10.25 3.04 10.53
C LEU A 69 11.65 2.44 10.33
N VAL A 70 11.98 2.14 9.08
CA VAL A 70 13.28 1.57 8.76
C VAL A 70 14.42 2.38 9.36
N GLY A 71 15.22 1.74 10.19
CA GLY A 71 16.34 2.42 10.82
C GLY A 71 15.92 3.16 12.09
N SER A 72 14.75 3.77 12.04
CA SER A 72 14.24 4.51 13.20
C SER A 72 13.49 3.60 14.15
N ASN A 73 13.04 4.16 15.27
CA ASN A 73 12.31 3.39 16.27
C ASN A 73 10.91 3.97 16.47
N VAL A 74 10.27 4.37 15.37
CA VAL A 74 8.93 4.94 15.43
C VAL A 74 8.07 4.45 14.27
N PRO A 75 6.86 3.98 14.59
CA PRO A 75 5.91 3.47 13.59
C PRO A 75 5.37 4.58 12.69
N TRP A 76 5.67 4.49 11.40
CA TRP A 76 5.21 5.48 10.43
C TRP A 76 3.69 5.60 10.46
N ALA A 77 3.19 6.80 10.71
CA ALA A 77 1.76 7.04 10.76
C ALA A 77 1.34 8.05 9.69
N PHE A 78 0.51 7.60 8.75
CA PHE A 78 0.04 8.45 7.67
C PHE A 78 -0.15 9.89 8.16
N MET A 79 0.22 10.85 7.32
CA MET A 79 0.09 12.26 7.66
C MET A 79 -1.02 12.92 6.85
N GLN A 80 -1.57 14.00 7.39
CA GLN A 80 -2.64 14.72 6.72
C GLN A 80 -2.44 14.71 5.21
N GLY A 81 -1.20 14.93 4.77
CA GLY A 81 -0.91 14.93 3.35
C GLY A 81 -1.30 13.64 2.67
N GLU A 82 -0.56 12.56 2.97
CA GLU A 82 -0.83 11.27 2.39
C GLU A 82 -2.26 10.82 2.68
N ILE A 83 -2.64 10.88 3.95
CA ILE A 83 -3.98 10.47 4.36
C ILE A 83 -5.02 10.92 3.35
N ALA A 84 -4.81 12.10 2.77
CA ALA A 84 -5.73 12.63 1.78
C ALA A 84 -5.33 12.21 0.36
N THR A 85 -4.02 12.18 0.11
CA THR A 85 -3.51 11.79 -1.20
C THR A 85 -4.11 10.47 -1.66
N ILE A 86 -4.24 9.53 -0.73
CA ILE A 86 -4.80 8.23 -1.05
C ILE A 86 -6.33 8.25 -0.98
N LEU A 87 -6.86 8.58 0.18
CA LEU A 87 -8.31 8.65 0.38
C LEU A 87 -8.99 9.20 -0.87
N SER A 88 -8.51 10.33 -1.37
CA SER A 88 -9.07 10.95 -2.55
C SER A 88 -8.85 10.08 -3.79
N GLY A 89 -7.59 9.85 -4.12
CA GLY A 89 -7.26 9.04 -5.28
C GLY A 89 -6.62 9.84 -6.40
N PRO A 90 -5.84 9.16 -7.24
CA PRO A 90 -5.15 9.80 -8.36
C PRO A 90 -6.11 10.24 -9.46
N SER A 91 -6.09 11.51 -9.80
CA SER A 91 -6.96 12.05 -10.83
C SER A 91 -6.68 11.40 -12.18
N SER A 92 -7.68 10.73 -12.73
CA SER A 92 -7.54 10.05 -14.01
C SER A 92 -6.88 10.96 -15.03
N GLY A 93 -7.50 12.10 -15.29
CA GLY A 93 -6.95 13.05 -16.25
C GLY A 93 -7.12 12.59 -17.68
ZN ZN B . -4.40 -4.06 -2.53
ZN ZN C . 4.57 -3.21 7.16
N GLY A 1 -8.74 -18.72 -19.96
CA GLY A 1 -7.53 -18.01 -20.33
C GLY A 1 -7.62 -17.42 -21.73
N SER A 2 -8.75 -16.77 -22.02
CA SER A 2 -8.95 -16.17 -23.33
C SER A 2 -8.00 -15.00 -23.55
N SER A 3 -7.87 -14.16 -22.53
CA SER A 3 -6.99 -12.99 -22.61
C SER A 3 -5.65 -13.28 -21.93
N GLY A 4 -4.75 -13.93 -22.65
CA GLY A 4 -3.45 -14.25 -22.10
C GLY A 4 -2.59 -13.02 -21.87
N SER A 5 -1.28 -13.19 -21.94
CA SER A 5 -0.35 -12.08 -21.73
C SER A 5 0.65 -12.00 -22.87
N SER A 6 0.50 -10.97 -23.70
CA SER A 6 1.39 -10.76 -24.85
C SER A 6 2.32 -9.58 -24.59
N GLY A 7 3.61 -9.88 -24.42
CA GLY A 7 4.59 -8.84 -24.18
C GLY A 7 5.18 -8.91 -22.80
N SER A 8 5.47 -10.12 -22.34
CA SER A 8 6.04 -10.33 -21.01
C SER A 8 7.49 -10.81 -21.11
N PRO A 9 8.43 -9.85 -21.06
CA PRO A 9 9.86 -10.14 -21.14
C PRO A 9 10.37 -10.87 -19.90
N MET A 10 10.03 -10.35 -18.73
CA MET A 10 10.46 -10.95 -17.47
C MET A 10 9.73 -12.27 -17.22
N ALA A 11 10.45 -13.24 -16.67
CA ALA A 11 9.88 -14.55 -16.38
C ALA A 11 8.74 -14.44 -15.39
N ASN A 12 8.03 -15.55 -15.17
CA ASN A 12 6.92 -15.57 -14.23
C ASN A 12 7.41 -15.69 -12.80
N SER A 13 8.42 -14.89 -12.45
CA SER A 13 8.98 -14.90 -11.11
C SER A 13 8.13 -14.08 -10.15
N GLY A 14 6.82 -14.27 -10.21
CA GLY A 14 5.91 -13.55 -9.34
C GLY A 14 6.27 -12.07 -9.24
N PRO A 15 5.79 -11.28 -10.20
CA PRO A 15 6.05 -9.84 -10.25
C PRO A 15 5.32 -9.09 -9.13
N LEU A 16 5.56 -7.78 -9.06
CA LEU A 16 4.93 -6.95 -8.03
C LEU A 16 3.45 -7.32 -7.88
N CYS A 17 3.08 -7.68 -6.64
CA CYS A 17 1.70 -8.05 -6.35
C CYS A 17 1.32 -7.64 -4.94
N CYS A 18 0.20 -6.91 -4.83
CA CYS A 18 -0.28 -6.44 -3.53
C CYS A 18 -0.31 -7.59 -2.52
N THR A 19 -0.13 -7.25 -1.25
CA THR A 19 -0.14 -8.24 -0.18
C THR A 19 -1.56 -8.60 0.22
N ILE A 20 -2.49 -7.68 0.00
CA ILE A 20 -3.90 -7.89 0.34
C ILE A 20 -4.67 -8.44 -0.86
N CYS A 21 -4.40 -7.89 -2.03
CA CYS A 21 -5.07 -8.31 -3.25
C CYS A 21 -4.37 -9.52 -3.87
N HIS A 22 -3.05 -9.43 -3.98
CA HIS A 22 -2.26 -10.52 -4.54
C HIS A 22 -2.62 -10.74 -6.01
N GLU A 23 -2.79 -9.65 -6.75
CA GLU A 23 -3.13 -9.73 -8.16
C GLU A 23 -1.99 -9.22 -9.03
N ARG A 24 -1.78 -7.90 -9.02
CA ARG A 24 -0.72 -7.29 -9.81
C ARG A 24 -0.60 -5.80 -9.50
N LEU A 25 0.63 -5.29 -9.57
CA LEU A 25 0.88 -3.88 -9.30
C LEU A 25 1.80 -3.28 -10.35
N GLU A 26 1.24 -2.96 -11.51
CA GLU A 26 2.02 -2.37 -12.60
C GLU A 26 2.25 -0.89 -12.36
N ASP A 27 2.63 -0.55 -11.13
CA ASP A 27 2.89 0.84 -10.77
C ASP A 27 3.62 0.94 -9.44
N THR A 28 3.98 2.15 -9.05
CA THR A 28 4.68 2.38 -7.79
C THR A 28 3.80 3.11 -6.78
N HIS A 29 2.91 3.95 -7.29
CA HIS A 29 2.00 4.71 -6.43
C HIS A 29 1.60 3.89 -5.21
N PHE A 30 1.37 2.60 -5.42
CA PHE A 30 0.97 1.71 -4.34
C PHE A 30 1.79 1.97 -3.09
N VAL A 31 1.17 1.79 -1.92
CA VAL A 31 1.85 2.01 -0.65
C VAL A 31 2.71 0.80 -0.28
N GLN A 32 4.01 1.02 -0.15
CA GLN A 32 4.94 -0.04 0.20
C GLN A 32 5.58 0.23 1.56
N CYS A 33 5.64 -0.80 2.40
CA CYS A 33 6.23 -0.67 3.72
C CYS A 33 7.72 -0.34 3.64
N PRO A 34 8.13 0.71 4.36
CA PRO A 34 9.52 1.15 4.37
C PRO A 34 10.44 0.17 5.09
N SER A 35 9.84 -0.73 5.86
CA SER A 35 10.60 -1.73 6.60
C SER A 35 10.41 -3.12 6.00
N VAL A 36 9.19 -3.43 5.61
CA VAL A 36 8.87 -4.73 5.01
C VAL A 36 8.77 -4.62 3.49
N PRO A 37 9.63 -5.38 2.80
CA PRO A 37 9.66 -5.40 1.33
C PRO A 37 8.43 -6.07 0.73
N SER A 38 8.01 -7.18 1.33
CA SER A 38 6.86 -7.92 0.86
C SER A 38 5.59 -7.07 0.97
N HIS A 39 5.42 -6.41 2.12
CA HIS A 39 4.26 -5.56 2.35
C HIS A 39 4.03 -4.62 1.19
N LYS A 40 2.98 -4.87 0.42
CA LYS A 40 2.66 -4.04 -0.74
C LYS A 40 1.16 -3.72 -0.77
N PHE A 41 0.78 -2.61 -0.16
CA PHE A 41 -0.62 -2.19 -0.11
C PHE A 41 -0.86 -1.03 -1.07
N CYS A 42 -1.85 -1.19 -1.95
CA CYS A 42 -2.18 -0.15 -2.92
C CYS A 42 -3.08 0.90 -2.29
N PHE A 43 -3.57 1.82 -3.12
CA PHE A 43 -4.44 2.89 -2.64
C PHE A 43 -5.69 2.32 -1.99
N PRO A 44 -6.41 1.46 -2.73
CA PRO A 44 -7.63 0.82 -2.24
C PRO A 44 -7.36 -0.20 -1.13
N CYS A 45 -6.20 -0.08 -0.50
CA CYS A 45 -5.82 -0.99 0.57
C CYS A 45 -5.40 -0.21 1.82
N SER A 46 -4.86 0.98 1.62
CA SER A 46 -4.42 1.83 2.73
C SER A 46 -5.60 2.58 3.34
N ARG A 47 -6.41 3.18 2.47
CA ARG A 47 -7.58 3.95 2.92
C ARG A 47 -8.35 3.17 3.99
N GLU A 48 -8.86 2.00 3.62
CA GLU A 48 -9.62 1.17 4.55
C GLU A 48 -8.92 1.08 5.89
N SER A 49 -7.59 1.16 5.88
CA SER A 49 -6.79 1.08 7.09
C SER A 49 -6.76 2.43 7.80
N ILE A 50 -6.74 3.50 7.02
CA ILE A 50 -6.69 4.85 7.56
C ILE A 50 -7.95 5.15 8.38
N LYS A 51 -9.08 4.61 7.93
CA LYS A 51 -10.35 4.81 8.62
C LYS A 51 -10.47 3.89 9.83
N ALA A 52 -10.14 2.62 9.63
CA ALA A 52 -10.20 1.64 10.71
C ALA A 52 -9.29 2.04 11.87
N GLN A 53 -8.05 2.36 11.55
CA GLN A 53 -7.09 2.76 12.57
C GLN A 53 -7.41 4.15 13.12
N GLY A 54 -7.33 5.15 12.26
CA GLY A 54 -7.63 6.51 12.67
C GLY A 54 -7.37 7.52 11.57
N ALA A 55 -8.45 7.98 10.94
CA ALA A 55 -8.33 8.96 9.86
C ALA A 55 -7.78 10.29 10.37
N THR A 56 -8.30 10.72 11.53
CA THR A 56 -7.85 11.98 12.13
C THR A 56 -6.61 11.77 12.99
N GLY A 57 -6.39 10.53 13.41
CA GLY A 57 -5.24 10.22 14.23
C GLY A 57 -4.13 9.55 13.45
N GLU A 58 -3.34 8.71 14.12
CA GLU A 58 -2.25 8.01 13.49
C GLU A 58 -2.74 6.75 12.78
N VAL A 59 -2.04 6.36 11.72
CA VAL A 59 -2.42 5.17 10.95
C VAL A 59 -1.22 4.24 10.78
N TYR A 60 -1.22 3.15 11.54
CA TYR A 60 -0.13 2.17 11.47
C TYR A 60 -0.26 1.30 10.23
N CYS A 61 0.78 0.52 9.94
CA CYS A 61 0.78 -0.36 8.79
C CYS A 61 -0.61 -0.95 8.56
N PRO A 62 -1.05 -0.95 7.29
CA PRO A 62 -2.35 -1.49 6.90
C PRO A 62 -2.42 -3.01 7.02
N SER A 63 -1.35 -3.60 7.55
CA SER A 63 -1.28 -5.04 7.72
C SER A 63 -1.60 -5.44 9.16
N GLY A 64 -1.34 -4.53 10.08
CA GLY A 64 -1.60 -4.79 11.48
C GLY A 64 -0.38 -5.33 12.21
N GLU A 65 0.80 -4.93 11.74
CA GLU A 65 2.04 -5.39 12.35
C GLU A 65 2.85 -4.20 12.88
N LYS A 66 2.20 -3.05 12.97
CA LYS A 66 2.84 -1.83 13.46
C LYS A 66 4.31 -1.80 13.06
N CYS A 67 4.57 -2.01 11.76
CA CYS A 67 5.92 -2.00 11.24
C CYS A 67 6.56 -0.62 11.42
N PRO A 68 7.65 -0.57 12.21
CA PRO A 68 8.37 0.66 12.48
C PRO A 68 9.13 1.17 11.25
N LEU A 69 9.53 2.44 11.29
CA LEU A 69 10.27 3.05 10.18
C LEU A 69 11.64 2.39 10.01
N VAL A 70 12.15 2.41 8.79
CA VAL A 70 13.45 1.83 8.49
C VAL A 70 14.57 2.67 9.09
N GLY A 71 14.46 3.98 8.94
CA GLY A 71 15.48 4.87 9.47
C GLY A 71 15.09 5.46 10.82
N SER A 72 14.17 4.80 11.50
CA SER A 72 13.71 5.26 12.81
C SER A 72 13.00 4.14 13.56
N ASN A 73 12.62 4.42 14.80
CA ASN A 73 11.94 3.44 15.64
C ASN A 73 10.48 3.82 15.85
N VAL A 74 9.86 4.35 14.80
CA VAL A 74 8.45 4.76 14.87
C VAL A 74 7.68 4.25 13.66
N PRO A 75 6.44 3.78 13.91
CA PRO A 75 5.57 3.26 12.86
C PRO A 75 5.08 4.35 11.93
N TRP A 76 5.57 4.35 10.69
CA TRP A 76 5.18 5.33 9.70
C TRP A 76 3.66 5.52 9.69
N ALA A 77 3.20 6.67 10.19
CA ALA A 77 1.77 6.96 10.25
C ALA A 77 1.40 8.02 9.21
N PHE A 78 0.63 7.60 8.21
CA PHE A 78 0.20 8.51 7.15
C PHE A 78 0.00 9.92 7.69
N MET A 79 0.45 10.91 6.93
CA MET A 79 0.30 12.31 7.35
C MET A 79 -0.82 12.99 6.58
N GLN A 80 -1.30 14.11 7.11
CA GLN A 80 -2.39 14.85 6.48
C GLN A 80 -2.28 14.78 4.96
N GLY A 81 -1.07 14.97 4.44
CA GLY A 81 -0.85 14.93 3.01
C GLY A 81 -1.26 13.60 2.40
N GLU A 82 -0.49 12.55 2.70
CA GLU A 82 -0.77 11.22 2.18
C GLU A 82 -2.18 10.78 2.54
N ILE A 83 -2.47 10.78 3.84
CA ILE A 83 -3.79 10.39 4.32
C ILE A 83 -4.89 10.82 3.35
N ALA A 84 -4.70 11.98 2.74
CA ALA A 84 -5.66 12.50 1.78
C ALA A 84 -5.34 12.07 0.36
N THR A 85 -4.05 12.10 0.03
CA THR A 85 -3.59 11.71 -1.31
C THR A 85 -4.14 10.35 -1.69
N ILE A 86 -4.11 9.41 -0.75
CA ILE A 86 -4.60 8.06 -0.99
C ILE A 86 -6.13 8.02 -0.95
N LEU A 87 -6.70 8.51 0.16
CA LEU A 87 -8.14 8.53 0.33
C LEU A 87 -8.84 8.92 -0.96
N SER A 88 -8.36 10.00 -1.58
CA SER A 88 -8.95 10.48 -2.83
C SER A 88 -7.86 10.80 -3.86
N GLY A 89 -7.30 9.76 -4.47
CA GLY A 89 -6.26 9.95 -5.46
C GLY A 89 -6.80 10.38 -6.80
N PRO A 90 -7.02 9.39 -7.69
CA PRO A 90 -7.55 9.65 -9.04
C PRO A 90 -9.01 10.11 -9.01
N SER A 91 -9.30 11.20 -9.71
CA SER A 91 -10.65 11.74 -9.78
C SER A 91 -11.67 10.61 -9.95
N SER A 92 -11.51 9.82 -11.00
CA SER A 92 -12.42 8.72 -11.27
C SER A 92 -12.44 7.73 -10.10
N GLY A 93 -13.42 7.89 -9.23
CA GLY A 93 -13.54 6.99 -8.08
C GLY A 93 -14.19 7.67 -6.89
ZN ZN B . -4.25 -3.98 -2.63
ZN ZN C . 4.34 -3.31 7.18
N GLY A 1 -0.21 12.73 -21.59
CA GLY A 1 -1.28 13.71 -21.65
C GLY A 1 -2.11 13.73 -20.39
N SER A 2 -3.44 13.77 -20.55
CA SER A 2 -4.34 13.79 -19.41
C SER A 2 -4.45 12.40 -18.77
N SER A 3 -3.74 12.20 -17.66
CA SER A 3 -3.77 10.93 -16.97
C SER A 3 -3.06 11.03 -15.62
N GLY A 4 -3.37 10.11 -14.72
CA GLY A 4 -2.76 10.11 -13.40
C GLY A 4 -1.45 9.36 -13.37
N SER A 5 -1.49 8.08 -13.70
CA SER A 5 -0.30 7.24 -13.71
C SER A 5 0.65 7.65 -14.83
N SER A 6 1.89 7.18 -14.74
CA SER A 6 2.89 7.51 -15.76
C SER A 6 2.80 6.55 -16.94
N GLY A 7 2.37 7.08 -18.09
CA GLY A 7 2.23 6.27 -19.28
C GLY A 7 0.84 5.73 -19.46
N SER A 8 0.59 4.54 -18.90
CA SER A 8 -0.73 3.91 -19.01
C SER A 8 -0.81 2.68 -18.11
N PRO A 9 -1.95 2.52 -17.43
CA PRO A 9 -2.19 1.39 -16.52
C PRO A 9 -2.33 0.07 -17.28
N MET A 10 -1.21 -0.61 -17.50
CA MET A 10 -1.22 -1.88 -18.22
C MET A 10 -0.58 -2.98 -17.37
N ALA A 11 -0.80 -4.23 -17.76
CA ALA A 11 -0.25 -5.36 -17.03
C ALA A 11 0.38 -6.36 -17.99
N ASN A 12 1.71 -6.40 -18.00
CA ASN A 12 2.43 -7.33 -18.88
C ASN A 12 3.23 -8.34 -18.06
N SER A 13 4.08 -7.83 -17.18
CA SER A 13 4.91 -8.69 -16.34
C SER A 13 4.38 -8.72 -14.91
N GLY A 14 4.60 -9.85 -14.23
CA GLY A 14 4.13 -9.99 -12.86
C GLY A 14 5.27 -10.04 -11.86
N PRO A 15 6.04 -8.93 -11.78
CA PRO A 15 7.18 -8.83 -10.86
C PRO A 15 6.74 -8.76 -9.40
N LEU A 16 5.72 -7.97 -9.14
CA LEU A 16 5.20 -7.82 -7.78
C LEU A 16 3.68 -7.83 -7.77
N CYS A 17 3.10 -8.06 -6.59
CA CYS A 17 1.65 -8.08 -6.44
C CYS A 17 1.23 -7.74 -5.02
N CYS A 18 0.19 -6.93 -4.89
CA CYS A 18 -0.31 -6.52 -3.58
C CYS A 18 -0.34 -7.70 -2.62
N THR A 19 -0.35 -7.41 -1.33
CA THR A 19 -0.39 -8.44 -0.30
C THR A 19 -1.83 -8.80 0.06
N ILE A 20 -2.72 -7.83 -0.05
CA ILE A 20 -4.12 -8.05 0.27
C ILE A 20 -4.91 -8.53 -0.96
N CYS A 21 -4.62 -7.92 -2.11
CA CYS A 21 -5.28 -8.28 -3.35
C CYS A 21 -4.63 -9.50 -3.98
N HIS A 22 -3.30 -9.49 -4.04
CA HIS A 22 -2.55 -10.60 -4.62
C HIS A 22 -2.65 -10.58 -6.14
N GLU A 23 -2.60 -9.38 -6.71
CA GLU A 23 -2.68 -9.23 -8.16
C GLU A 23 -1.60 -8.29 -8.67
N ARG A 24 -1.59 -8.05 -9.98
CA ARG A 24 -0.60 -7.16 -10.60
C ARG A 24 -0.89 -5.72 -10.25
N LEU A 25 -0.27 -5.22 -9.19
CA LEU A 25 -0.46 -3.85 -8.75
C LEU A 25 -0.48 -2.90 -9.95
N GLU A 26 -1.20 -1.79 -9.81
CA GLU A 26 -1.30 -0.80 -10.88
C GLU A 26 0.06 -0.18 -11.17
N ASP A 27 0.75 0.25 -10.12
CA ASP A 27 2.06 0.87 -10.27
C ASP A 27 2.70 1.11 -8.90
N THR A 28 4.02 1.24 -8.89
CA THR A 28 4.76 1.47 -7.65
C THR A 28 3.99 2.40 -6.72
N HIS A 29 3.27 3.36 -7.31
CA HIS A 29 2.49 4.31 -6.53
C HIS A 29 1.93 3.66 -5.27
N PHE A 30 1.61 2.37 -5.38
CA PHE A 30 1.05 1.62 -4.25
C PHE A 30 1.85 1.90 -2.97
N VAL A 31 1.20 1.72 -1.83
CA VAL A 31 1.85 1.94 -0.54
C VAL A 31 2.76 0.78 -0.17
N GLN A 32 4.07 1.04 -0.14
CA GLN A 32 5.05 0.01 0.20
C GLN A 32 5.65 0.26 1.58
N CYS A 33 5.56 -0.74 2.44
CA CYS A 33 6.11 -0.63 3.79
C CYS A 33 7.55 -0.13 3.77
N PRO A 34 7.83 0.93 4.51
CA PRO A 34 9.17 1.52 4.59
C PRO A 34 10.15 0.63 5.34
N SER A 35 9.68 -0.54 5.75
CA SER A 35 10.53 -1.49 6.47
C SER A 35 10.38 -2.89 5.90
N VAL A 36 9.14 -3.25 5.55
CA VAL A 36 8.86 -4.57 4.99
C VAL A 36 8.73 -4.51 3.47
N PRO A 37 9.62 -5.25 2.78
CA PRO A 37 9.62 -5.30 1.32
C PRO A 37 8.40 -6.03 0.75
N SER A 38 8.06 -7.17 1.36
CA SER A 38 6.93 -7.96 0.91
C SER A 38 5.63 -7.16 1.03
N HIS A 39 5.49 -6.42 2.13
CA HIS A 39 4.30 -5.62 2.35
C HIS A 39 4.08 -4.64 1.20
N LYS A 40 3.05 -4.90 0.40
CA LYS A 40 2.73 -4.04 -0.73
C LYS A 40 1.24 -3.75 -0.79
N PHE A 41 0.81 -2.68 -0.13
CA PHE A 41 -0.60 -2.30 -0.12
C PHE A 41 -0.86 -1.12 -1.05
N CYS A 42 -1.85 -1.27 -1.92
CA CYS A 42 -2.20 -0.22 -2.87
C CYS A 42 -3.12 0.81 -2.22
N PHE A 43 -3.57 1.78 -3.02
CA PHE A 43 -4.45 2.84 -2.53
C PHE A 43 -5.69 2.24 -1.87
N PRO A 44 -6.40 1.39 -2.63
CA PRO A 44 -7.62 0.73 -2.16
C PRO A 44 -7.33 -0.31 -1.07
N CYS A 45 -6.17 -0.19 -0.44
CA CYS A 45 -5.78 -1.12 0.62
C CYS A 45 -5.35 -0.36 1.87
N SER A 46 -4.71 0.79 1.66
CA SER A 46 -4.24 1.61 2.78
C SER A 46 -5.37 2.43 3.38
N ARG A 47 -6.22 2.97 2.52
CA ARG A 47 -7.35 3.78 2.96
C ARG A 47 -8.16 3.03 4.03
N GLU A 48 -8.72 1.89 3.65
CA GLU A 48 -9.52 1.09 4.57
C GLU A 48 -8.89 1.06 5.95
N SER A 49 -7.56 1.22 6.00
CA SER A 49 -6.84 1.20 7.26
C SER A 49 -6.79 2.59 7.88
N ILE A 50 -6.72 3.61 7.03
CA ILE A 50 -6.67 4.99 7.49
C ILE A 50 -7.96 5.37 8.20
N LYS A 51 -9.06 4.75 7.79
CA LYS A 51 -10.36 5.01 8.40
C LYS A 51 -10.60 4.12 9.61
N ALA A 52 -10.24 2.85 9.49
CA ALA A 52 -10.40 1.90 10.58
C ALA A 52 -9.45 2.21 11.73
N GLN A 53 -8.19 2.42 11.42
CA GLN A 53 -7.19 2.74 12.43
C GLN A 53 -7.46 4.09 13.06
N GLY A 54 -7.35 5.15 12.26
CA GLY A 54 -7.59 6.49 12.75
C GLY A 54 -7.42 7.55 11.68
N ALA A 55 -8.49 7.78 10.92
CA ALA A 55 -8.46 8.77 9.85
C ALA A 55 -7.92 10.10 10.36
N THR A 56 -8.34 10.50 11.55
CA THR A 56 -7.90 11.75 12.15
C THR A 56 -6.61 11.56 12.93
N GLY A 57 -6.48 10.41 13.59
CA GLY A 57 -5.29 10.13 14.37
C GLY A 57 -4.18 9.51 13.53
N GLU A 58 -3.33 8.72 14.18
CA GLU A 58 -2.22 8.06 13.49
C GLU A 58 -2.70 6.81 12.75
N VAL A 59 -1.89 6.32 11.82
CA VAL A 59 -2.23 5.14 11.05
C VAL A 59 -1.00 4.28 10.79
N TYR A 60 -0.94 3.13 11.44
CA TYR A 60 0.18 2.21 11.28
C TYR A 60 -0.01 1.31 10.06
N CYS A 61 0.96 0.44 9.83
CA CYS A 61 0.90 -0.49 8.70
C CYS A 61 -0.50 -1.06 8.53
N PRO A 62 -0.99 -1.10 7.29
CA PRO A 62 -2.32 -1.62 6.98
C PRO A 62 -2.41 -3.13 7.15
N SER A 63 -1.32 -3.73 7.64
CA SER A 63 -1.27 -5.17 7.85
C SER A 63 -1.60 -5.52 9.30
N GLY A 64 -1.26 -4.61 10.21
CA GLY A 64 -1.54 -4.83 11.62
C GLY A 64 -0.31 -5.32 12.37
N GLU A 65 0.87 -4.99 11.85
CA GLU A 65 2.12 -5.40 12.48
C GLU A 65 2.91 -4.20 12.95
N LYS A 66 2.26 -3.04 13.02
CA LYS A 66 2.91 -1.81 13.45
C LYS A 66 4.36 -1.76 12.99
N CYS A 67 4.59 -2.13 11.73
CA CYS A 67 5.93 -2.13 11.18
C CYS A 67 6.58 -0.75 11.31
N PRO A 68 7.63 -0.67 12.15
CA PRO A 68 8.35 0.59 12.38
C PRO A 68 9.17 1.02 11.16
N LEU A 69 9.21 2.33 10.93
CA LEU A 69 9.96 2.86 9.80
C LEU A 69 11.37 2.31 9.76
N VAL A 70 12.05 2.49 8.64
CA VAL A 70 13.42 2.01 8.47
C VAL A 70 14.40 2.86 9.28
N GLY A 71 15.22 2.19 10.08
CA GLY A 71 16.19 2.91 10.89
C GLY A 71 15.66 4.22 11.43
N SER A 72 14.35 4.26 11.70
CA SER A 72 13.71 5.46 12.21
C SER A 72 13.13 5.21 13.61
N ASN A 73 12.79 3.95 13.88
CA ASN A 73 12.22 3.58 15.17
C ASN A 73 10.88 4.27 15.39
N VAL A 74 10.16 4.52 14.30
CA VAL A 74 8.86 5.17 14.37
C VAL A 74 7.91 4.61 13.32
N PRO A 75 6.69 4.27 13.75
CA PRO A 75 5.66 3.72 12.86
C PRO A 75 5.13 4.74 11.87
N TRP A 76 5.59 4.65 10.63
CA TRP A 76 5.16 5.58 9.59
C TRP A 76 3.65 5.81 9.65
N ALA A 77 3.24 6.93 10.24
CA ALA A 77 1.83 7.26 10.36
C ALA A 77 1.39 8.21 9.25
N PHE A 78 0.63 7.69 8.29
CA PHE A 78 0.15 8.48 7.17
C PHE A 78 -0.12 9.92 7.61
N MET A 79 0.58 10.86 6.97
CA MET A 79 0.42 12.28 7.29
C MET A 79 -0.84 12.84 6.65
N GLN A 80 -1.48 13.79 7.32
CA GLN A 80 -2.71 14.41 6.82
C GLN A 80 -2.65 14.54 5.31
N GLY A 81 -1.47 14.89 4.78
CA GLY A 81 -1.31 15.03 3.34
C GLY A 81 -1.56 13.74 2.60
N GLU A 82 -0.80 12.70 2.97
CA GLU A 82 -0.93 11.40 2.32
C GLU A 82 -2.31 10.79 2.58
N ILE A 83 -2.79 10.94 3.81
CA ILE A 83 -4.09 10.41 4.18
C ILE A 83 -5.17 10.83 3.18
N ALA A 84 -5.02 12.04 2.64
CA ALA A 84 -5.98 12.56 1.67
C ALA A 84 -5.58 12.17 0.25
N THR A 85 -4.28 12.22 -0.03
CA THR A 85 -3.77 11.87 -1.34
C THR A 85 -4.21 10.46 -1.75
N ILE A 86 -4.05 9.51 -0.85
CA ILE A 86 -4.43 8.13 -1.11
C ILE A 86 -5.94 7.97 -1.15
N LEU A 87 -6.62 8.53 -0.15
CA LEU A 87 -8.08 8.45 -0.08
C LEU A 87 -8.71 8.81 -1.42
N SER A 88 -8.40 10.00 -1.92
CA SER A 88 -8.93 10.47 -3.20
C SER A 88 -7.84 11.08 -4.05
N GLY A 89 -7.03 10.23 -4.69
CA GLY A 89 -5.95 10.72 -5.53
C GLY A 89 -6.35 10.80 -6.99
N PRO A 90 -5.69 11.70 -7.73
CA PRO A 90 -5.96 11.90 -9.16
C PRO A 90 -5.53 10.71 -10.01
N SER A 91 -5.01 9.68 -9.36
CA SER A 91 -4.55 8.49 -10.05
C SER A 91 -5.26 7.24 -9.52
N SER A 92 -5.80 6.44 -10.44
CA SER A 92 -6.50 5.22 -10.06
C SER A 92 -6.36 4.15 -11.15
N GLY A 93 -5.80 3.00 -10.76
CA GLY A 93 -5.62 1.93 -11.71
C GLY A 93 -6.68 0.85 -11.58
ZN ZN B . -4.33 -4.06 -2.63
ZN ZN C . 4.30 -3.49 7.20
N GLY A 1 35.59 -2.61 -29.47
CA GLY A 1 34.52 -3.50 -29.87
C GLY A 1 33.70 -3.99 -28.69
N SER A 2 32.87 -5.00 -28.92
CA SER A 2 32.02 -5.56 -27.88
C SER A 2 31.24 -4.45 -27.17
N SER A 3 30.72 -3.51 -27.94
CA SER A 3 29.96 -2.40 -27.38
C SER A 3 28.68 -2.15 -28.19
N GLY A 4 27.55 -2.55 -27.62
CA GLY A 4 26.28 -2.37 -28.29
C GLY A 4 25.21 -3.32 -27.78
N SER A 5 24.34 -2.82 -26.90
CA SER A 5 23.28 -3.63 -26.33
C SER A 5 21.91 -3.14 -26.80
N SER A 6 21.21 -3.98 -27.55
CA SER A 6 19.89 -3.63 -28.06
C SER A 6 18.91 -3.40 -26.92
N GLY A 7 18.76 -4.39 -26.06
CA GLY A 7 17.86 -4.27 -24.93
C GLY A 7 17.61 -5.60 -24.24
N SER A 8 16.65 -5.63 -23.32
CA SER A 8 16.32 -6.84 -22.59
C SER A 8 14.81 -7.02 -22.48
N PRO A 9 14.33 -8.24 -22.77
CA PRO A 9 12.90 -8.56 -22.71
C PRO A 9 12.37 -8.58 -21.29
N MET A 10 11.54 -7.60 -20.95
CA MET A 10 10.96 -7.51 -19.62
C MET A 10 9.82 -8.50 -19.45
N ALA A 11 10.17 -9.74 -19.09
CA ALA A 11 9.17 -10.78 -18.90
C ALA A 11 9.29 -11.40 -17.52
N ASN A 12 9.58 -10.57 -16.51
CA ASN A 12 9.72 -11.04 -15.15
C ASN A 12 8.38 -11.50 -14.59
N SER A 13 8.26 -12.80 -14.35
CA SER A 13 7.03 -13.38 -13.82
C SER A 13 6.69 -12.78 -12.46
N GLY A 14 5.53 -12.16 -12.35
CA GLY A 14 5.11 -11.56 -11.09
C GLY A 14 6.19 -10.72 -10.48
N PRO A 15 6.43 -9.53 -11.06
CA PRO A 15 7.46 -8.60 -10.57
C PRO A 15 7.08 -7.97 -9.24
N LEU A 16 5.87 -7.43 -9.16
CA LEU A 16 5.39 -6.79 -7.94
C LEU A 16 3.88 -6.92 -7.83
N CYS A 17 3.41 -7.52 -6.73
CA CYS A 17 1.98 -7.69 -6.51
C CYS A 17 1.60 -7.21 -5.11
N CYS A 18 0.30 -6.97 -4.91
CA CYS A 18 -0.20 -6.50 -3.62
C CYS A 18 -0.23 -7.65 -2.61
N THR A 19 -0.22 -7.29 -1.33
CA THR A 19 -0.25 -8.29 -0.26
C THR A 19 -1.68 -8.69 0.08
N ILE A 20 -2.58 -7.71 0.09
CA ILE A 20 -3.98 -7.96 0.39
C ILE A 20 -4.73 -8.49 -0.82
N CYS A 21 -4.53 -7.84 -1.97
CA CYS A 21 -5.18 -8.24 -3.20
C CYS A 21 -4.47 -9.44 -3.83
N HIS A 22 -3.14 -9.38 -3.86
CA HIS A 22 -2.35 -10.46 -4.43
C HIS A 22 -2.71 -10.69 -5.89
N GLU A 23 -2.95 -9.61 -6.61
CA GLU A 23 -3.31 -9.70 -8.02
C GLU A 23 -2.33 -8.91 -8.89
N ARG A 24 -2.46 -7.59 -8.87
CA ARG A 24 -1.59 -6.72 -9.65
C ARG A 24 -1.49 -5.34 -9.01
N LEU A 25 -0.53 -4.54 -9.49
CA LEU A 25 -0.33 -3.20 -8.97
C LEU A 25 -0.15 -2.19 -10.10
N GLU A 26 -1.13 -1.30 -10.24
CA GLU A 26 -1.08 -0.28 -11.29
C GLU A 26 0.33 0.25 -11.47
N ASP A 27 0.99 0.55 -10.35
CA ASP A 27 2.35 1.08 -10.39
C ASP A 27 2.90 1.24 -8.97
N THR A 28 4.21 1.44 -8.88
CA THR A 28 4.87 1.62 -7.58
C THR A 28 4.02 2.48 -6.65
N HIS A 29 3.23 3.38 -7.24
CA HIS A 29 2.37 4.28 -6.47
C HIS A 29 1.87 3.58 -5.21
N PHE A 30 1.56 2.29 -5.33
CA PHE A 30 1.06 1.52 -4.20
C PHE A 30 1.88 1.81 -2.94
N VAL A 31 1.23 1.69 -1.79
CA VAL A 31 1.89 1.95 -0.51
C VAL A 31 2.83 0.80 -0.13
N GLN A 32 4.13 1.05 -0.24
CA GLN A 32 5.13 0.04 0.08
C GLN A 32 5.74 0.30 1.45
N CYS A 33 5.72 -0.73 2.31
CA CYS A 33 6.27 -0.61 3.65
C CYS A 33 7.73 -0.17 3.61
N PRO A 34 8.04 0.92 4.33
CA PRO A 34 9.40 1.46 4.38
C PRO A 34 10.37 0.56 5.15
N SER A 35 9.86 -0.59 5.58
CA SER A 35 10.68 -1.54 6.32
C SER A 35 10.51 -2.96 5.77
N VAL A 36 9.28 -3.33 5.47
CA VAL A 36 8.98 -4.65 4.93
C VAL A 36 8.80 -4.60 3.41
N PRO A 37 9.64 -5.33 2.67
CA PRO A 37 9.59 -5.38 1.21
C PRO A 37 8.35 -6.12 0.71
N SER A 38 8.01 -7.21 1.38
CA SER A 38 6.86 -8.02 0.99
C SER A 38 5.57 -7.20 1.08
N HIS A 39 5.44 -6.44 2.17
CA HIS A 39 4.26 -5.61 2.39
C HIS A 39 4.04 -4.67 1.21
N LYS A 40 3.00 -4.92 0.43
CA LYS A 40 2.68 -4.09 -0.72
C LYS A 40 1.19 -3.78 -0.78
N PHE A 41 0.79 -2.70 -0.12
CA PHE A 41 -0.61 -2.30 -0.08
C PHE A 41 -0.86 -1.12 -1.03
N CYS A 42 -1.81 -1.30 -1.95
CA CYS A 42 -2.15 -0.26 -2.90
C CYS A 42 -3.04 0.81 -2.28
N PHE A 43 -3.52 1.74 -3.09
CA PHE A 43 -4.39 2.81 -2.61
C PHE A 43 -5.64 2.24 -1.96
N PRO A 44 -6.36 1.39 -2.69
CA PRO A 44 -7.59 0.76 -2.21
C PRO A 44 -7.33 -0.26 -1.11
N CYS A 45 -6.17 -0.14 -0.45
CA CYS A 45 -5.80 -1.05 0.62
C CYS A 45 -5.41 -0.27 1.88
N SER A 46 -4.70 0.84 1.68
CA SER A 46 -4.26 1.66 2.81
C SER A 46 -5.44 2.43 3.41
N ARG A 47 -6.23 3.06 2.55
CA ARG A 47 -7.38 3.82 2.99
C ARG A 47 -8.19 3.05 4.04
N GLU A 48 -8.71 1.89 3.64
CA GLU A 48 -9.49 1.06 4.55
C GLU A 48 -8.85 0.99 5.92
N SER A 49 -7.52 1.06 5.96
CA SER A 49 -6.79 1.00 7.22
C SER A 49 -6.73 2.38 7.87
N ILE A 50 -6.65 3.42 7.04
CA ILE A 50 -6.60 4.79 7.54
C ILE A 50 -7.87 5.15 8.31
N LYS A 51 -9.00 4.61 7.85
CA LYS A 51 -10.29 4.87 8.50
C LYS A 51 -10.47 3.96 9.71
N ALA A 52 -10.16 2.69 9.55
CA ALA A 52 -10.30 1.72 10.63
C ALA A 52 -9.43 2.11 11.82
N GLN A 53 -8.16 2.41 11.55
CA GLN A 53 -7.23 2.79 12.60
C GLN A 53 -7.55 4.19 13.13
N GLY A 54 -7.50 5.17 12.26
CA GLY A 54 -7.79 6.54 12.65
C GLY A 54 -7.65 7.52 11.50
N ALA A 55 -8.78 7.91 10.92
CA ALA A 55 -8.77 8.86 9.80
C ALA A 55 -8.09 10.17 10.20
N THR A 56 -8.39 10.64 11.41
CA THR A 56 -7.81 11.88 11.90
C THR A 56 -6.57 11.62 12.74
N GLY A 57 -6.60 10.52 13.50
CA GLY A 57 -5.46 10.17 14.33
C GLY A 57 -4.32 9.55 13.55
N GLU A 58 -3.55 8.69 14.21
CA GLU A 58 -2.43 8.02 13.56
C GLU A 58 -2.90 6.77 12.83
N VAL A 59 -2.10 6.34 11.84
CA VAL A 59 -2.43 5.15 11.06
C VAL A 59 -1.21 4.28 10.86
N TYR A 60 -1.19 3.12 11.51
CA TYR A 60 -0.08 2.19 11.40
C TYR A 60 -0.24 1.29 10.18
N CYS A 61 0.78 0.47 9.91
CA CYS A 61 0.75 -0.45 8.78
C CYS A 61 -0.66 -0.97 8.55
N PRO A 62 -1.09 -0.98 7.28
CA PRO A 62 -2.42 -1.46 6.89
C PRO A 62 -2.56 -2.97 7.03
N SER A 63 -1.52 -3.60 7.55
CA SER A 63 -1.51 -5.04 7.75
C SER A 63 -1.87 -5.40 9.19
N GLY A 64 -1.54 -4.50 10.12
CA GLY A 64 -1.84 -4.74 11.52
C GLY A 64 -0.65 -5.29 12.27
N GLU A 65 0.56 -4.92 11.83
CA GLU A 65 1.78 -5.38 12.48
C GLU A 65 2.52 -4.21 13.13
N LYS A 66 2.17 -3.00 12.74
CA LYS A 66 2.80 -1.80 13.28
C LYS A 66 4.30 -1.79 12.97
N CYS A 67 4.64 -2.05 11.71
CA CYS A 67 6.03 -2.06 11.28
C CYS A 67 6.68 -0.69 11.49
N PRO A 68 7.79 -0.69 12.25
CA PRO A 68 8.53 0.54 12.56
C PRO A 68 9.24 1.10 11.32
N LEU A 69 9.61 2.38 11.40
CA LEU A 69 10.29 3.04 10.29
C LEU A 69 11.72 2.53 10.15
N VAL A 70 12.13 2.28 8.92
CA VAL A 70 13.48 1.78 8.64
C VAL A 70 14.52 2.55 9.45
N GLY A 71 15.26 1.83 10.29
CA GLY A 71 16.28 2.46 11.11
C GLY A 71 15.70 3.17 12.31
N SER A 72 14.61 3.90 12.10
CA SER A 72 13.95 4.64 13.18
C SER A 72 13.14 3.70 14.06
N ASN A 73 13.07 4.03 15.35
CA ASN A 73 12.32 3.22 16.30
C ASN A 73 10.91 3.77 16.51
N VAL A 74 10.30 4.25 15.43
CA VAL A 74 8.97 4.81 15.49
C VAL A 74 8.13 4.36 14.30
N PRO A 75 6.86 4.03 14.56
CA PRO A 75 5.92 3.58 13.52
C PRO A 75 5.53 4.71 12.57
N TRP A 76 5.49 4.39 11.28
CA TRP A 76 5.13 5.39 10.26
C TRP A 76 3.62 5.60 10.23
N ALA A 77 3.19 6.78 10.67
CA ALA A 77 1.77 7.11 10.69
C ALA A 77 1.43 8.11 9.58
N PHE A 78 0.61 7.67 8.63
CA PHE A 78 0.20 8.53 7.53
C PHE A 78 -0.04 9.96 8.00
N MET A 79 0.04 10.90 7.06
CA MET A 79 -0.18 12.31 7.38
C MET A 79 -1.18 12.94 6.43
N GLN A 80 -1.81 14.03 6.88
CA GLN A 80 -2.80 14.73 6.06
C GLN A 80 -2.46 14.62 4.58
N GLY A 81 -1.18 14.81 4.27
CA GLY A 81 -0.75 14.73 2.88
C GLY A 81 -1.19 13.45 2.20
N GLU A 82 -0.50 12.36 2.53
CA GLU A 82 -0.82 11.06 1.94
C GLU A 82 -2.24 10.62 2.33
N ILE A 83 -2.55 10.74 3.62
CA ILE A 83 -3.86 10.36 4.13
C ILE A 83 -4.97 10.79 3.17
N ALA A 84 -4.80 11.96 2.58
CA ALA A 84 -5.78 12.48 1.63
C ALA A 84 -5.46 12.05 0.21
N THR A 85 -4.18 12.09 -0.14
CA THR A 85 -3.74 11.71 -1.48
C THR A 85 -4.25 10.32 -1.86
N ILE A 86 -4.22 9.41 -0.89
CA ILE A 86 -4.69 8.04 -1.13
C ILE A 86 -6.21 7.98 -1.13
N LEU A 87 -6.83 8.47 -0.06
CA LEU A 87 -8.28 8.48 0.06
C LEU A 87 -8.93 8.96 -1.23
N SER A 88 -8.55 10.17 -1.66
CA SER A 88 -9.10 10.76 -2.88
C SER A 88 -8.32 10.28 -4.10
N GLY A 89 -8.05 8.98 -4.15
CA GLY A 89 -7.31 8.42 -5.27
C GLY A 89 -8.21 8.08 -6.45
N PRO A 90 -7.59 7.70 -7.58
CA PRO A 90 -8.34 7.36 -8.80
C PRO A 90 -9.09 6.04 -8.66
N SER A 91 -9.00 5.43 -7.48
CA SER A 91 -9.67 4.16 -7.21
C SER A 91 -11.01 4.12 -7.93
N SER A 92 -11.91 5.03 -7.57
CA SER A 92 -13.24 5.08 -8.18
C SER A 92 -13.17 4.68 -9.65
N GLY A 93 -12.29 5.33 -10.40
CA GLY A 93 -12.14 5.02 -11.81
C GLY A 93 -11.22 3.84 -12.06
ZN ZN B . -4.29 -4.10 -2.64
ZN ZN C . 4.38 -3.34 7.15
N GLY A 1 5.24 -45.53 -30.34
CA GLY A 1 4.84 -44.75 -29.19
C GLY A 1 5.72 -43.53 -28.97
N SER A 2 5.10 -42.40 -28.68
CA SER A 2 5.84 -41.16 -28.46
C SER A 2 6.37 -41.08 -27.03
N SER A 3 7.66 -40.81 -26.90
CA SER A 3 8.29 -40.72 -25.57
C SER A 3 8.91 -39.34 -25.37
N GLY A 4 9.09 -38.97 -24.10
CA GLY A 4 9.68 -37.68 -23.79
C GLY A 4 9.28 -37.19 -22.41
N SER A 5 10.28 -36.87 -21.59
CA SER A 5 10.03 -36.39 -20.23
C SER A 5 10.57 -34.97 -20.05
N SER A 6 9.81 -33.99 -20.52
CA SER A 6 10.22 -32.59 -20.41
C SER A 6 10.53 -32.22 -18.96
N GLY A 7 9.58 -32.51 -18.07
CA GLY A 7 9.78 -32.20 -16.66
C GLY A 7 9.23 -30.83 -16.29
N SER A 8 8.36 -30.80 -15.29
CA SER A 8 7.77 -29.56 -14.83
C SER A 8 8.42 -29.08 -13.54
N PRO A 9 9.39 -28.16 -13.69
CA PRO A 9 10.12 -27.60 -12.54
C PRO A 9 9.24 -26.69 -11.68
N MET A 10 9.14 -27.00 -10.39
CA MET A 10 8.34 -26.22 -9.47
C MET A 10 9.10 -24.97 -9.03
N ALA A 11 8.38 -23.87 -8.85
CA ALA A 11 8.98 -22.62 -8.42
C ALA A 11 7.91 -21.63 -7.94
N ASN A 12 8.36 -20.48 -7.45
CA ASN A 12 7.45 -19.45 -6.96
C ASN A 12 7.69 -18.13 -7.68
N SER A 13 6.71 -17.69 -8.46
CA SER A 13 6.81 -16.45 -9.19
C SER A 13 6.05 -15.32 -8.48
N GLY A 14 6.52 -14.09 -8.66
CA GLY A 14 5.87 -12.95 -8.03
C GLY A 14 6.84 -11.84 -7.71
N PRO A 15 7.16 -11.02 -8.73
CA PRO A 15 8.08 -9.90 -8.58
C PRO A 15 7.49 -8.77 -7.74
N LEU A 16 6.28 -8.35 -8.07
CA LEU A 16 5.61 -7.28 -7.34
C LEU A 16 4.09 -7.44 -7.41
N CYS A 17 3.49 -7.77 -6.27
CA CYS A 17 2.04 -7.96 -6.20
C CYS A 17 1.52 -7.60 -4.81
N CYS A 18 0.39 -6.89 -4.77
CA CYS A 18 -0.21 -6.49 -3.51
C CYS A 18 -0.32 -7.68 -2.56
N THR A 19 -0.33 -7.39 -1.26
CA THR A 19 -0.43 -8.44 -0.24
C THR A 19 -1.88 -8.75 0.07
N ILE A 20 -2.73 -7.73 0.06
CA ILE A 20 -4.14 -7.89 0.34
C ILE A 20 -4.90 -8.38 -0.89
N CYS A 21 -4.63 -7.75 -2.02
CA CYS A 21 -5.29 -8.11 -3.28
C CYS A 21 -4.63 -9.35 -3.89
N HIS A 22 -3.32 -9.49 -3.68
CA HIS A 22 -2.58 -10.62 -4.21
C HIS A 22 -2.61 -10.64 -5.73
N GLU A 23 -2.42 -9.46 -6.32
CA GLU A 23 -2.43 -9.33 -7.78
C GLU A 23 -1.31 -8.41 -8.25
N ARG A 24 -1.19 -8.25 -9.56
CA ARG A 24 -0.16 -7.40 -10.14
C ARG A 24 -0.39 -5.94 -9.75
N LEU A 25 0.69 -5.28 -9.33
CA LEU A 25 0.61 -3.87 -8.94
C LEU A 25 1.32 -2.98 -9.96
N GLU A 26 0.60 -1.96 -10.42
CA GLU A 26 1.17 -1.02 -11.39
C GLU A 26 2.64 -0.72 -11.07
N ASP A 27 2.97 -0.75 -9.79
CA ASP A 27 4.34 -0.47 -9.35
C ASP A 27 4.68 1.00 -9.52
N THR A 28 3.64 1.85 -9.50
CA THR A 28 3.84 3.28 -9.65
C THR A 28 3.00 4.06 -8.64
N HIS A 29 1.83 3.53 -8.32
CA HIS A 29 0.93 4.17 -7.37
C HIS A 29 0.42 3.16 -6.34
N PHE A 30 1.24 2.87 -5.35
CA PHE A 30 0.88 1.92 -4.30
C PHE A 30 1.70 2.16 -3.03
N VAL A 31 1.09 1.88 -1.89
CA VAL A 31 1.76 2.06 -0.60
C VAL A 31 2.60 0.85 -0.23
N GLN A 32 3.90 1.03 -0.15
CA GLN A 32 4.82 -0.06 0.19
C GLN A 32 5.51 0.21 1.53
N CYS A 33 5.50 -0.80 2.40
CA CYS A 33 6.13 -0.67 3.71
C CYS A 33 7.60 -0.26 3.58
N PRO A 34 7.97 0.83 4.26
CA PRO A 34 9.34 1.35 4.24
C PRO A 34 10.31 0.43 4.97
N SER A 35 9.79 -0.60 5.62
CA SER A 35 10.61 -1.55 6.35
C SER A 35 10.45 -2.97 5.79
N VAL A 36 9.22 -3.32 5.44
CA VAL A 36 8.93 -4.64 4.90
C VAL A 36 8.78 -4.58 3.38
N PRO A 37 9.65 -5.32 2.67
CA PRO A 37 9.64 -5.37 1.20
C PRO A 37 8.42 -6.11 0.66
N SER A 38 8.02 -7.17 1.36
CA SER A 38 6.86 -7.96 0.95
C SER A 38 5.58 -7.14 1.05
N HIS A 39 5.42 -6.44 2.17
CA HIS A 39 4.23 -5.61 2.39
C HIS A 39 4.00 -4.68 1.21
N LYS A 40 2.93 -4.94 0.46
CA LYS A 40 2.58 -4.11 -0.69
C LYS A 40 1.10 -3.78 -0.70
N PHE A 41 0.75 -2.61 -0.16
CA PHE A 41 -0.65 -2.18 -0.11
C PHE A 41 -0.88 -1.01 -1.06
N CYS A 42 -1.84 -1.18 -1.97
CA CYS A 42 -2.17 -0.14 -2.95
C CYS A 42 -3.10 0.89 -2.33
N PHE A 43 -3.49 1.87 -3.13
CA PHE A 43 -4.39 2.93 -2.68
C PHE A 43 -5.65 2.33 -2.05
N PRO A 44 -6.34 1.47 -2.81
CA PRO A 44 -7.57 0.82 -2.34
C PRO A 44 -7.31 -0.20 -1.25
N CYS A 45 -6.17 -0.06 -0.57
CA CYS A 45 -5.80 -0.97 0.51
C CYS A 45 -5.43 -0.20 1.77
N SER A 46 -4.81 0.96 1.58
CA SER A 46 -4.40 1.80 2.71
C SER A 46 -5.59 2.51 3.33
N ARG A 47 -6.41 3.13 2.48
CA ARG A 47 -7.59 3.85 2.95
C ARG A 47 -8.31 3.06 4.04
N GLU A 48 -8.88 1.93 3.66
CA GLU A 48 -9.59 1.08 4.62
C GLU A 48 -8.87 1.03 5.95
N SER A 49 -7.54 1.09 5.90
CA SER A 49 -6.73 1.04 7.11
C SER A 49 -6.66 2.41 7.77
N ILE A 50 -6.64 3.46 6.95
CA ILE A 50 -6.58 4.82 7.46
C ILE A 50 -7.83 5.17 8.27
N LYS A 51 -8.97 4.62 7.85
CA LYS A 51 -10.24 4.87 8.53
C LYS A 51 -10.39 3.94 9.73
N ALA A 52 -10.08 2.66 9.53
CA ALA A 52 -10.20 1.67 10.60
C ALA A 52 -9.28 2.04 11.77
N GLN A 53 -8.07 2.45 11.46
CA GLN A 53 -7.09 2.82 12.49
C GLN A 53 -7.39 4.21 13.03
N GLY A 54 -7.37 5.21 12.15
CA GLY A 54 -7.63 6.58 12.57
C GLY A 54 -7.51 7.56 11.43
N ALA A 55 -8.65 7.98 10.88
CA ALA A 55 -8.67 8.93 9.78
C ALA A 55 -8.01 10.25 10.19
N THR A 56 -8.34 10.72 11.38
CA THR A 56 -7.78 11.97 11.89
C THR A 56 -6.54 11.73 12.74
N GLY A 57 -6.50 10.56 13.38
CA GLY A 57 -5.37 10.22 14.23
C GLY A 57 -4.25 9.55 13.46
N GLU A 58 -3.49 8.70 14.14
CA GLU A 58 -2.38 8.00 13.51
C GLU A 58 -2.88 6.78 12.73
N VAL A 59 -2.02 6.24 11.88
CA VAL A 59 -2.37 5.07 11.09
C VAL A 59 -1.17 4.15 10.88
N TYR A 60 -1.17 3.03 11.59
CA TYR A 60 -0.07 2.07 11.50
C TYR A 60 -0.22 1.20 10.26
N CYS A 61 0.81 0.41 9.97
CA CYS A 61 0.79 -0.47 8.81
C CYS A 61 -0.60 -1.04 8.58
N PRO A 62 -1.05 -1.02 7.31
CA PRO A 62 -2.36 -1.54 6.92
C PRO A 62 -2.45 -3.06 7.03
N SER A 63 -1.38 -3.67 7.55
CA SER A 63 -1.34 -5.12 7.70
C SER A 63 -1.70 -5.52 9.13
N GLY A 64 -1.41 -4.64 10.08
CA GLY A 64 -1.71 -4.91 11.47
C GLY A 64 -0.51 -5.47 12.22
N GLU A 65 0.68 -5.07 11.79
CA GLU A 65 1.92 -5.53 12.43
C GLU A 65 2.64 -4.38 13.11
N LYS A 66 2.28 -3.16 12.75
CA LYS A 66 2.90 -1.97 13.33
C LYS A 66 4.39 -1.90 12.98
N CYS A 67 4.70 -2.09 11.71
CA CYS A 67 6.09 -2.05 11.24
C CYS A 67 6.68 -0.66 11.40
N PRO A 68 7.77 -0.57 12.17
CA PRO A 68 8.45 0.71 12.42
C PRO A 68 9.16 1.24 11.17
N LEU A 69 9.64 2.48 11.25
CA LEU A 69 10.32 3.11 10.13
C LEU A 69 11.69 2.47 9.91
N VAL A 70 12.23 2.63 8.70
CA VAL A 70 13.53 2.06 8.37
C VAL A 70 14.66 2.90 8.95
N GLY A 71 14.49 4.22 8.92
CA GLY A 71 15.50 5.12 9.45
C GLY A 71 15.13 5.66 10.83
N SER A 72 14.22 4.97 11.50
CA SER A 72 13.78 5.40 12.82
C SER A 72 13.10 4.25 13.57
N ASN A 73 12.74 4.49 14.82
CA ASN A 73 12.09 3.48 15.65
C ASN A 73 10.63 3.84 15.91
N VAL A 74 9.99 4.42 14.90
CA VAL A 74 8.58 4.82 15.01
C VAL A 74 7.77 4.31 13.83
N PRO A 75 6.55 3.84 14.13
CA PRO A 75 5.65 3.31 13.10
C PRO A 75 5.11 4.40 12.18
N TRP A 76 5.58 4.40 10.94
CA TRP A 76 5.15 5.39 9.96
C TRP A 76 3.63 5.56 9.98
N ALA A 77 3.16 6.71 10.42
CA ALA A 77 1.74 6.98 10.49
C ALA A 77 1.33 8.02 9.45
N PHE A 78 0.54 7.59 8.47
CA PHE A 78 0.07 8.47 7.40
C PHE A 78 -0.21 9.87 7.95
N MET A 79 0.16 10.88 7.18
CA MET A 79 -0.05 12.27 7.59
C MET A 79 -1.20 12.89 6.80
N GLN A 80 -1.91 13.82 7.43
CA GLN A 80 -3.03 14.50 6.79
C GLN A 80 -2.79 14.63 5.28
N GLY A 81 -1.56 14.95 4.90
CA GLY A 81 -1.23 15.10 3.50
C GLY A 81 -1.63 13.89 2.67
N GLU A 82 -0.89 12.80 2.84
CA GLU A 82 -1.18 11.57 2.10
C GLU A 82 -2.58 11.05 2.42
N ILE A 83 -2.88 10.96 3.72
CA ILE A 83 -4.17 10.48 4.16
C ILE A 83 -5.27 10.88 3.18
N ALA A 84 -5.16 12.09 2.64
CA ALA A 84 -6.14 12.60 1.68
C ALA A 84 -5.77 12.22 0.26
N THR A 85 -4.48 12.29 -0.05
CA THR A 85 -3.99 11.95 -1.38
C THR A 85 -4.46 10.58 -1.81
N ILE A 86 -4.41 9.62 -0.88
CA ILE A 86 -4.84 8.26 -1.18
C ILE A 86 -6.36 8.15 -1.22
N LEU A 87 -7.00 8.58 -0.14
CA LEU A 87 -8.46 8.54 -0.05
C LEU A 87 -9.09 8.97 -1.36
N SER A 88 -8.69 10.14 -1.86
CA SER A 88 -9.21 10.68 -3.11
C SER A 88 -8.17 10.59 -4.22
N GLY A 89 -7.43 9.49 -4.25
CA GLY A 89 -6.41 9.30 -5.27
C GLY A 89 -7.00 8.98 -6.62
N PRO A 90 -6.84 9.92 -7.57
CA PRO A 90 -7.35 9.75 -8.94
C PRO A 90 -6.59 8.70 -9.72
N SER A 91 -7.11 7.46 -9.70
CA SER A 91 -6.48 6.36 -10.41
C SER A 91 -7.49 5.61 -11.27
N SER A 92 -7.04 5.12 -12.42
CA SER A 92 -7.90 4.39 -13.33
C SER A 92 -8.61 3.25 -12.61
N GLY A 93 -7.83 2.32 -12.08
CA GLY A 93 -8.40 1.18 -11.38
C GLY A 93 -7.35 0.25 -10.82
ZN ZN B . -4.33 -3.98 -2.71
ZN ZN C . 4.49 -3.34 7.23
N GLY A 1 -5.61 -41.17 -39.58
CA GLY A 1 -4.33 -40.70 -40.09
C GLY A 1 -3.72 -39.64 -39.22
N SER A 2 -4.43 -38.53 -39.03
CA SER A 2 -3.94 -37.43 -38.22
C SER A 2 -4.86 -37.17 -37.04
N SER A 3 -4.33 -36.55 -35.99
CA SER A 3 -5.09 -36.25 -34.80
C SER A 3 -5.39 -34.75 -34.69
N GLY A 4 -4.35 -33.95 -34.83
CA GLY A 4 -4.51 -32.51 -34.76
C GLY A 4 -3.58 -31.87 -33.75
N SER A 5 -4.04 -30.79 -33.11
CA SER A 5 -3.25 -30.09 -32.12
C SER A 5 -4.12 -29.22 -31.24
N SER A 6 -4.25 -29.60 -29.97
CA SER A 6 -5.06 -28.86 -29.02
C SER A 6 -4.21 -28.30 -27.88
N GLY A 7 -4.76 -27.33 -27.16
CA GLY A 7 -4.03 -26.72 -26.07
C GLY A 7 -4.08 -25.21 -26.09
N SER A 8 -3.40 -24.57 -25.14
CA SER A 8 -3.38 -23.11 -25.06
C SER A 8 -2.08 -22.63 -24.42
N PRO A 9 -1.56 -21.51 -24.95
CA PRO A 9 -0.31 -20.90 -24.46
C PRO A 9 -0.47 -20.30 -23.07
N MET A 10 0.61 -20.34 -22.29
CA MET A 10 0.59 -19.80 -20.94
C MET A 10 1.65 -18.72 -20.77
N ALA A 11 1.25 -17.58 -20.22
CA ALA A 11 2.18 -16.47 -20.00
C ALA A 11 1.54 -15.41 -19.11
N ASN A 12 2.18 -15.15 -17.97
CA ASN A 12 1.68 -14.16 -17.02
C ASN A 12 2.72 -13.08 -16.78
N SER A 13 2.26 -11.92 -16.30
CA SER A 13 3.15 -10.80 -16.03
C SER A 13 2.86 -10.18 -14.66
N GLY A 14 3.86 -9.56 -14.07
CA GLY A 14 3.69 -8.94 -12.77
C GLY A 14 4.83 -9.25 -11.82
N PRO A 15 5.81 -8.34 -11.74
CA PRO A 15 6.97 -8.51 -10.86
C PRO A 15 6.61 -8.39 -9.39
N LEU A 16 5.60 -7.59 -9.10
CA LEU A 16 5.15 -7.39 -7.72
C LEU A 16 3.63 -7.43 -7.63
N CYS A 17 3.11 -8.14 -6.64
CA CYS A 17 1.67 -8.25 -6.44
C CYS A 17 1.28 -7.84 -5.03
N CYS A 18 0.24 -7.02 -4.93
CA CYS A 18 -0.23 -6.54 -3.64
C CYS A 18 -0.24 -7.67 -2.60
N THR A 19 -0.13 -7.30 -1.33
CA THR A 19 -0.12 -8.28 -0.25
C THR A 19 -1.55 -8.66 0.15
N ILE A 20 -2.45 -7.70 0.05
CA ILE A 20 -3.85 -7.93 0.41
C ILE A 20 -4.63 -8.48 -0.77
N CYS A 21 -4.47 -7.85 -1.93
CA CYS A 21 -5.16 -8.28 -3.14
C CYS A 21 -4.46 -9.48 -3.78
N HIS A 22 -3.15 -9.39 -3.89
CA HIS A 22 -2.36 -10.47 -4.48
C HIS A 22 -2.74 -10.69 -5.94
N GLU A 23 -2.98 -9.59 -6.66
CA GLU A 23 -3.36 -9.66 -8.06
C GLU A 23 -2.24 -9.14 -8.96
N ARG A 24 -1.98 -7.85 -8.87
CA ARG A 24 -0.92 -7.22 -9.67
C ARG A 24 -0.75 -5.76 -9.29
N LEU A 25 0.39 -5.19 -9.66
CA LEU A 25 0.68 -3.79 -9.35
C LEU A 25 1.68 -3.22 -10.34
N GLU A 26 1.32 -2.08 -10.95
CA GLU A 26 2.19 -1.42 -11.92
C GLU A 26 3.28 -0.62 -11.22
N ASP A 27 3.86 -1.20 -10.17
CA ASP A 27 4.91 -0.54 -9.41
C ASP A 27 4.70 0.97 -9.38
N THR A 28 3.43 1.38 -9.36
CA THR A 28 3.09 2.80 -9.33
C THR A 28 1.68 3.00 -8.80
N HIS A 29 1.52 4.01 -7.92
CA HIS A 29 0.22 4.32 -7.34
C HIS A 29 -0.15 3.29 -6.27
N PHE A 30 0.84 2.90 -5.47
CA PHE A 30 0.61 1.93 -4.42
C PHE A 30 1.51 2.20 -3.21
N VAL A 31 1.01 1.90 -2.02
CA VAL A 31 1.77 2.12 -0.80
C VAL A 31 2.68 0.93 -0.50
N GLN A 32 3.83 1.20 0.13
CA GLN A 32 4.78 0.17 0.46
C GLN A 32 5.41 0.42 1.83
N CYS A 33 5.69 -0.66 2.56
CA CYS A 33 6.28 -0.55 3.88
C CYS A 33 7.75 -0.15 3.79
N PRO A 34 8.14 0.87 4.57
CA PRO A 34 9.51 1.38 4.59
C PRO A 34 10.47 0.39 5.25
N SER A 35 9.92 -0.66 5.85
CA SER A 35 10.74 -1.67 6.51
C SER A 35 10.53 -3.04 5.87
N VAL A 36 9.28 -3.35 5.55
CA VAL A 36 8.93 -4.63 4.93
C VAL A 36 8.74 -4.48 3.41
N PRO A 37 9.62 -5.12 2.64
CA PRO A 37 9.55 -5.07 1.18
C PRO A 37 8.35 -5.83 0.61
N SER A 38 8.09 -7.00 1.18
CA SER A 38 6.98 -7.83 0.74
C SER A 38 5.65 -7.09 0.90
N HIS A 39 5.56 -6.29 1.95
CA HIS A 39 4.35 -5.52 2.22
C HIS A 39 4.03 -4.58 1.07
N LYS A 40 2.99 -4.89 0.32
CA LYS A 40 2.57 -4.08 -0.81
C LYS A 40 1.08 -3.76 -0.74
N PHE A 41 0.76 -2.57 -0.25
CA PHE A 41 -0.63 -2.15 -0.14
C PHE A 41 -0.94 -0.99 -1.09
N CYS A 42 -1.86 -1.22 -2.02
CA CYS A 42 -2.25 -0.20 -2.99
C CYS A 42 -3.18 0.82 -2.35
N PHE A 43 -3.62 1.78 -3.16
CA PHE A 43 -4.52 2.83 -2.68
C PHE A 43 -5.75 2.23 -2.01
N PRO A 44 -6.45 1.34 -2.73
CA PRO A 44 -7.64 0.67 -2.22
C PRO A 44 -7.32 -0.33 -1.12
N CYS A 45 -6.17 -0.16 -0.47
CA CYS A 45 -5.75 -1.05 0.60
C CYS A 45 -5.37 -0.25 1.85
N SER A 46 -4.71 0.89 1.64
CA SER A 46 -4.29 1.74 2.74
C SER A 46 -5.48 2.48 3.35
N ARG A 47 -6.35 2.99 2.48
CA ARG A 47 -7.53 3.72 2.93
C ARG A 47 -8.25 2.96 4.04
N GLU A 48 -8.74 1.76 3.72
CA GLU A 48 -9.45 0.94 4.68
C GLU A 48 -8.73 0.95 6.03
N SER A 49 -7.41 1.09 5.99
CA SER A 49 -6.60 1.10 7.21
C SER A 49 -6.61 2.49 7.84
N ILE A 50 -6.64 3.52 7.00
CA ILE A 50 -6.65 4.89 7.49
C ILE A 50 -7.93 5.20 8.26
N LYS A 51 -9.04 4.65 7.79
CA LYS A 51 -10.33 4.86 8.44
C LYS A 51 -10.49 3.95 9.65
N ALA A 52 -10.11 2.68 9.48
CA ALA A 52 -10.20 1.71 10.56
C ALA A 52 -9.36 2.12 11.75
N GLN A 53 -8.08 2.42 11.49
CA GLN A 53 -7.16 2.84 12.55
C GLN A 53 -7.50 4.24 13.04
N GLY A 54 -7.38 5.21 12.15
CA GLY A 54 -7.66 6.59 12.50
C GLY A 54 -7.43 7.55 11.36
N ALA A 55 -8.49 7.85 10.63
CA ALA A 55 -8.41 8.77 9.49
C ALA A 55 -7.83 10.12 9.92
N THR A 56 -8.33 10.64 11.03
CA THR A 56 -7.87 11.93 11.54
C THR A 56 -6.58 11.77 12.35
N GLY A 57 -6.50 10.68 13.12
CA GLY A 57 -5.33 10.43 13.93
C GLY A 57 -4.23 9.74 13.15
N GLU A 58 -3.40 8.96 13.84
CA GLU A 58 -2.30 8.24 13.21
C GLU A 58 -2.81 7.01 12.48
N VAL A 59 -1.93 6.38 11.71
CA VAL A 59 -2.28 5.19 10.95
C VAL A 59 -1.08 4.29 10.74
N TYR A 60 -1.03 3.18 11.49
CA TYR A 60 0.08 2.24 11.40
C TYR A 60 -0.08 1.35 10.17
N CYS A 61 0.93 0.53 9.91
CA CYS A 61 0.91 -0.37 8.77
C CYS A 61 -0.49 -0.90 8.51
N PRO A 62 -0.91 -0.89 7.24
CA PRO A 62 -2.24 -1.37 6.83
C PRO A 62 -2.37 -2.89 6.97
N SER A 63 -1.33 -3.52 7.49
CA SER A 63 -1.33 -4.98 7.67
C SER A 63 -1.77 -5.34 9.08
N GLY A 64 -1.50 -4.46 10.03
CA GLY A 64 -1.87 -4.71 11.41
C GLY A 64 -0.73 -5.28 12.22
N GLU A 65 0.50 -4.94 11.85
CA GLU A 65 1.68 -5.43 12.55
C GLU A 65 2.45 -4.28 13.21
N LYS A 66 2.11 -3.06 12.81
CA LYS A 66 2.76 -1.88 13.36
C LYS A 66 4.26 -1.89 13.06
N CYS A 67 4.60 -2.19 11.81
CA CYS A 67 5.99 -2.24 11.39
C CYS A 67 6.69 -0.89 11.64
N PRO A 68 7.76 -0.91 12.45
CA PRO A 68 8.53 0.29 12.78
C PRO A 68 9.31 0.82 11.59
N LEU A 69 9.53 2.13 11.57
CA LEU A 69 10.27 2.76 10.49
C LEU A 69 11.65 2.14 10.33
N VAL A 70 12.08 1.97 9.08
CA VAL A 70 13.39 1.39 8.80
C VAL A 70 14.46 1.94 9.73
N GLY A 71 14.95 1.08 10.62
CA GLY A 71 15.99 1.49 11.56
C GLY A 71 15.41 2.31 12.71
N SER A 72 14.54 3.25 12.39
CA SER A 72 13.93 4.10 13.40
C SER A 72 12.90 3.33 14.22
N ASN A 73 12.98 3.46 15.54
CA ASN A 73 12.06 2.78 16.43
C ASN A 73 10.73 3.52 16.53
N VAL A 74 10.25 3.99 15.38
CA VAL A 74 8.99 4.73 15.33
C VAL A 74 8.14 4.27 14.15
N PRO A 75 6.88 3.92 14.43
CA PRO A 75 5.93 3.46 13.40
C PRO A 75 5.51 4.58 12.46
N TRP A 76 5.59 4.31 11.16
CA TRP A 76 5.22 5.30 10.15
C TRP A 76 3.71 5.49 10.11
N ALA A 77 3.27 6.74 10.20
CA ALA A 77 1.85 7.08 10.18
C ALA A 77 1.54 8.05 9.05
N PHE A 78 0.52 7.71 8.27
CA PHE A 78 0.10 8.56 7.15
C PHE A 78 -0.06 10.02 7.59
N MET A 79 0.28 10.94 6.70
CA MET A 79 0.17 12.36 7.00
C MET A 79 -1.07 12.96 6.36
N GLN A 80 -1.68 13.93 7.05
CA GLN A 80 -2.88 14.59 6.54
C GLN A 80 -2.86 14.67 5.01
N GLY A 81 -1.71 15.07 4.47
CA GLY A 81 -1.58 15.19 3.03
C GLY A 81 -1.91 13.90 2.31
N GLU A 82 -1.04 12.90 2.46
CA GLU A 82 -1.25 11.61 1.81
C GLU A 82 -2.61 11.02 2.19
N ILE A 83 -2.88 10.96 3.49
CA ILE A 83 -4.14 10.43 3.98
C ILE A 83 -5.29 10.78 3.04
N ALA A 84 -5.24 11.98 2.48
CA ALA A 84 -6.28 12.43 1.56
C ALA A 84 -5.95 12.05 0.12
N THR A 85 -4.68 12.20 -0.24
CA THR A 85 -4.22 11.87 -1.59
C THR A 85 -4.66 10.46 -1.99
N ILE A 86 -4.53 9.53 -1.05
CA ILE A 86 -4.90 8.14 -1.30
C ILE A 86 -6.41 7.96 -1.25
N LEU A 87 -7.03 8.52 -0.21
CA LEU A 87 -8.48 8.42 -0.06
C LEU A 87 -9.20 8.89 -1.31
N SER A 88 -8.89 10.10 -1.76
CA SER A 88 -9.52 10.66 -2.95
C SER A 88 -9.78 9.57 -3.98
N GLY A 89 -8.72 8.96 -4.49
CA GLY A 89 -8.87 7.90 -5.48
C GLY A 89 -8.77 8.42 -6.89
N PRO A 90 -9.17 7.58 -7.87
CA PRO A 90 -9.14 7.94 -9.28
C PRO A 90 -10.19 9.00 -9.64
N SER A 91 -10.91 9.46 -8.63
CA SER A 91 -11.95 10.47 -8.83
C SER A 91 -11.50 11.50 -9.86
N SER A 92 -10.47 12.27 -9.52
CA SER A 92 -9.95 13.30 -10.41
C SER A 92 -8.54 12.95 -10.87
N GLY A 93 -8.31 13.05 -12.18
CA GLY A 93 -7.01 12.75 -12.73
C GLY A 93 -6.29 13.98 -13.25
ZN ZN B . -4.29 -4.10 -2.64
ZN ZN C . 4.44 -3.35 7.21
N GLY A 1 5.00 19.75 -2.82
CA GLY A 1 5.74 18.56 -3.20
C GLY A 1 7.20 18.65 -2.81
N SER A 2 7.83 17.49 -2.60
CA SER A 2 9.25 17.44 -2.21
C SER A 2 10.03 16.53 -3.14
N SER A 3 9.59 15.27 -3.22
CA SER A 3 10.25 14.29 -4.07
C SER A 3 9.57 14.18 -5.43
N GLY A 4 10.35 14.31 -6.49
CA GLY A 4 9.79 14.23 -7.84
C GLY A 4 9.40 12.82 -8.21
N SER A 5 8.64 12.68 -9.29
CA SER A 5 8.19 11.37 -9.76
C SER A 5 8.81 11.04 -11.11
N SER A 6 8.79 9.75 -11.46
CA SER A 6 9.35 9.30 -12.73
C SER A 6 8.25 9.08 -13.76
N GLY A 7 7.19 8.38 -13.36
CA GLY A 7 6.09 8.11 -14.26
C GLY A 7 5.37 6.82 -13.95
N SER A 8 4.70 6.25 -14.95
CA SER A 8 3.97 5.00 -14.77
C SER A 8 4.41 3.97 -15.79
N PRO A 9 5.44 3.18 -15.43
CA PRO A 9 5.98 2.13 -16.30
C PRO A 9 5.02 0.96 -16.46
N MET A 10 4.37 0.89 -17.62
CA MET A 10 3.43 -0.19 -17.91
C MET A 10 4.01 -1.18 -18.91
N ALA A 11 4.46 -2.32 -18.40
CA ALA A 11 5.05 -3.36 -19.25
C ALA A 11 4.37 -4.70 -19.02
N ASN A 12 4.32 -5.51 -20.07
CA ASN A 12 3.69 -6.82 -19.99
C ASN A 12 4.52 -7.78 -19.13
N SER A 13 4.36 -7.69 -17.82
CA SER A 13 5.09 -8.53 -16.89
C SER A 13 4.56 -8.37 -15.47
N GLY A 14 5.07 -9.19 -14.56
CA GLY A 14 4.64 -9.13 -13.17
C GLY A 14 5.79 -8.91 -12.22
N PRO A 15 6.17 -7.63 -12.03
CA PRO A 15 7.27 -7.26 -11.13
C PRO A 15 6.91 -7.47 -9.67
N LEU A 16 5.77 -6.92 -9.25
CA LEU A 16 5.33 -7.06 -7.87
C LEU A 16 3.81 -7.17 -7.80
N CYS A 17 3.32 -7.71 -6.68
CA CYS A 17 1.87 -7.88 -6.49
C CYS A 17 1.47 -7.48 -5.08
N CYS A 18 0.30 -6.87 -4.96
CA CYS A 18 -0.21 -6.43 -3.67
C CYS A 18 -0.24 -7.60 -2.67
N THR A 19 -0.19 -7.28 -1.38
CA THR A 19 -0.21 -8.29 -0.34
C THR A 19 -1.63 -8.67 0.03
N ILE A 20 -2.53 -7.70 0.02
CA ILE A 20 -3.93 -7.93 0.34
C ILE A 20 -4.68 -8.49 -0.85
N CYS A 21 -4.47 -7.90 -2.02
CA CYS A 21 -5.13 -8.34 -3.24
C CYS A 21 -4.43 -9.56 -3.83
N HIS A 22 -3.11 -9.50 -3.89
CA HIS A 22 -2.31 -10.60 -4.44
C HIS A 22 -2.64 -10.83 -5.90
N GLU A 23 -2.78 -9.74 -6.66
CA GLU A 23 -3.10 -9.83 -8.08
C GLU A 23 -2.13 -8.98 -8.91
N ARG A 24 -2.30 -7.67 -8.84
CA ARG A 24 -1.45 -6.75 -9.58
C ARG A 24 -1.35 -5.41 -8.87
N LEU A 25 -0.41 -4.58 -9.32
CA LEU A 25 -0.21 -3.26 -8.73
C LEU A 25 -0.02 -2.20 -9.81
N GLU A 26 -0.98 -1.29 -9.92
CA GLU A 26 -0.91 -0.22 -10.91
C GLU A 26 0.53 0.23 -11.13
N ASP A 27 1.13 0.79 -10.09
CA ASP A 27 2.50 1.27 -10.17
C ASP A 27 3.02 1.67 -8.80
N THR A 28 4.30 2.03 -8.73
CA THR A 28 4.92 2.44 -7.47
C THR A 28 3.91 3.17 -6.58
N HIS A 29 3.01 3.92 -7.20
CA HIS A 29 2.00 4.66 -6.47
C HIS A 29 1.57 3.90 -5.22
N PHE A 30 1.32 2.60 -5.38
CA PHE A 30 0.89 1.76 -4.26
C PHE A 30 1.73 2.05 -3.02
N VAL A 31 1.16 1.77 -1.85
CA VAL A 31 1.86 1.99 -0.58
C VAL A 31 2.75 0.81 -0.23
N GLN A 32 4.06 1.05 -0.21
CA GLN A 32 5.03 0.00 0.12
C GLN A 32 5.68 0.27 1.46
N CYS A 33 5.60 -0.71 2.36
CA CYS A 33 6.18 -0.58 3.69
C CYS A 33 7.67 -0.23 3.60
N PRO A 34 8.07 0.82 4.31
CA PRO A 34 9.46 1.28 4.32
C PRO A 34 10.38 0.32 5.07
N SER A 35 9.78 -0.60 5.81
CA SER A 35 10.55 -1.59 6.58
C SER A 35 10.37 -2.99 5.99
N VAL A 36 9.15 -3.29 5.54
CA VAL A 36 8.85 -4.58 4.97
C VAL A 36 8.75 -4.50 3.45
N PRO A 37 9.61 -5.26 2.75
CA PRO A 37 9.64 -5.28 1.28
C PRO A 37 8.41 -5.96 0.69
N SER A 38 8.02 -7.09 1.28
CA SER A 38 6.86 -7.84 0.81
C SER A 38 5.59 -7.00 0.91
N HIS A 39 5.42 -6.34 2.05
CA HIS A 39 4.25 -5.50 2.27
C HIS A 39 4.01 -4.57 1.09
N LYS A 40 2.95 -4.83 0.34
CA LYS A 40 2.61 -4.02 -0.83
C LYS A 40 1.12 -3.69 -0.84
N PHE A 41 0.73 -2.66 -0.10
CA PHE A 41 -0.66 -2.24 -0.04
C PHE A 41 -0.93 -1.07 -0.98
N CYS A 42 -1.90 -1.25 -1.88
CA CYS A 42 -2.24 -0.22 -2.84
C CYS A 42 -3.18 0.82 -2.21
N PHE A 43 -3.55 1.82 -2.99
CA PHE A 43 -4.44 2.87 -2.51
C PHE A 43 -5.70 2.28 -1.90
N PRO A 44 -6.40 1.44 -2.67
CA PRO A 44 -7.63 0.79 -2.22
C PRO A 44 -7.38 -0.26 -1.14
N CYS A 45 -6.23 -0.13 -0.46
CA CYS A 45 -5.88 -1.07 0.60
C CYS A 45 -5.42 -0.33 1.85
N SER A 46 -4.73 0.79 1.64
CA SER A 46 -4.23 1.59 2.76
C SER A 46 -5.37 2.38 3.40
N ARG A 47 -6.23 2.96 2.56
CA ARG A 47 -7.35 3.75 3.05
C ARG A 47 -8.14 2.98 4.10
N GLU A 48 -8.72 1.85 3.69
CA GLU A 48 -9.51 1.02 4.60
C GLU A 48 -8.87 0.98 5.99
N SER A 49 -7.55 1.11 6.03
CA SER A 49 -6.81 1.09 7.29
C SER A 49 -6.76 2.48 7.91
N ILE A 50 -6.60 3.50 7.06
CA ILE A 50 -6.52 4.87 7.52
C ILE A 50 -7.83 5.30 8.20
N LYS A 51 -8.93 4.73 7.74
CA LYS A 51 -10.24 5.05 8.29
C LYS A 51 -10.52 4.21 9.54
N ALA A 52 -10.22 2.93 9.46
CA ALA A 52 -10.44 2.02 10.58
C ALA A 52 -9.59 2.42 11.79
N GLN A 53 -8.30 2.61 11.56
CA GLN A 53 -7.38 3.00 12.61
C GLN A 53 -7.64 4.42 13.08
N GLY A 54 -7.47 5.38 12.16
CA GLY A 54 -7.70 6.77 12.49
C GLY A 54 -7.44 7.69 11.32
N ALA A 55 -8.49 7.99 10.56
CA ALA A 55 -8.38 8.86 9.40
C ALA A 55 -7.69 10.17 9.76
N THR A 56 -8.07 10.73 10.92
CA THR A 56 -7.49 11.98 11.38
C THR A 56 -6.27 11.73 12.27
N GLY A 57 -6.37 10.72 13.12
CA GLY A 57 -5.27 10.39 14.02
C GLY A 57 -4.16 9.65 13.31
N GLU A 58 -3.45 8.81 14.06
CA GLU A 58 -2.34 8.04 13.50
C GLU A 58 -2.85 6.80 12.78
N VAL A 59 -2.03 6.26 11.88
CA VAL A 59 -2.39 5.06 11.14
C VAL A 59 -1.19 4.14 10.96
N TYR A 60 -1.21 3.01 11.66
CA TYR A 60 -0.11 2.05 11.58
C TYR A 60 -0.26 1.17 10.33
N CYS A 61 0.78 0.41 10.03
CA CYS A 61 0.78 -0.47 8.86
C CYS A 61 -0.61 -1.04 8.62
N PRO A 62 -1.04 -1.01 7.35
CA PRO A 62 -2.36 -1.53 6.95
C PRO A 62 -2.45 -3.05 7.06
N SER A 63 -1.39 -3.66 7.58
CA SER A 63 -1.35 -5.11 7.73
C SER A 63 -1.71 -5.51 9.16
N GLY A 64 -1.41 -4.64 10.10
CA GLY A 64 -1.70 -4.92 11.50
C GLY A 64 -0.51 -5.48 12.25
N GLU A 65 0.69 -5.06 11.83
CA GLU A 65 1.92 -5.52 12.47
C GLU A 65 2.65 -4.38 13.14
N LYS A 66 2.29 -3.15 12.77
CA LYS A 66 2.91 -1.96 13.34
C LYS A 66 4.39 -1.90 13.00
N CYS A 67 4.71 -2.10 11.73
CA CYS A 67 6.10 -2.07 11.26
C CYS A 67 6.70 -0.69 11.47
N PRO A 68 7.80 -0.63 12.24
CA PRO A 68 8.50 0.62 12.52
C PRO A 68 9.21 1.18 11.30
N LEU A 69 9.65 2.44 11.39
CA LEU A 69 10.35 3.08 10.28
C LEU A 69 11.69 2.40 10.01
N VAL A 70 12.20 2.59 8.80
CA VAL A 70 13.47 1.98 8.42
C VAL A 70 14.64 2.74 9.04
N GLY A 71 14.52 4.05 9.12
CA GLY A 71 15.58 4.86 9.70
C GLY A 71 15.23 5.36 11.09
N SER A 72 14.25 4.72 11.71
CA SER A 72 13.82 5.10 13.05
C SER A 72 13.08 3.96 13.73
N ASN A 73 12.74 4.15 15.00
CA ASN A 73 12.02 3.14 15.77
C ASN A 73 10.57 3.55 16.01
N VAL A 74 9.98 4.22 15.01
CA VAL A 74 8.60 4.67 15.10
C VAL A 74 7.78 4.16 13.93
N PRO A 75 6.57 3.65 14.23
CA PRO A 75 5.66 3.13 13.20
C PRO A 75 5.09 4.23 12.31
N TRP A 76 5.59 4.30 11.08
CA TRP A 76 5.13 5.30 10.12
C TRP A 76 3.61 5.46 10.20
N ALA A 77 3.16 6.66 10.54
CA ALA A 77 1.73 6.95 10.64
C ALA A 77 1.32 8.01 9.62
N PHE A 78 0.47 7.61 8.68
CA PHE A 78 0.00 8.52 7.65
C PHE A 78 -0.41 9.87 8.25
N MET A 79 -0.14 10.94 7.52
CA MET A 79 -0.48 12.29 7.98
C MET A 79 -1.46 12.96 7.02
N GLN A 80 -2.15 13.97 7.51
CA GLN A 80 -3.13 14.70 6.71
C GLN A 80 -2.69 14.73 5.25
N GLY A 81 -1.41 14.95 5.01
CA GLY A 81 -0.90 14.99 3.65
C GLY A 81 -1.33 13.79 2.83
N GLU A 82 -0.66 12.67 3.02
CA GLU A 82 -0.98 11.45 2.27
C GLU A 82 -2.39 10.98 2.61
N ILE A 83 -2.69 10.86 3.89
CA ILE A 83 -4.01 10.42 4.34
C ILE A 83 -5.09 10.89 3.37
N ALA A 84 -4.92 12.08 2.83
CA ALA A 84 -5.88 12.64 1.89
C ALA A 84 -5.54 12.26 0.46
N THR A 85 -4.26 12.30 0.13
CA THR A 85 -3.79 11.96 -1.21
C THR A 85 -4.26 10.57 -1.62
N ILE A 86 -4.16 9.62 -0.70
CA ILE A 86 -4.59 8.25 -0.96
C ILE A 86 -6.11 8.12 -0.92
N LEU A 87 -6.71 8.60 0.16
CA LEU A 87 -8.16 8.55 0.32
C LEU A 87 -8.86 8.96 -0.98
N SER A 88 -8.45 10.09 -1.54
CA SER A 88 -9.04 10.59 -2.78
C SER A 88 -9.34 9.44 -3.73
N GLY A 89 -8.29 8.77 -4.20
CA GLY A 89 -8.47 7.66 -5.11
C GLY A 89 -8.98 8.11 -6.47
N PRO A 90 -8.05 8.40 -7.39
CA PRO A 90 -8.40 8.84 -8.75
C PRO A 90 -9.01 7.73 -9.58
N SER A 91 -10.21 7.99 -10.11
CA SER A 91 -10.91 7.01 -10.93
C SER A 91 -10.30 6.91 -12.32
N SER A 92 -10.57 5.81 -13.02
CA SER A 92 -10.05 5.61 -14.36
C SER A 92 -11.16 5.65 -15.40
N GLY A 93 -11.21 6.74 -16.17
CA GLY A 93 -12.23 6.87 -17.18
C GLY A 93 -12.47 5.59 -17.96
ZN ZN B . -4.31 -4.12 -2.59
ZN ZN C . 4.42 -3.29 7.19
N GLY A 1 -19.02 -4.79 -4.15
CA GLY A 1 -19.75 -6.01 -3.85
C GLY A 1 -19.14 -7.23 -4.51
N SER A 2 -19.15 -7.24 -5.84
CA SER A 2 -18.59 -8.35 -6.60
C SER A 2 -17.13 -8.12 -6.93
N SER A 3 -16.46 -9.14 -7.46
CA SER A 3 -15.06 -9.05 -7.82
C SER A 3 -14.63 -10.23 -8.68
N GLY A 4 -13.82 -9.97 -9.69
CA GLY A 4 -13.35 -11.03 -10.57
C GLY A 4 -11.94 -10.78 -11.07
N SER A 5 -11.73 -10.96 -12.37
CA SER A 5 -10.43 -10.77 -12.97
C SER A 5 -10.45 -9.64 -13.99
N SER A 6 -9.78 -8.54 -13.68
CA SER A 6 -9.73 -7.39 -14.57
C SER A 6 -9.08 -7.75 -15.89
N GLY A 7 -8.19 -8.75 -15.86
CA GLY A 7 -7.51 -9.17 -17.07
C GLY A 7 -6.58 -10.34 -16.83
N SER A 8 -5.30 -10.06 -16.64
CA SER A 8 -4.31 -11.10 -16.41
C SER A 8 -4.77 -12.04 -15.30
N PRO A 9 -4.41 -13.33 -15.43
CA PRO A 9 -4.76 -14.36 -14.46
C PRO A 9 -4.02 -14.18 -13.13
N MET A 10 -4.70 -14.51 -12.03
CA MET A 10 -4.11 -14.38 -10.70
C MET A 10 -2.70 -14.97 -10.69
N ALA A 11 -2.55 -16.17 -11.24
CA ALA A 11 -1.27 -16.85 -11.28
C ALA A 11 -0.14 -15.85 -11.52
N ASN A 12 -0.35 -14.93 -12.45
CA ASN A 12 0.65 -13.92 -12.78
C ASN A 12 1.07 -13.15 -11.52
N SER A 13 2.14 -13.60 -10.89
CA SER A 13 2.64 -12.96 -9.68
C SER A 13 4.09 -13.35 -9.42
N GLY A 14 4.88 -12.37 -8.96
CA GLY A 14 6.27 -12.62 -8.68
C GLY A 14 7.06 -11.35 -8.45
N PRO A 15 7.14 -10.50 -9.48
CA PRO A 15 7.86 -9.23 -9.42
C PRO A 15 7.17 -8.21 -8.51
N LEU A 16 5.88 -8.02 -8.73
CA LEU A 16 5.10 -7.07 -7.93
C LEU A 16 3.64 -7.50 -7.85
N CYS A 17 3.14 -7.63 -6.63
CA CYS A 17 1.75 -8.04 -6.41
C CYS A 17 1.31 -7.69 -4.99
N CYS A 18 0.23 -6.92 -4.89
CA CYS A 18 -0.31 -6.52 -3.59
C CYS A 18 -0.32 -7.70 -2.62
N THR A 19 -0.32 -7.39 -1.33
CA THR A 19 -0.33 -8.41 -0.30
C THR A 19 -1.76 -8.78 0.11
N ILE A 20 -2.68 -7.84 -0.08
CA ILE A 20 -4.08 -8.07 0.26
C ILE A 20 -4.88 -8.54 -0.95
N CYS A 21 -4.61 -7.91 -2.09
CA CYS A 21 -5.30 -8.26 -3.33
C CYS A 21 -4.58 -9.38 -4.05
N HIS A 22 -3.25 -9.35 -4.00
CA HIS A 22 -2.43 -10.36 -4.66
C HIS A 22 -2.60 -10.31 -6.17
N GLU A 23 -2.67 -9.10 -6.71
CA GLU A 23 -2.83 -8.91 -8.15
C GLU A 23 -1.74 -8.01 -8.71
N ARG A 24 -1.78 -7.78 -10.02
CA ARG A 24 -0.80 -6.95 -10.68
C ARG A 24 -0.98 -5.48 -10.30
N LEU A 25 -0.21 -5.03 -9.31
CA LEU A 25 -0.29 -3.65 -8.84
C LEU A 25 -0.30 -2.67 -10.02
N GLU A 26 -1.15 -1.66 -9.93
CA GLU A 26 -1.27 -0.66 -10.98
C GLU A 26 0.09 -0.04 -11.29
N ASP A 27 0.67 0.62 -10.31
CA ASP A 27 1.97 1.26 -10.47
C ASP A 27 2.53 1.71 -9.12
N THR A 28 3.81 2.08 -9.12
CA THR A 28 4.46 2.54 -7.89
C THR A 28 3.46 3.21 -6.95
N HIS A 29 2.52 3.94 -7.52
CA HIS A 29 1.50 4.63 -6.73
C HIS A 29 1.16 3.83 -5.47
N PHE A 30 1.01 2.52 -5.63
CA PHE A 30 0.68 1.65 -4.50
C PHE A 30 1.59 1.94 -3.32
N VAL A 31 1.09 1.68 -2.11
CA VAL A 31 1.87 1.90 -0.90
C VAL A 31 2.76 0.71 -0.58
N GLN A 32 3.93 0.98 -0.05
CA GLN A 32 4.88 -0.07 0.30
C GLN A 32 5.53 0.19 1.66
N CYS A 33 5.62 -0.85 2.48
CA CYS A 33 6.20 -0.72 3.81
C CYS A 33 7.70 -0.45 3.71
N PRO A 34 8.17 0.58 4.43
CA PRO A 34 9.59 0.96 4.44
C PRO A 34 10.45 -0.06 5.16
N SER A 35 9.85 -0.80 6.07
CA SER A 35 10.57 -1.81 6.84
C SER A 35 10.40 -3.20 6.20
N VAL A 36 9.21 -3.45 5.68
CA VAL A 36 8.93 -4.74 5.05
C VAL A 36 8.81 -4.59 3.53
N PRO A 37 9.72 -5.26 2.81
CA PRO A 37 9.75 -5.21 1.35
C PRO A 37 8.57 -5.95 0.72
N SER A 38 8.15 -7.03 1.37
CA SER A 38 7.03 -7.82 0.86
C SER A 38 5.72 -7.04 0.95
N HIS A 39 5.50 -6.40 2.10
CA HIS A 39 4.29 -5.61 2.31
C HIS A 39 4.00 -4.72 1.11
N LYS A 40 2.92 -5.03 0.40
CA LYS A 40 2.54 -4.26 -0.78
C LYS A 40 1.06 -3.91 -0.75
N PHE A 41 0.73 -2.74 -0.22
CA PHE A 41 -0.65 -2.29 -0.13
C PHE A 41 -0.92 -1.14 -1.09
N CYS A 42 -1.94 -1.30 -1.93
CA CYS A 42 -2.29 -0.28 -2.90
C CYS A 42 -3.21 0.77 -2.28
N PHE A 43 -3.68 1.71 -3.10
CA PHE A 43 -4.56 2.76 -2.63
C PHE A 43 -5.80 2.17 -1.95
N PRO A 44 -6.51 1.28 -2.67
CA PRO A 44 -7.71 0.63 -2.17
C PRO A 44 -7.40 -0.36 -1.05
N CYS A 45 -6.25 -0.21 -0.42
CA CYS A 45 -5.84 -1.09 0.67
C CYS A 45 -5.46 -0.29 1.91
N SER A 46 -4.69 0.77 1.71
CA SER A 46 -4.26 1.62 2.82
C SER A 46 -5.43 2.42 3.38
N ARG A 47 -6.23 2.99 2.49
CA ARG A 47 -7.38 3.78 2.90
C ARG A 47 -8.19 3.06 3.97
N GLU A 48 -8.76 1.91 3.60
CA GLU A 48 -9.56 1.12 4.53
C GLU A 48 -8.91 1.10 5.92
N SER A 49 -7.58 1.14 5.94
CA SER A 49 -6.83 1.12 7.20
C SER A 49 -6.81 2.51 7.84
N ILE A 50 -6.74 3.53 7.00
CA ILE A 50 -6.70 4.91 7.49
C ILE A 50 -7.97 5.24 8.27
N LYS A 51 -9.09 4.69 7.84
CA LYS A 51 -10.37 4.93 8.50
C LYS A 51 -10.55 4.01 9.69
N ALA A 52 -10.18 2.74 9.53
CA ALA A 52 -10.29 1.76 10.60
C ALA A 52 -9.45 2.17 11.80
N GLN A 53 -8.18 2.48 11.56
CA GLN A 53 -7.28 2.89 12.63
C GLN A 53 -7.60 4.30 13.11
N GLY A 54 -7.52 5.27 12.21
CA GLY A 54 -7.82 6.65 12.56
C GLY A 54 -7.61 7.60 11.40
N ALA A 55 -8.69 7.92 10.71
CA ALA A 55 -8.63 8.83 9.57
C ALA A 55 -8.02 10.17 9.96
N THR A 56 -8.40 10.66 11.15
CA THR A 56 -7.89 11.93 11.65
C THR A 56 -6.59 11.74 12.42
N GLY A 57 -6.52 10.67 13.20
CA GLY A 57 -5.33 10.38 13.98
C GLY A 57 -4.25 9.71 13.17
N GLU A 58 -3.41 8.92 13.84
CA GLU A 58 -2.33 8.22 13.16
C GLU A 58 -2.80 6.88 12.61
N VAL A 59 -2.11 6.39 11.59
CA VAL A 59 -2.46 5.12 10.96
C VAL A 59 -1.22 4.26 10.71
N TYR A 60 -1.13 3.15 11.43
CA TYR A 60 0.01 2.24 11.29
C TYR A 60 -0.16 1.34 10.08
N CYS A 61 0.87 0.55 9.78
CA CYS A 61 0.84 -0.36 8.65
C CYS A 61 -0.55 -0.99 8.50
N PRO A 62 -1.04 -1.03 7.25
CA PRO A 62 -2.35 -1.60 6.93
C PRO A 62 -2.39 -3.12 7.11
N SER A 63 -1.28 -3.68 7.59
CA SER A 63 -1.18 -5.12 7.80
C SER A 63 -1.51 -5.48 9.24
N GLY A 64 -1.18 -4.58 10.17
CA GLY A 64 -1.44 -4.83 11.56
C GLY A 64 -0.22 -5.33 12.31
N GLU A 65 0.96 -4.91 11.86
CA GLU A 65 2.20 -5.33 12.49
C GLU A 65 2.99 -4.12 12.99
N LYS A 66 2.31 -3.00 13.15
CA LYS A 66 2.94 -1.78 13.62
C LYS A 66 4.39 -1.69 13.14
N CYS A 67 4.59 -1.94 11.85
CA CYS A 67 5.92 -1.89 11.26
C CYS A 67 6.52 -0.49 11.38
N PRO A 68 7.61 -0.38 12.16
CA PRO A 68 8.29 0.91 12.37
C PRO A 68 9.02 1.38 11.12
N LEU A 69 9.34 2.67 11.09
CA LEU A 69 10.05 3.26 9.95
C LEU A 69 11.44 2.66 9.79
N VAL A 70 11.81 2.35 8.56
CA VAL A 70 13.12 1.76 8.28
C VAL A 70 14.22 2.52 9.02
N GLY A 71 14.99 1.79 9.82
CA GLY A 71 16.07 2.40 10.57
C GLY A 71 15.57 3.17 11.78
N SER A 72 14.52 3.95 11.59
CA SER A 72 13.95 4.75 12.66
C SER A 72 13.08 3.89 13.57
N ASN A 73 12.86 4.36 14.80
CA ASN A 73 12.04 3.64 15.76
C ASN A 73 10.66 4.29 15.90
N VAL A 74 10.10 4.72 14.78
CA VAL A 74 8.80 5.36 14.78
C VAL A 74 7.91 4.82 13.66
N PRO A 75 6.69 4.38 14.02
CA PRO A 75 5.74 3.84 13.05
C PRO A 75 5.19 4.90 12.11
N TRP A 76 5.47 4.75 10.83
CA TRP A 76 5.01 5.70 9.81
C TRP A 76 3.49 5.80 9.83
N ALA A 77 2.98 7.00 10.12
CA ALA A 77 1.55 7.23 10.16
C ALA A 77 1.12 8.24 9.11
N PHE A 78 0.27 7.81 8.19
CA PHE A 78 -0.22 8.67 7.12
C PHE A 78 -0.46 10.09 7.64
N MET A 79 -0.26 11.07 6.77
CA MET A 79 -0.46 12.47 7.13
C MET A 79 -1.44 13.14 6.18
N GLN A 80 -1.99 14.28 6.62
CA GLN A 80 -2.95 15.02 5.80
C GLN A 80 -2.63 14.87 4.31
N GLY A 81 -1.35 14.94 3.98
CA GLY A 81 -0.94 14.81 2.60
C GLY A 81 -1.33 13.47 1.99
N GLU A 82 -0.67 12.41 2.44
CA GLU A 82 -0.96 11.07 1.95
C GLU A 82 -2.41 10.68 2.22
N ILE A 83 -2.82 10.82 3.48
CA ILE A 83 -4.18 10.49 3.87
C ILE A 83 -5.18 10.88 2.79
N ALA A 84 -4.93 12.00 2.14
CA ALA A 84 -5.81 12.49 1.08
C ALA A 84 -5.36 11.96 -0.28
N THR A 85 -4.06 11.95 -0.51
CA THR A 85 -3.51 11.47 -1.77
C THR A 85 -4.01 10.07 -2.09
N ILE A 86 -3.97 9.20 -1.09
CA ILE A 86 -4.42 7.82 -1.27
C ILE A 86 -5.94 7.74 -1.29
N LEU A 87 -6.57 8.42 -0.34
CA LEU A 87 -8.03 8.43 -0.26
C LEU A 87 -8.66 8.85 -1.58
N SER A 88 -8.34 10.07 -2.02
CA SER A 88 -8.87 10.58 -3.27
C SER A 88 -10.37 10.36 -3.36
N GLY A 89 -11.07 10.58 -2.25
CA GLY A 89 -12.51 10.39 -2.21
C GLY A 89 -13.22 11.54 -1.54
N PRO A 90 -13.47 11.41 -0.23
CA PRO A 90 -14.16 12.42 0.56
C PRO A 90 -13.31 13.68 0.76
N SER A 91 -12.15 13.70 0.12
CA SER A 91 -11.24 14.83 0.23
C SER A 91 -11.61 15.92 -0.77
N SER A 92 -12.35 16.93 -0.30
CA SER A 92 -12.78 18.03 -1.14
C SER A 92 -12.19 19.35 -0.65
N GLY A 93 -11.28 19.91 -1.43
CA GLY A 93 -10.65 21.17 -1.06
C GLY A 93 -9.14 21.14 -1.24
ZN ZN B . -4.39 -4.18 -2.54
ZN ZN C . 4.49 -3.31 7.23
N GLY A 1 -23.52 -23.54 -13.91
CA GLY A 1 -22.77 -22.30 -13.80
C GLY A 1 -21.79 -22.12 -14.94
N SER A 2 -22.30 -21.67 -16.09
CA SER A 2 -21.46 -21.45 -17.27
C SER A 2 -21.15 -19.97 -17.45
N SER A 3 -19.95 -19.57 -17.04
CA SER A 3 -19.53 -18.18 -17.15
C SER A 3 -18.93 -17.91 -18.53
N GLY A 4 -18.90 -16.63 -18.90
CA GLY A 4 -18.35 -16.25 -20.20
C GLY A 4 -16.99 -16.87 -20.45
N SER A 5 -15.94 -16.20 -20.01
CA SER A 5 -14.57 -16.68 -20.20
C SER A 5 -14.24 -17.74 -19.17
N SER A 6 -14.05 -18.97 -19.63
CA SER A 6 -13.72 -20.09 -18.74
C SER A 6 -12.23 -20.09 -18.39
N GLY A 7 -11.72 -18.93 -17.99
CA GLY A 7 -10.33 -18.81 -17.64
C GLY A 7 -9.98 -19.55 -16.36
N SER A 8 -8.70 -19.82 -16.15
CA SER A 8 -8.25 -20.53 -14.96
C SER A 8 -8.26 -19.62 -13.74
N PRO A 9 -8.79 -20.14 -12.63
CA PRO A 9 -8.88 -19.38 -11.38
C PRO A 9 -7.51 -19.15 -10.74
N MET A 10 -6.46 -19.61 -11.42
CA MET A 10 -5.10 -19.45 -10.93
C MET A 10 -4.46 -18.20 -11.50
N ALA A 11 -3.25 -17.88 -11.01
CA ALA A 11 -2.53 -16.71 -11.49
C ALA A 11 -1.02 -16.86 -11.25
N ASN A 12 -0.23 -16.41 -12.21
CA ASN A 12 1.22 -16.50 -12.10
C ASN A 12 1.80 -15.22 -11.51
N SER A 13 1.88 -15.15 -10.18
CA SER A 13 2.41 -13.99 -9.50
C SER A 13 3.88 -13.77 -9.85
N GLY A 14 4.15 -12.86 -10.76
CA GLY A 14 5.51 -12.57 -11.17
C GLY A 14 5.99 -11.22 -10.67
N PRO A 15 5.54 -10.15 -11.34
CA PRO A 15 5.92 -8.77 -10.99
C PRO A 15 5.31 -8.33 -9.66
N LEU A 16 5.78 -7.20 -9.15
CA LEU A 16 5.28 -6.66 -7.89
C LEU A 16 3.77 -6.85 -7.78
N CYS A 17 3.33 -7.52 -6.72
CA CYS A 17 1.91 -7.77 -6.49
C CYS A 17 1.50 -7.36 -5.08
N CYS A 18 0.30 -6.81 -4.95
CA CYS A 18 -0.21 -6.37 -3.66
C CYS A 18 -0.20 -7.53 -2.65
N THR A 19 -0.22 -7.18 -1.37
CA THR A 19 -0.21 -8.19 -0.31
C THR A 19 -1.62 -8.62 0.04
N ILE A 20 -2.55 -7.67 0.02
CA ILE A 20 -3.94 -7.95 0.34
C ILE A 20 -4.69 -8.48 -0.87
N CYS A 21 -4.49 -7.84 -2.02
CA CYS A 21 -5.14 -8.24 -3.25
C CYS A 21 -4.40 -9.40 -3.90
N HIS A 22 -3.12 -9.54 -3.58
CA HIS A 22 -2.30 -10.62 -4.13
C HIS A 22 -2.46 -10.70 -5.64
N GLU A 23 -2.42 -9.55 -6.30
CA GLU A 23 -2.55 -9.49 -7.76
C GLU A 23 -1.62 -8.44 -8.34
N ARG A 24 -1.73 -8.22 -9.65
CA ARG A 24 -0.89 -7.25 -10.35
C ARG A 24 -1.15 -5.85 -9.82
N LEU A 25 -0.08 -5.16 -9.45
CA LEU A 25 -0.19 -3.80 -8.93
C LEU A 25 0.00 -2.77 -10.04
N GLU A 26 -0.79 -1.70 -10.00
CA GLU A 26 -0.70 -0.65 -10.99
C GLU A 26 0.74 -0.20 -11.20
N ASP A 27 1.36 0.30 -10.14
CA ASP A 27 2.74 0.77 -10.20
C ASP A 27 3.24 1.17 -8.82
N THR A 28 4.54 1.42 -8.71
CA THR A 28 5.14 1.81 -7.44
C THR A 28 4.19 2.67 -6.63
N HIS A 29 3.39 3.48 -7.32
CA HIS A 29 2.42 4.36 -6.65
C HIS A 29 1.88 3.71 -5.39
N PHE A 30 1.58 2.41 -5.48
CA PHE A 30 1.05 1.67 -4.35
C PHE A 30 1.85 1.95 -3.08
N VAL A 31 1.24 1.70 -1.93
CA VAL A 31 1.91 1.92 -0.65
C VAL A 31 2.82 0.74 -0.29
N GLN A 32 4.13 0.99 -0.27
CA GLN A 32 5.09 -0.05 0.06
C GLN A 32 5.74 0.22 1.41
N CYS A 33 5.62 -0.76 2.31
CA CYS A 33 6.19 -0.63 3.65
C CYS A 33 7.64 -0.19 3.58
N PRO A 34 7.97 0.89 4.32
CA PRO A 34 9.33 1.45 4.36
C PRO A 34 10.30 0.53 5.09
N SER A 35 9.81 -0.62 5.54
CA SER A 35 10.64 -1.58 6.25
C SER A 35 10.43 -3.00 5.70
N VAL A 36 9.17 -3.32 5.41
CA VAL A 36 8.83 -4.63 4.87
C VAL A 36 8.68 -4.59 3.36
N PRO A 37 9.51 -5.37 2.66
CA PRO A 37 9.49 -5.44 1.19
C PRO A 37 8.25 -6.15 0.67
N SER A 38 7.91 -7.27 1.30
CA SER A 38 6.74 -8.05 0.89
C SER A 38 5.47 -7.22 1.02
N HIS A 39 5.39 -6.43 2.08
CA HIS A 39 4.22 -5.59 2.32
C HIS A 39 4.00 -4.62 1.16
N LYS A 40 2.97 -4.89 0.37
CA LYS A 40 2.65 -4.04 -0.77
C LYS A 40 1.16 -3.73 -0.81
N PHE A 41 0.77 -2.67 -0.11
CA PHE A 41 -0.63 -2.26 -0.06
C PHE A 41 -0.89 -1.10 -1.03
N CYS A 42 -1.92 -1.26 -1.86
CA CYS A 42 -2.27 -0.24 -2.84
C CYS A 42 -3.18 0.82 -2.21
N PHE A 43 -3.63 1.76 -3.03
CA PHE A 43 -4.50 2.82 -2.56
C PHE A 43 -5.77 2.25 -1.92
N PRO A 44 -6.47 1.38 -2.66
CA PRO A 44 -7.70 0.74 -2.19
C PRO A 44 -7.44 -0.28 -1.09
N CYS A 45 -6.28 -0.15 -0.43
CA CYS A 45 -5.91 -1.06 0.64
C CYS A 45 -5.47 -0.29 1.88
N SER A 46 -4.76 0.82 1.66
CA SER A 46 -4.29 1.64 2.77
C SER A 46 -5.43 2.44 3.39
N ARG A 47 -6.25 3.04 2.53
CA ARG A 47 -7.38 3.84 2.99
C ARG A 47 -8.19 3.08 4.03
N GLU A 48 -8.69 1.91 3.66
CA GLU A 48 -9.47 1.08 4.57
C GLU A 48 -8.84 1.06 5.96
N SER A 49 -7.51 1.10 6.00
CA SER A 49 -6.79 1.09 7.27
C SER A 49 -6.74 2.47 7.89
N ILE A 50 -6.73 3.49 7.04
CA ILE A 50 -6.68 4.88 7.51
C ILE A 50 -7.97 5.26 8.23
N LYS A 51 -9.09 4.76 7.73
CA LYS A 51 -10.39 5.04 8.33
C LYS A 51 -10.63 4.16 9.55
N ALA A 52 -10.29 2.88 9.43
CA ALA A 52 -10.47 1.93 10.53
C ALA A 52 -9.64 2.34 11.74
N GLN A 53 -8.36 2.62 11.51
CA GLN A 53 -7.46 3.01 12.59
C GLN A 53 -7.76 4.44 13.05
N GLY A 54 -7.62 5.40 12.13
CA GLY A 54 -7.88 6.79 12.46
C GLY A 54 -7.37 7.74 11.39
N ALA A 55 -8.29 8.29 10.61
CA ALA A 55 -7.94 9.22 9.55
C ALA A 55 -7.33 10.50 10.12
N THR A 56 -7.91 10.99 11.22
CA THR A 56 -7.43 12.19 11.86
C THR A 56 -6.20 11.92 12.71
N GLY A 57 -6.16 10.75 13.34
CA GLY A 57 -5.02 10.38 14.17
C GLY A 57 -3.94 9.69 13.39
N GLU A 58 -3.21 8.79 14.06
CA GLU A 58 -2.13 8.05 13.41
C GLU A 58 -2.64 6.75 12.80
N VAL A 59 -1.96 6.30 11.75
CA VAL A 59 -2.35 5.07 11.08
C VAL A 59 -1.16 4.15 10.87
N TYR A 60 -1.13 3.04 11.60
CA TYR A 60 -0.04 2.08 11.51
C TYR A 60 -0.19 1.21 10.27
N CYS A 61 0.83 0.38 10.01
CA CYS A 61 0.80 -0.51 8.86
C CYS A 61 -0.60 -1.06 8.62
N PRO A 62 -1.03 -1.05 7.36
CA PRO A 62 -2.36 -1.56 6.97
C PRO A 62 -2.46 -3.07 7.09
N SER A 63 -1.41 -3.70 7.62
CA SER A 63 -1.38 -5.14 7.79
C SER A 63 -1.72 -5.52 9.22
N GLY A 64 -1.43 -4.63 10.16
CA GLY A 64 -1.71 -4.89 11.56
C GLY A 64 -0.51 -5.46 12.29
N GLU A 65 0.68 -5.07 11.87
CA GLU A 65 1.91 -5.55 12.49
C GLU A 65 2.67 -4.41 13.15
N LYS A 66 2.32 -3.18 12.78
CA LYS A 66 2.97 -2.00 13.33
C LYS A 66 4.45 -1.96 12.97
N CYS A 67 4.74 -2.14 11.68
CA CYS A 67 6.12 -2.14 11.20
C CYS A 67 6.75 -0.76 11.39
N PRO A 68 7.84 -0.71 12.18
CA PRO A 68 8.56 0.54 12.45
C PRO A 68 9.30 1.07 11.23
N LEU A 69 9.76 2.31 11.31
CA LEU A 69 10.49 2.93 10.20
C LEU A 69 11.85 2.28 10.03
N VAL A 70 12.38 2.34 8.80
CA VAL A 70 13.68 1.76 8.49
C VAL A 70 14.80 2.62 9.06
N GLY A 71 14.62 3.93 9.02
CA GLY A 71 15.62 4.84 9.53
C GLY A 71 15.28 5.39 10.90
N SER A 72 14.34 4.73 11.58
CA SER A 72 13.91 5.16 12.90
C SER A 72 13.22 4.01 13.65
N ASN A 73 12.84 4.28 14.89
CA ASN A 73 12.16 3.27 15.71
C ASN A 73 10.70 3.64 15.94
N VAL A 74 10.08 4.22 14.91
CA VAL A 74 8.68 4.63 15.00
C VAL A 74 7.89 4.12 13.81
N PRO A 75 6.66 3.65 14.08
CA PRO A 75 5.76 3.13 13.03
C PRO A 75 5.26 4.22 12.10
N TRP A 76 5.69 4.17 10.84
CA TRP A 76 5.28 5.16 9.85
C TRP A 76 3.76 5.33 9.85
N ALA A 77 3.32 6.53 10.23
CA ALA A 77 1.90 6.84 10.28
C ALA A 77 1.50 7.82 9.18
N PHE A 78 0.53 7.44 8.37
CA PHE A 78 0.06 8.30 7.28
C PHE A 78 -0.12 9.73 7.75
N MET A 79 0.39 10.67 6.97
CA MET A 79 0.27 12.10 7.31
C MET A 79 -0.91 12.74 6.58
N GLN A 80 -1.54 13.69 7.23
CA GLN A 80 -2.70 14.39 6.65
C GLN A 80 -2.55 14.49 5.14
N GLY A 81 -1.35 14.85 4.68
CA GLY A 81 -1.10 14.99 3.26
C GLY A 81 -1.46 13.73 2.49
N GLU A 82 -0.75 12.64 2.78
CA GLU A 82 -0.99 11.37 2.11
C GLU A 82 -2.38 10.83 2.45
N ILE A 83 -2.71 10.84 3.73
CA ILE A 83 -4.01 10.35 4.18
C ILE A 83 -5.12 10.76 3.21
N ALA A 84 -4.99 11.95 2.64
CA ALA A 84 -5.98 12.44 1.68
C ALA A 84 -5.61 12.05 0.25
N THR A 85 -4.32 12.16 -0.07
CA THR A 85 -3.84 11.81 -1.41
C THR A 85 -4.35 10.44 -1.84
N ILE A 86 -4.32 9.48 -0.91
CA ILE A 86 -4.78 8.13 -1.19
C ILE A 86 -6.30 8.06 -1.22
N LEU A 87 -6.93 8.40 -0.10
CA LEU A 87 -8.38 8.39 0.01
C LEU A 87 -9.03 8.87 -1.29
N SER A 88 -8.59 10.02 -1.77
CA SER A 88 -9.12 10.59 -2.99
C SER A 88 -8.73 9.74 -4.20
N GLY A 89 -7.51 9.20 -4.17
CA GLY A 89 -7.04 8.38 -5.27
C GLY A 89 -7.14 9.09 -6.61
N PRO A 90 -6.47 8.53 -7.62
CA PRO A 90 -6.47 9.09 -8.98
C PRO A 90 -7.83 8.97 -9.66
N SER A 91 -8.67 8.09 -9.13
CA SER A 91 -10.01 7.88 -9.69
C SER A 91 -10.96 8.99 -9.26
N SER A 92 -12.11 9.05 -9.92
CA SER A 92 -13.11 10.07 -9.62
C SER A 92 -14.52 9.56 -9.94
N GLY A 93 -15.52 10.24 -9.39
CA GLY A 93 -16.90 9.84 -9.62
C GLY A 93 -17.12 8.36 -9.42
ZN ZN B . -4.37 -4.14 -2.52
ZN ZN C . 4.38 -3.40 7.13
N GLY A 1 -8.51 4.78 -10.88
CA GLY A 1 -9.44 5.11 -11.94
C GLY A 1 -10.67 4.22 -11.93
N SER A 2 -10.63 3.16 -12.71
CA SER A 2 -11.75 2.23 -12.80
C SER A 2 -11.26 0.79 -12.86
N SER A 3 -12.18 -0.15 -12.61
CA SER A 3 -11.84 -1.57 -12.63
C SER A 3 -12.40 -2.24 -13.88
N GLY A 4 -11.79 -3.36 -14.27
CA GLY A 4 -12.24 -4.08 -15.45
C GLY A 4 -11.09 -4.50 -16.35
N SER A 5 -10.41 -3.52 -16.92
CA SER A 5 -9.29 -3.78 -17.81
C SER A 5 -8.14 -4.45 -17.06
N SER A 6 -7.59 -5.51 -17.65
CA SER A 6 -6.49 -6.24 -17.04
C SER A 6 -5.17 -5.50 -17.23
N GLY A 7 -4.10 -6.04 -16.66
CA GLY A 7 -2.80 -5.42 -16.78
C GLY A 7 -1.96 -6.04 -17.90
N SER A 8 -0.66 -5.73 -17.90
CA SER A 8 0.23 -6.24 -18.91
C SER A 8 1.35 -7.07 -18.28
N PRO A 9 1.75 -8.16 -18.97
CA PRO A 9 2.81 -9.05 -18.50
C PRO A 9 4.19 -8.38 -18.54
N MET A 10 5.21 -9.13 -18.15
CA MET A 10 6.58 -8.63 -18.15
C MET A 10 7.59 -9.77 -18.04
N ALA A 11 8.76 -9.57 -18.64
CA ALA A 11 9.81 -10.58 -18.61
C ALA A 11 9.84 -11.30 -17.26
N ASN A 12 9.90 -10.52 -16.18
CA ASN A 12 9.93 -11.08 -14.83
C ASN A 12 8.69 -11.94 -14.57
N SER A 13 8.83 -12.87 -13.63
CA SER A 13 7.73 -13.75 -13.28
C SER A 13 7.16 -13.41 -11.89
N GLY A 14 6.10 -12.62 -11.88
CA GLY A 14 5.49 -12.23 -10.62
C GLY A 14 6.13 -10.99 -10.03
N PRO A 15 5.88 -9.83 -10.65
CA PRO A 15 6.43 -8.55 -10.19
C PRO A 15 5.79 -8.09 -8.89
N LEU A 16 6.19 -6.90 -8.44
CA LEU A 16 5.66 -6.34 -7.20
C LEU A 16 4.14 -6.41 -7.19
N CYS A 17 3.60 -7.30 -6.35
CA CYS A 17 2.15 -7.46 -6.23
C CYS A 17 1.67 -7.06 -4.85
N CYS A 18 0.37 -6.81 -4.73
CA CYS A 18 -0.22 -6.42 -3.45
C CYS A 18 -0.31 -7.61 -2.50
N THR A 19 -0.14 -7.35 -1.21
CA THR A 19 -0.19 -8.40 -0.20
C THR A 19 -1.64 -8.74 0.16
N ILE A 20 -2.51 -7.74 0.03
CA ILE A 20 -3.93 -7.95 0.33
C ILE A 20 -4.69 -8.47 -0.88
N CYS A 21 -4.37 -7.93 -2.05
CA CYS A 21 -5.02 -8.34 -3.28
C CYS A 21 -4.26 -9.49 -3.94
N HIS A 22 -2.95 -9.31 -4.10
CA HIS A 22 -2.11 -10.33 -4.71
C HIS A 22 -2.49 -10.55 -6.16
N GLU A 23 -2.70 -9.45 -6.89
CA GLU A 23 -3.07 -9.52 -8.30
C GLU A 23 -2.02 -8.84 -9.17
N ARG A 24 -2.02 -7.51 -9.15
CA ARG A 24 -1.07 -6.73 -9.95
C ARG A 24 -1.07 -5.27 -9.51
N LEU A 25 0.11 -4.68 -9.44
CA LEU A 25 0.26 -3.29 -9.04
C LEU A 25 1.22 -2.55 -9.98
N GLU A 26 1.58 -3.20 -11.07
CA GLU A 26 2.49 -2.59 -12.04
C GLU A 26 3.65 -1.90 -11.34
N ASP A 27 3.96 -2.36 -10.13
CA ASP A 27 5.05 -1.78 -9.36
C ASP A 27 5.03 -0.26 -9.44
N THR A 28 3.85 0.31 -9.29
CA THR A 28 3.68 1.76 -9.34
C THR A 28 2.32 2.19 -8.82
N HIS A 29 2.28 3.31 -8.10
CA HIS A 29 1.04 3.82 -7.54
C HIS A 29 0.49 2.88 -6.49
N PHE A 30 1.31 2.57 -5.49
CA PHE A 30 0.90 1.68 -4.41
C PHE A 30 1.73 1.93 -3.15
N VAL A 31 1.11 1.72 -1.99
CA VAL A 31 1.79 1.93 -0.72
C VAL A 31 2.65 0.72 -0.35
N GLN A 32 3.94 0.97 -0.15
CA GLN A 32 4.88 -0.09 0.19
C GLN A 32 5.53 0.17 1.55
N CYS A 33 5.65 -0.86 2.36
CA CYS A 33 6.24 -0.75 3.69
C CYS A 33 7.69 -0.30 3.59
N PRO A 34 8.03 0.78 4.31
CA PRO A 34 9.39 1.34 4.32
C PRO A 34 10.38 0.43 5.04
N SER A 35 9.88 -0.69 5.56
CA SER A 35 10.72 -1.64 6.27
C SER A 35 10.57 -3.04 5.70
N VAL A 36 9.33 -3.43 5.42
CA VAL A 36 9.05 -4.75 4.86
C VAL A 36 8.84 -4.67 3.36
N PRO A 37 9.66 -5.42 2.60
CA PRO A 37 9.58 -5.45 1.14
C PRO A 37 8.33 -6.17 0.65
N SER A 38 8.01 -7.29 1.27
CA SER A 38 6.83 -8.07 0.89
C SER A 38 5.56 -7.24 1.04
N HIS A 39 5.46 -6.54 2.17
CA HIS A 39 4.28 -5.71 2.44
C HIS A 39 4.03 -4.74 1.29
N LYS A 40 2.99 -4.99 0.53
CA LYS A 40 2.63 -4.13 -0.61
C LYS A 40 1.13 -3.84 -0.62
N PHE A 41 0.76 -2.66 -0.13
CA PHE A 41 -0.65 -2.26 -0.09
C PHE A 41 -0.91 -1.11 -1.06
N CYS A 42 -1.95 -1.27 -1.88
CA CYS A 42 -2.31 -0.26 -2.86
C CYS A 42 -3.20 0.81 -2.23
N PHE A 43 -3.71 1.71 -3.06
CA PHE A 43 -4.57 2.79 -2.59
C PHE A 43 -5.83 2.23 -1.94
N PRO A 44 -6.55 1.36 -2.68
CA PRO A 44 -7.78 0.74 -2.19
C PRO A 44 -7.52 -0.28 -1.08
N CYS A 45 -6.35 -0.17 -0.44
CA CYS A 45 -5.98 -1.07 0.64
C CYS A 45 -5.52 -0.29 1.86
N SER A 46 -4.77 0.79 1.63
CA SER A 46 -4.27 1.62 2.71
C SER A 46 -5.39 2.43 3.35
N ARG A 47 -6.30 2.91 2.52
CA ARG A 47 -7.43 3.72 3.00
C ARG A 47 -8.19 2.97 4.09
N GLU A 48 -8.72 1.80 3.74
CA GLU A 48 -9.47 0.99 4.69
C GLU A 48 -8.80 0.98 6.05
N SER A 49 -7.48 1.15 6.05
CA SER A 49 -6.72 1.15 7.29
C SER A 49 -6.68 2.55 7.91
N ILE A 50 -6.70 3.57 7.05
CA ILE A 50 -6.69 4.95 7.52
C ILE A 50 -7.99 5.32 8.21
N LYS A 51 -9.08 4.68 7.78
CA LYS A 51 -10.39 4.94 8.36
C LYS A 51 -10.60 4.12 9.63
N ALA A 52 -10.29 2.83 9.55
CA ALA A 52 -10.44 1.94 10.70
C ALA A 52 -9.58 2.40 11.87
N GLN A 53 -8.30 2.65 11.60
CA GLN A 53 -7.38 3.10 12.63
C GLN A 53 -7.70 4.52 13.07
N GLY A 54 -7.54 5.47 12.15
CA GLY A 54 -7.81 6.86 12.47
C GLY A 54 -7.41 7.80 11.36
N ALA A 55 -8.38 8.26 10.58
CA ALA A 55 -8.11 9.17 9.48
C ALA A 55 -7.48 10.46 9.97
N THR A 56 -7.96 10.94 11.12
CA THR A 56 -7.44 12.18 11.70
C THR A 56 -6.18 11.91 12.51
N GLY A 57 -6.19 10.83 13.28
CA GLY A 57 -5.05 10.48 14.10
C GLY A 57 -3.95 9.79 13.31
N GLU A 58 -3.22 8.90 13.96
CA GLU A 58 -2.14 8.16 13.30
C GLU A 58 -2.67 6.90 12.65
N VAL A 59 -1.86 6.33 11.75
CA VAL A 59 -2.25 5.10 11.05
C VAL A 59 -1.04 4.20 10.83
N TYR A 60 -0.98 3.09 11.55
CA TYR A 60 0.11 2.15 11.42
C TYR A 60 -0.08 1.24 10.21
N CYS A 61 0.93 0.44 9.91
CA CYS A 61 0.87 -0.48 8.79
C CYS A 61 -0.55 -1.02 8.60
N PRO A 62 -1.01 -1.03 7.34
CA PRO A 62 -2.35 -1.50 6.99
C PRO A 62 -2.49 -3.01 7.15
N SER A 63 -1.42 -3.65 7.61
CA SER A 63 -1.43 -5.09 7.82
C SER A 63 -1.79 -5.44 9.25
N GLY A 64 -1.48 -4.53 10.18
CA GLY A 64 -1.79 -4.76 11.57
C GLY A 64 -0.61 -5.32 12.35
N GLU A 65 0.60 -4.93 11.93
CA GLU A 65 1.81 -5.41 12.58
C GLU A 65 2.58 -4.24 13.21
N LYS A 66 2.23 -3.03 12.82
CA LYS A 66 2.87 -1.84 13.34
C LYS A 66 4.35 -1.81 12.98
N CYS A 67 4.66 -2.06 11.71
CA CYS A 67 6.03 -2.08 11.24
C CYS A 67 6.67 -0.69 11.39
N PRO A 68 7.76 -0.64 12.17
CA PRO A 68 8.49 0.61 12.42
C PRO A 68 9.23 1.10 11.19
N LEU A 69 9.62 2.37 11.20
CA LEU A 69 10.34 2.96 10.09
C LEU A 69 11.76 2.40 9.98
N VAL A 70 12.21 2.18 8.75
CA VAL A 70 13.55 1.64 8.51
C VAL A 70 14.61 2.50 9.20
N GLY A 71 15.38 1.86 10.07
CA GLY A 71 16.43 2.57 10.78
C GLY A 71 15.91 3.31 12.01
N SER A 72 14.74 3.93 11.86
CA SER A 72 14.13 4.67 12.97
C SER A 72 13.30 3.74 13.86
N ASN A 73 12.95 4.23 15.04
CA ASN A 73 12.16 3.46 15.98
C ASN A 73 10.76 4.05 16.14
N VAL A 74 10.18 4.49 15.03
CA VAL A 74 8.85 5.07 15.04
C VAL A 74 8.01 4.57 13.87
N PRO A 75 6.73 4.28 14.14
CA PRO A 75 5.79 3.78 13.13
C PRO A 75 5.45 4.85 12.10
N TRP A 76 5.54 4.49 10.82
CA TRP A 76 5.23 5.42 9.74
C TRP A 76 3.72 5.66 9.64
N ALA A 77 3.25 6.72 10.31
CA ALA A 77 1.83 7.05 10.30
C ALA A 77 1.52 8.05 9.18
N PHE A 78 0.72 7.60 8.21
CA PHE A 78 0.33 8.45 7.10
C PHE A 78 0.21 9.91 7.53
N MET A 79 0.72 10.81 6.69
CA MET A 79 0.67 12.25 6.99
C MET A 79 -0.57 12.89 6.37
N GLN A 80 -1.07 13.93 7.00
CA GLN A 80 -2.25 14.64 6.52
C GLN A 80 -2.26 14.69 4.99
N GLY A 81 -1.09 14.88 4.41
CA GLY A 81 -0.98 14.94 2.96
C GLY A 81 -1.32 13.63 2.29
N GLU A 82 -0.60 12.57 2.67
CA GLU A 82 -0.83 11.25 2.10
C GLU A 82 -2.23 10.75 2.42
N ILE A 83 -2.61 10.84 3.69
CA ILE A 83 -3.93 10.41 4.13
C ILE A 83 -5.01 10.80 3.12
N ALA A 84 -4.83 11.97 2.52
CA ALA A 84 -5.78 12.47 1.53
C ALA A 84 -5.39 12.04 0.13
N THR A 85 -4.10 12.11 -0.17
CA THR A 85 -3.59 11.72 -1.49
C THR A 85 -4.10 10.34 -1.88
N ILE A 86 -4.05 9.41 -0.94
CA ILE A 86 -4.50 8.05 -1.19
C ILE A 86 -6.02 7.96 -1.20
N LEU A 87 -6.65 8.46 -0.13
CA LEU A 87 -8.10 8.44 -0.02
C LEU A 87 -8.76 8.91 -1.31
N SER A 88 -8.27 10.04 -1.84
CA SER A 88 -8.81 10.60 -3.07
C SER A 88 -8.22 9.90 -4.29
N GLY A 89 -6.93 10.09 -4.50
CA GLY A 89 -6.26 9.46 -5.64
C GLY A 89 -6.45 10.25 -6.92
N PRO A 90 -5.81 11.42 -7.00
CA PRO A 90 -5.89 12.29 -8.18
C PRO A 90 -5.18 11.71 -9.38
N SER A 91 -5.86 10.82 -10.11
CA SER A 91 -5.28 10.18 -11.29
C SER A 91 -5.92 10.72 -12.56
N SER A 92 -5.18 11.58 -13.26
CA SER A 92 -5.67 12.18 -14.51
C SER A 92 -6.30 11.11 -15.41
N GLY A 93 -5.58 10.02 -15.61
CA GLY A 93 -6.08 8.94 -16.45
C GLY A 93 -5.33 8.83 -17.76
ZN ZN B . -4.46 -4.10 -2.49
ZN ZN C . 4.42 -3.43 7.24
N GLY A 1 -10.52 -9.57 -21.13
CA GLY A 1 -11.73 -9.64 -21.94
C GLY A 1 -12.10 -11.07 -22.31
N SER A 2 -12.89 -11.71 -21.45
CA SER A 2 -13.31 -13.09 -21.69
C SER A 2 -12.10 -14.00 -21.88
N SER A 3 -11.08 -13.81 -21.05
CA SER A 3 -9.87 -14.60 -21.13
C SER A 3 -9.75 -15.53 -19.91
N GLY A 4 -9.11 -16.68 -20.12
CA GLY A 4 -8.94 -17.63 -19.04
C GLY A 4 -7.57 -17.55 -18.40
N SER A 5 -6.61 -18.26 -18.98
CA SER A 5 -5.24 -18.27 -18.47
C SER A 5 -5.23 -18.43 -16.95
N SER A 6 -6.09 -19.32 -16.45
CA SER A 6 -6.19 -19.55 -15.02
C SER A 6 -4.98 -20.34 -14.51
N GLY A 7 -4.81 -21.55 -15.04
CA GLY A 7 -3.68 -22.37 -14.63
C GLY A 7 -2.35 -21.77 -15.01
N SER A 8 -1.27 -22.45 -14.65
CA SER A 8 0.08 -21.97 -14.95
C SER A 8 0.87 -23.03 -15.73
N PRO A 9 0.55 -23.16 -17.03
CA PRO A 9 1.21 -24.12 -17.91
C PRO A 9 2.66 -23.74 -18.20
N MET A 10 2.87 -22.46 -18.51
CA MET A 10 4.21 -21.97 -18.81
C MET A 10 4.23 -20.45 -18.88
N ALA A 11 5.42 -19.87 -19.01
CA ALA A 11 5.57 -18.42 -19.09
C ALA A 11 4.62 -17.72 -18.13
N ASN A 12 4.49 -18.28 -16.93
CA ASN A 12 3.61 -17.71 -15.91
C ASN A 12 4.41 -16.94 -14.86
N SER A 13 4.25 -15.62 -14.85
CA SER A 13 4.96 -14.78 -13.89
C SER A 13 4.30 -13.40 -13.80
N GLY A 14 4.29 -12.85 -12.58
CA GLY A 14 3.68 -11.54 -12.37
C GLY A 14 4.59 -10.61 -11.60
N PRO A 15 4.58 -9.32 -11.96
CA PRO A 15 5.40 -8.29 -11.30
C PRO A 15 4.92 -8.00 -9.88
N LEU A 16 5.54 -7.00 -9.26
CA LEU A 16 5.18 -6.61 -7.90
C LEU A 16 3.67 -6.65 -7.70
N CYS A 17 3.20 -7.66 -6.96
CA CYS A 17 1.77 -7.81 -6.70
C CYS A 17 1.43 -7.35 -5.29
N CYS A 18 0.17 -6.97 -5.09
CA CYS A 18 -0.28 -6.51 -3.78
C CYS A 18 -0.25 -7.65 -2.76
N THR A 19 -0.29 -7.28 -1.48
CA THR A 19 -0.27 -8.26 -0.41
C THR A 19 -1.68 -8.68 -0.01
N ILE A 20 -2.57 -7.71 0.09
CA ILE A 20 -3.96 -7.96 0.46
C ILE A 20 -4.76 -8.47 -0.74
N CYS A 21 -4.53 -7.86 -1.89
CA CYS A 21 -5.23 -8.24 -3.11
C CYS A 21 -4.51 -9.39 -3.81
N HIS A 22 -3.18 -9.36 -3.79
CA HIS A 22 -2.38 -10.39 -4.42
C HIS A 22 -2.95 -10.76 -5.78
N GLU A 23 -3.30 -9.75 -6.57
CA GLU A 23 -3.86 -9.97 -7.90
C GLU A 23 -3.08 -9.19 -8.95
N ARG A 24 -2.92 -7.89 -8.72
CA ARG A 24 -2.20 -7.04 -9.65
C ARG A 24 -2.05 -5.63 -9.09
N LEU A 25 -0.94 -4.97 -9.42
CA LEU A 25 -0.67 -3.62 -8.95
C LEU A 25 -0.44 -2.67 -10.12
N GLU A 26 -1.11 -1.52 -10.08
CA GLU A 26 -0.97 -0.53 -11.14
C GLU A 26 0.49 -0.17 -11.37
N ASP A 27 1.16 0.31 -10.32
CA ASP A 27 2.56 0.69 -10.41
C ASP A 27 3.11 1.07 -9.04
N THR A 28 4.41 1.30 -8.97
CA THR A 28 5.06 1.68 -7.72
C THR A 28 4.13 2.52 -6.85
N HIS A 29 3.30 3.33 -7.50
CA HIS A 29 2.36 4.19 -6.78
C HIS A 29 1.86 3.51 -5.52
N PHE A 30 1.45 2.25 -5.65
CA PHE A 30 0.93 1.49 -4.52
C PHE A 30 1.75 1.77 -3.27
N VAL A 31 1.09 1.76 -2.12
CA VAL A 31 1.75 2.01 -0.84
C VAL A 31 2.60 0.82 -0.42
N GLN A 32 3.90 1.02 -0.29
CA GLN A 32 4.81 -0.04 0.12
C GLN A 32 5.44 0.27 1.47
N CYS A 33 5.63 -0.78 2.27
CA CYS A 33 6.22 -0.63 3.60
C CYS A 33 7.70 -0.27 3.50
N PRO A 34 8.09 0.82 4.17
CA PRO A 34 9.48 1.29 4.17
C PRO A 34 10.40 0.37 4.96
N SER A 35 9.82 -0.38 5.88
CA SER A 35 10.60 -1.30 6.71
C SER A 35 10.48 -2.73 6.18
N VAL A 36 9.34 -3.04 5.57
CA VAL A 36 9.11 -4.36 5.02
C VAL A 36 9.01 -4.32 3.49
N PRO A 37 9.96 -5.00 2.83
CA PRO A 37 10.01 -5.07 1.37
C PRO A 37 8.86 -5.87 0.78
N SER A 38 8.54 -7.00 1.41
CA SER A 38 7.46 -7.87 0.95
C SER A 38 6.12 -7.13 1.00
N HIS A 39 5.87 -6.45 2.12
CA HIS A 39 4.62 -5.71 2.29
C HIS A 39 4.33 -4.84 1.08
N LYS A 40 3.10 -4.91 0.58
CA LYS A 40 2.69 -4.13 -0.57
C LYS A 40 1.19 -3.85 -0.54
N PHE A 41 0.82 -2.62 -0.22
CA PHE A 41 -0.58 -2.23 -0.16
C PHE A 41 -0.88 -1.09 -1.13
N CYS A 42 -1.87 -1.30 -1.98
CA CYS A 42 -2.25 -0.29 -2.98
C CYS A 42 -3.13 0.78 -2.35
N PHE A 43 -3.64 1.68 -3.17
CA PHE A 43 -4.50 2.76 -2.70
C PHE A 43 -5.73 2.20 -1.98
N PRO A 44 -6.46 1.31 -2.67
CA PRO A 44 -7.67 0.69 -2.13
C PRO A 44 -7.36 -0.30 -1.00
N CYS A 45 -6.18 -0.14 -0.40
CA CYS A 45 -5.76 -1.01 0.70
C CYS A 45 -5.35 -0.20 1.91
N SER A 46 -4.65 0.91 1.67
CA SER A 46 -4.19 1.78 2.74
C SER A 46 -5.36 2.57 3.35
N ARG A 47 -6.26 3.02 2.49
CA ARG A 47 -7.42 3.79 2.94
C ARG A 47 -8.20 3.02 4.01
N GLU A 48 -8.71 1.85 3.64
CA GLU A 48 -9.47 1.03 4.55
C GLU A 48 -8.82 1.01 5.94
N SER A 49 -7.50 1.21 5.96
CA SER A 49 -6.76 1.21 7.22
C SER A 49 -6.79 2.59 7.86
N ILE A 50 -6.79 3.64 7.03
CA ILE A 50 -6.83 5.01 7.53
C ILE A 50 -8.13 5.30 8.26
N LYS A 51 -9.22 4.74 7.75
CA LYS A 51 -10.53 4.94 8.35
C LYS A 51 -10.70 4.07 9.59
N ALA A 52 -10.30 2.81 9.49
CA ALA A 52 -10.40 1.88 10.60
C ALA A 52 -9.55 2.33 11.77
N GLN A 53 -8.28 2.64 11.50
CA GLN A 53 -7.37 3.08 12.55
C GLN A 53 -7.67 4.51 12.96
N GLY A 54 -7.48 5.46 12.04
CA GLY A 54 -7.74 6.84 12.34
C GLY A 54 -7.11 7.78 11.31
N ALA A 55 -7.94 8.35 10.45
CA ALA A 55 -7.46 9.28 9.43
C ALA A 55 -6.91 10.56 10.05
N THR A 56 -7.62 11.07 11.05
CA THR A 56 -7.21 12.29 11.73
C THR A 56 -5.97 12.05 12.59
N GLY A 57 -5.89 10.88 13.20
CA GLY A 57 -4.75 10.55 14.03
C GLY A 57 -3.67 9.79 13.27
N GLU A 58 -2.98 8.90 13.97
CA GLU A 58 -1.92 8.11 13.35
C GLU A 58 -2.49 6.85 12.71
N VAL A 59 -1.78 6.33 11.71
CA VAL A 59 -2.21 5.13 11.01
C VAL A 59 -1.06 4.16 10.82
N TYR A 60 -1.05 3.08 11.59
CA TYR A 60 0.00 2.08 11.52
C TYR A 60 -0.15 1.23 10.26
N CYS A 61 0.91 0.50 9.91
CA CYS A 61 0.89 -0.36 8.73
C CYS A 61 -0.50 -0.95 8.50
N PRO A 62 -0.94 -0.92 7.24
CA PRO A 62 -2.26 -1.46 6.86
C PRO A 62 -2.32 -2.97 6.96
N SER A 63 -1.25 -3.57 7.47
CA SER A 63 -1.18 -5.03 7.62
C SER A 63 -1.61 -5.45 9.01
N GLY A 64 -1.39 -4.57 9.99
CA GLY A 64 -1.76 -4.88 11.36
C GLY A 64 -0.62 -5.49 12.14
N GLU A 65 0.61 -5.10 11.81
CA GLU A 65 1.79 -5.63 12.48
C GLU A 65 2.55 -4.52 13.21
N LYS A 66 2.18 -3.29 12.91
CA LYS A 66 2.83 -2.13 13.53
C LYS A 66 4.30 -2.07 13.17
N CYS A 67 4.61 -2.27 11.90
CA CYS A 67 5.99 -2.25 11.42
C CYS A 67 6.67 -0.93 11.81
N PRO A 68 7.75 -1.03 12.59
CA PRO A 68 8.50 0.14 13.05
C PRO A 68 9.28 0.80 11.92
N LEU A 69 9.43 2.12 12.01
CA LEU A 69 10.15 2.87 10.98
C LEU A 69 11.53 2.26 10.73
N VAL A 70 12.08 2.55 9.56
CA VAL A 70 13.40 2.03 9.19
C VAL A 70 14.51 2.81 9.89
N GLY A 71 14.63 2.63 11.20
CA GLY A 71 15.65 3.31 11.96
C GLY A 71 15.21 3.63 13.37
N SER A 72 13.93 3.97 13.54
CA SER A 72 13.39 4.29 14.85
C SER A 72 12.51 3.16 15.37
N ASN A 73 12.09 3.28 16.62
CA ASN A 73 11.24 2.26 17.24
C ASN A 73 9.77 2.59 17.03
N VAL A 74 9.50 3.63 16.25
CA VAL A 74 8.13 4.04 15.97
C VAL A 74 7.75 3.74 14.52
N PRO A 75 6.59 3.09 14.34
CA PRO A 75 6.10 2.74 13.00
C PRO A 75 5.64 3.96 12.20
N TRP A 76 5.69 3.84 10.89
CA TRP A 76 5.28 4.93 10.01
C TRP A 76 3.78 5.18 10.09
N ALA A 77 3.39 6.45 10.14
CA ALA A 77 1.98 6.81 10.22
C ALA A 77 1.62 7.84 9.16
N PHE A 78 0.76 7.45 8.23
CA PHE A 78 0.33 8.34 7.15
C PHE A 78 0.15 9.76 7.67
N MET A 79 0.40 10.74 6.80
CA MET A 79 0.27 12.14 7.17
C MET A 79 -0.77 12.84 6.30
N GLN A 80 -1.32 13.93 6.80
CA GLN A 80 -2.33 14.68 6.06
C GLN A 80 -2.07 14.62 4.55
N GLY A 81 -0.81 14.81 4.17
CA GLY A 81 -0.45 14.77 2.77
C GLY A 81 -0.94 13.51 2.08
N GLU A 82 -0.29 12.38 2.37
CA GLU A 82 -0.67 11.11 1.77
C GLU A 82 -2.08 10.71 2.19
N ILE A 83 -2.34 10.75 3.49
CA ILE A 83 -3.65 10.40 4.02
C ILE A 83 -4.77 10.84 3.08
N ALA A 84 -4.57 12.00 2.45
CA ALA A 84 -5.56 12.53 1.52
C ALA A 84 -5.28 12.07 0.10
N THR A 85 -4.01 12.06 -0.28
CA THR A 85 -3.61 11.63 -1.62
C THR A 85 -4.15 10.24 -1.93
N ILE A 86 -4.03 9.33 -0.96
CA ILE A 86 -4.51 7.97 -1.14
C ILE A 86 -6.04 7.91 -1.11
N LEU A 87 -6.62 8.47 -0.05
CA LEU A 87 -8.07 8.48 0.09
C LEU A 87 -8.75 8.96 -1.20
N SER A 88 -8.33 10.12 -1.68
CA SER A 88 -8.90 10.68 -2.90
C SER A 88 -8.67 9.76 -4.09
N GLY A 89 -7.41 9.45 -4.37
CA GLY A 89 -7.08 8.58 -5.47
C GLY A 89 -6.75 9.35 -6.74
N PRO A 90 -6.06 8.68 -7.68
CA PRO A 90 -5.68 9.28 -8.96
C PRO A 90 -6.86 9.54 -9.87
N SER A 91 -7.45 10.72 -9.74
CA SER A 91 -8.60 11.10 -10.56
C SER A 91 -8.34 10.83 -12.04
N SER A 92 -9.38 10.47 -12.76
CA SER A 92 -9.27 10.17 -14.19
C SER A 92 -8.70 11.38 -14.94
N GLY A 93 -9.40 12.49 -14.87
CA GLY A 93 -8.96 13.69 -15.56
C GLY A 93 -9.28 14.95 -14.78
ZN ZN B . -4.37 -4.14 -2.47
ZN ZN C . 4.36 -3.24 7.11
#